data_1AN2
# 
_entry.id   1AN2 
# 
_audit_conform.dict_name       mmcif_pdbx.dic 
_audit_conform.dict_version    5.385 
_audit_conform.dict_location   http://mmcif.pdb.org/dictionaries/ascii/mmcif_pdbx.dic 
# 
loop_
_database_2.database_id 
_database_2.database_code 
_database_2.pdbx_database_accession 
_database_2.pdbx_DOI 
PDB   1AN2         pdb_00001an2 10.2210/pdb1an2/pdb 
RCSB  PDT023       ?            ?                   
WWPDB D_1000171020 ?            ?                   
# 
loop_
_pdbx_audit_revision_history.ordinal 
_pdbx_audit_revision_history.data_content_type 
_pdbx_audit_revision_history.major_revision 
_pdbx_audit_revision_history.minor_revision 
_pdbx_audit_revision_history.revision_date 
1 'Structure model' 1 0 1997-09-17 
2 'Structure model' 1 1 2008-05-22 
3 'Structure model' 1 2 2011-07-13 
4 'Structure model' 1 3 2013-04-03 
5 'Structure model' 1 4 2021-02-03 
6 'Structure model' 1 5 2024-02-07 
# 
_pdbx_audit_revision_details.ordinal             1 
_pdbx_audit_revision_details.revision_ordinal    1 
_pdbx_audit_revision_details.data_content_type   'Structure model' 
_pdbx_audit_revision_details.provider            repository 
_pdbx_audit_revision_details.type                'Initial release' 
_pdbx_audit_revision_details.description         ? 
_pdbx_audit_revision_details.details             ? 
# 
loop_
_pdbx_audit_revision_group.ordinal 
_pdbx_audit_revision_group.revision_ordinal 
_pdbx_audit_revision_group.data_content_type 
_pdbx_audit_revision_group.group 
1 2 'Structure model' 'Version format compliance' 
2 3 'Structure model' 'Version format compliance' 
3 4 'Structure model' 'Version format compliance' 
4 5 'Structure model' 'Database references'       
5 5 'Structure model' 'Structure summary'         
6 6 'Structure model' 'Data collection'           
7 6 'Structure model' 'Database references'       
# 
loop_
_pdbx_audit_revision_category.ordinal 
_pdbx_audit_revision_category.revision_ordinal 
_pdbx_audit_revision_category.data_content_type 
_pdbx_audit_revision_category.category 
1 5 'Structure model' audit_author    
2 5 'Structure model' citation_author 
3 6 'Structure model' chem_comp_atom  
4 6 'Structure model' chem_comp_bond  
5 6 'Structure model' database_2      
# 
loop_
_pdbx_audit_revision_item.ordinal 
_pdbx_audit_revision_item.revision_ordinal 
_pdbx_audit_revision_item.data_content_type 
_pdbx_audit_revision_item.item 
1 5 'Structure model' '_audit_author.identifier_ORCID'      
2 5 'Structure model' '_citation_author.identifier_ORCID'   
3 6 'Structure model' '_database_2.pdbx_DOI'                
4 6 'Structure model' '_database_2.pdbx_database_accession' 
# 
_pdbx_database_status.status_code                     REL 
_pdbx_database_status.entry_id                        1AN2 
_pdbx_database_status.recvd_initial_deposition_date   1996-09-06 
_pdbx_database_status.deposit_site                    NDB 
_pdbx_database_status.process_site                    NDB 
_pdbx_database_status.SG_entry                        . 
_pdbx_database_status.status_code_sf                  ? 
_pdbx_database_status.status_code_mr                  ? 
_pdbx_database_status.status_code_cs                  ? 
_pdbx_database_status.methods_development_category    ? 
_pdbx_database_status.pdb_format_compatible           Y 
_pdbx_database_status.status_code_nmr_data            ? 
# 
loop_
_audit_author.name 
_audit_author.pdbx_ordinal 
_audit_author.identifier_ORCID 
;Ferre-D'Amare, A.R.
;
1 ?                   
'Prendergast, G.C.'   2 ?                   
'Ziff, E.B.'          3 ?                   
'Burley, S.K.'        4 0000-0002-2487-9713 
# 
_citation.id                        primary 
_citation.title                     'Recognition by Max of its cognate DNA through a dimeric b/HLH/Z domain.' 
_citation.journal_abbrev            Nature 
_citation.journal_volume            363 
_citation.page_first                38 
_citation.page_last                 45 
_citation.year                      1993 
_citation.journal_id_ASTM           NATUAS 
_citation.country                   UK 
_citation.journal_id_ISSN           0028-0836 
_citation.journal_id_CSD            0006 
_citation.book_publisher            ? 
_citation.pdbx_database_id_PubMed   8479534 
_citation.pdbx_database_id_DOI      10.1038/363038a0 
# 
loop_
_citation_author.citation_id 
_citation_author.name 
_citation_author.ordinal 
_citation_author.identifier_ORCID 
primary 
;Ferre-D'Amare, A.R.
;
1 ?                   
primary 'Prendergast, G.C.'   2 ?                   
primary 'Ziff, E.B.'          3 ?                   
primary 'Burley, S.K.'        4 0000-0002-2487-9713 
# 
loop_
_entity.id 
_entity.type 
_entity.src_method 
_entity.pdbx_description 
_entity.formula_weight 
_entity.pdbx_number_of_molecules 
_entity.pdbx_ec 
_entity.pdbx_mutation 
_entity.pdbx_fragment 
_entity.details 
1 polymer man 
;DNA (5'-D(*GP*TP*GP*TP*AP*GP*GP*TP*CP*AP*CP*GP*TP*GP*AP*CP*C P*TP*AP*CP*AP*C)- 3')
;
6752.366  1 ? ? ?                    ? 
2 polymer man 'PROTEIN (TRANSCRIPTION FACTOR MAX (TF MAX))'                                        10222.484 1 ? ? 
'DNA BINDING DOMAIN' ? 
# 
_entity_keywords.entity_id   2 
_entity_keywords.text        'FRAGMENT: DNA BINDING DOMAIN' 
# 
loop_
_entity_poly.entity_id 
_entity_poly.type 
_entity_poly.nstd_linkage 
_entity_poly.nstd_monomer 
_entity_poly.pdbx_seq_one_letter_code 
_entity_poly.pdbx_seq_one_letter_code_can 
_entity_poly.pdbx_strand_id 
_entity_poly.pdbx_target_identifier 
1 polydeoxyribonucleotide no no 
;(DG)(DT)(DG)(DT)(DA)(DG)(DG)(DT)(DC)(DA)(DC)(DG)(DT)(DG)(DA)(DC)(DC)(DT)(DA)(DC)
(DA)(DC)
;
GTGTAGGTCACGTGACCTACAC                                                                    B ? 
2 'polypeptide(L)'        no no 
;ADKRAHHNALERKRRDHIKDSFHSLRDSVPSLQGEKASRAQILDKATEYIQYMRRKNHTHQQDIDDLKRQNALLEQQVRA
LEKARS
;
;ADKRAHHNALERKRRDHIKDSFHSLRDSVPSLQGEKASRAQILDKATEYIQYMRRKNHTHQQDIDDLKRQNALLEQQVRA
LEKARS
;
A ? 
# 
loop_
_entity_poly_seq.entity_id 
_entity_poly_seq.num 
_entity_poly_seq.mon_id 
_entity_poly_seq.hetero 
1 1  DG  n 
1 2  DT  n 
1 3  DG  n 
1 4  DT  n 
1 5  DA  n 
1 6  DG  n 
1 7  DG  n 
1 8  DT  n 
1 9  DC  n 
1 10 DA  n 
1 11 DC  n 
1 12 DG  n 
1 13 DT  n 
1 14 DG  n 
1 15 DA  n 
1 16 DC  n 
1 17 DC  n 
1 18 DT  n 
1 19 DA  n 
1 20 DC  n 
1 21 DA  n 
1 22 DC  n 
2 1  ALA n 
2 2  ASP n 
2 3  LYS n 
2 4  ARG n 
2 5  ALA n 
2 6  HIS n 
2 7  HIS n 
2 8  ASN n 
2 9  ALA n 
2 10 LEU n 
2 11 GLU n 
2 12 ARG n 
2 13 LYS n 
2 14 ARG n 
2 15 ARG n 
2 16 ASP n 
2 17 HIS n 
2 18 ILE n 
2 19 LYS n 
2 20 ASP n 
2 21 SER n 
2 22 PHE n 
2 23 HIS n 
2 24 SER n 
2 25 LEU n 
2 26 ARG n 
2 27 ASP n 
2 28 SER n 
2 29 VAL n 
2 30 PRO n 
2 31 SER n 
2 32 LEU n 
2 33 GLN n 
2 34 GLY n 
2 35 GLU n 
2 36 LYS n 
2 37 ALA n 
2 38 SER n 
2 39 ARG n 
2 40 ALA n 
2 41 GLN n 
2 42 ILE n 
2 43 LEU n 
2 44 ASP n 
2 45 LYS n 
2 46 ALA n 
2 47 THR n 
2 48 GLU n 
2 49 TYR n 
2 50 ILE n 
2 51 GLN n 
2 52 TYR n 
2 53 MET n 
2 54 ARG n 
2 55 ARG n 
2 56 LYS n 
2 57 ASN n 
2 58 HIS n 
2 59 THR n 
2 60 HIS n 
2 61 GLN n 
2 62 GLN n 
2 63 ASP n 
2 64 ILE n 
2 65 ASP n 
2 66 ASP n 
2 67 LEU n 
2 68 LYS n 
2 69 ARG n 
2 70 GLN n 
2 71 ASN n 
2 72 ALA n 
2 73 LEU n 
2 74 LEU n 
2 75 GLU n 
2 76 GLN n 
2 77 GLN n 
2 78 VAL n 
2 79 ARG n 
2 80 ALA n 
2 81 LEU n 
2 82 GLU n 
2 83 LYS n 
2 84 ALA n 
2 85 ARG n 
2 86 SER n 
# 
_entity_src_gen.entity_id                          1 
_entity_src_gen.pdbx_src_id                        1 
_entity_src_gen.pdbx_alt_source_flag               sample 
_entity_src_gen.pdbx_seq_type                      ? 
_entity_src_gen.pdbx_beg_seq_num                   ? 
_entity_src_gen.pdbx_end_seq_num                   ? 
_entity_src_gen.gene_src_common_name               'house mouse' 
_entity_src_gen.gene_src_genus                     Mus 
_entity_src_gen.pdbx_gene_src_gene                 ? 
_entity_src_gen.gene_src_species                   ? 
_entity_src_gen.gene_src_strain                    ? 
_entity_src_gen.gene_src_tissue                    ? 
_entity_src_gen.gene_src_tissue_fraction           ? 
_entity_src_gen.gene_src_details                   ? 
_entity_src_gen.pdbx_gene_src_fragment             ? 
_entity_src_gen.pdbx_gene_src_scientific_name      'Mus musculus' 
_entity_src_gen.pdbx_gene_src_ncbi_taxonomy_id     10090 
_entity_src_gen.pdbx_gene_src_variant              ? 
_entity_src_gen.pdbx_gene_src_cell_line            ? 
_entity_src_gen.pdbx_gene_src_atcc                 ? 
_entity_src_gen.pdbx_gene_src_organ                ? 
_entity_src_gen.pdbx_gene_src_organelle            ? 
_entity_src_gen.pdbx_gene_src_cell                 ? 
_entity_src_gen.pdbx_gene_src_cellular_location    ? 
_entity_src_gen.host_org_common_name               ? 
_entity_src_gen.pdbx_host_org_scientific_name      'Escherichia coli' 
_entity_src_gen.pdbx_host_org_ncbi_taxonomy_id     562 
_entity_src_gen.host_org_genus                     Escherichia 
_entity_src_gen.pdbx_host_org_gene                 ? 
_entity_src_gen.pdbx_host_org_organ                ? 
_entity_src_gen.host_org_species                   ? 
_entity_src_gen.pdbx_host_org_tissue               ? 
_entity_src_gen.pdbx_host_org_tissue_fraction      ? 
_entity_src_gen.pdbx_host_org_strain               ? 
_entity_src_gen.pdbx_host_org_variant              ? 
_entity_src_gen.pdbx_host_org_cell_line            ? 
_entity_src_gen.pdbx_host_org_atcc                 ? 
_entity_src_gen.pdbx_host_org_culture_collection   ? 
_entity_src_gen.pdbx_host_org_cell                 ? 
_entity_src_gen.pdbx_host_org_organelle            ? 
_entity_src_gen.pdbx_host_org_cellular_location    ? 
_entity_src_gen.pdbx_host_org_vector_type          ? 
_entity_src_gen.pdbx_host_org_vector               ? 
_entity_src_gen.host_org_details                   ? 
_entity_src_gen.expression_system_id               ? 
_entity_src_gen.plasmid_name                       ? 
_entity_src_gen.plasmid_details                    ? 
_entity_src_gen.pdbx_description                   ? 
# 
loop_
_chem_comp.id 
_chem_comp.type 
_chem_comp.mon_nstd_flag 
_chem_comp.name 
_chem_comp.pdbx_synonyms 
_chem_comp.formula 
_chem_comp.formula_weight 
ALA 'L-peptide linking' y ALANINE                              ? 'C3 H7 N O2'      89.093  
ARG 'L-peptide linking' y ARGININE                             ? 'C6 H15 N4 O2 1'  175.209 
ASN 'L-peptide linking' y ASPARAGINE                           ? 'C4 H8 N2 O3'     132.118 
ASP 'L-peptide linking' y 'ASPARTIC ACID'                      ? 'C4 H7 N O4'      133.103 
DA  'DNA linking'       y "2'-DEOXYADENOSINE-5'-MONOPHOSPHATE" ? 'C10 H14 N5 O6 P' 331.222 
DC  'DNA linking'       y "2'-DEOXYCYTIDINE-5'-MONOPHOSPHATE"  ? 'C9 H14 N3 O7 P'  307.197 
DG  'DNA linking'       y "2'-DEOXYGUANOSINE-5'-MONOPHOSPHATE" ? 'C10 H14 N5 O7 P' 347.221 
DT  'DNA linking'       y "THYMIDINE-5'-MONOPHOSPHATE"         ? 'C10 H15 N2 O8 P' 322.208 
GLN 'L-peptide linking' y GLUTAMINE                            ? 'C5 H10 N2 O3'    146.144 
GLU 'L-peptide linking' y 'GLUTAMIC ACID'                      ? 'C5 H9 N O4'      147.129 
GLY 'peptide linking'   y GLYCINE                              ? 'C2 H5 N O2'      75.067  
HIS 'L-peptide linking' y HISTIDINE                            ? 'C6 H10 N3 O2 1'  156.162 
ILE 'L-peptide linking' y ISOLEUCINE                           ? 'C6 H13 N O2'     131.173 
LEU 'L-peptide linking' y LEUCINE                              ? 'C6 H13 N O2'     131.173 
LYS 'L-peptide linking' y LYSINE                               ? 'C6 H15 N2 O2 1'  147.195 
MET 'L-peptide linking' y METHIONINE                           ? 'C5 H11 N O2 S'   149.211 
PHE 'L-peptide linking' y PHENYLALANINE                        ? 'C9 H11 N O2'     165.189 
PRO 'L-peptide linking' y PROLINE                              ? 'C5 H9 N O2'      115.130 
SER 'L-peptide linking' y SERINE                               ? 'C3 H7 N O3'      105.093 
THR 'L-peptide linking' y THREONINE                            ? 'C4 H9 N O3'      119.119 
TYR 'L-peptide linking' y TYROSINE                             ? 'C9 H11 N O3'     181.189 
VAL 'L-peptide linking' y VALINE                               ? 'C5 H11 N O2'     117.146 
# 
loop_
_pdbx_poly_seq_scheme.asym_id 
_pdbx_poly_seq_scheme.entity_id 
_pdbx_poly_seq_scheme.seq_id 
_pdbx_poly_seq_scheme.mon_id 
_pdbx_poly_seq_scheme.ndb_seq_num 
_pdbx_poly_seq_scheme.pdb_seq_num 
_pdbx_poly_seq_scheme.auth_seq_num 
_pdbx_poly_seq_scheme.pdb_mon_id 
_pdbx_poly_seq_scheme.auth_mon_id 
_pdbx_poly_seq_scheme.pdb_strand_id 
_pdbx_poly_seq_scheme.pdb_ins_code 
_pdbx_poly_seq_scheme.hetero 
A 1 1  DG  1  1   1   DG  G   B . n 
A 1 2  DT  2  2   2   DT  T   B . n 
A 1 3  DG  3  3   3   DG  G   B . n 
A 1 4  DT  4  4   4   DT  T   B . n 
A 1 5  DA  5  5   5   DA  A   B . n 
A 1 6  DG  6  6   6   DG  G   B . n 
A 1 7  DG  7  7   7   DG  G   B . n 
A 1 8  DT  8  8   8   DT  T   B . n 
A 1 9  DC  9  9   9   DC  C   B . n 
A 1 10 DA  10 10  10  DA  A   B . n 
A 1 11 DC  11 11  11  DC  C   B . n 
A 1 12 DG  12 12  12  DG  G   B . n 
A 1 13 DT  13 13  13  DT  T   B . n 
A 1 14 DG  14 14  14  DG  G   B . n 
A 1 15 DA  15 15  15  DA  A   B . n 
A 1 16 DC  16 16  16  DC  C   B . n 
A 1 17 DC  17 17  17  DC  C   B . n 
A 1 18 DT  18 18  18  DT  T   B . n 
A 1 19 DA  19 19  19  DA  A   B . n 
A 1 20 DC  20 20  20  DC  C   B . n 
A 1 21 DA  21 21  21  DA  A   B . n 
A 1 22 DC  22 22  22  DC  C   B . n 
B 2 1  ALA 1  22  22  ALA ALA A . n 
B 2 2  ASP 2  23  23  ASP ASP A . n 
B 2 3  LYS 3  24  24  LYS LYS A . n 
B 2 4  ARG 4  25  25  ARG ARG A . n 
B 2 5  ALA 5  26  26  ALA ALA A . n 
B 2 6  HIS 6  27  27  HIS HIS A . n 
B 2 7  HIS 7  28  28  HIS HIS A . n 
B 2 8  ASN 8  29  29  ASN ASN A . n 
B 2 9  ALA 9  30  30  ALA ALA A . n 
B 2 10 LEU 10 31  31  LEU LEU A . n 
B 2 11 GLU 11 32  32  GLU GLU A . n 
B 2 12 ARG 12 33  33  ARG ARG A . n 
B 2 13 LYS 13 34  34  LYS LYS A . n 
B 2 14 ARG 14 35  35  ARG ARG A . n 
B 2 15 ARG 15 36  36  ARG ARG A . n 
B 2 16 ASP 16 37  37  ASP ASP A . n 
B 2 17 HIS 17 38  38  HIS HIS A . n 
B 2 18 ILE 18 39  39  ILE ILE A . n 
B 2 19 LYS 19 40  40  LYS LYS A . n 
B 2 20 ASP 20 41  41  ASP ASP A . n 
B 2 21 SER 21 42  42  SER SER A . n 
B 2 22 PHE 22 43  43  PHE PHE A . n 
B 2 23 HIS 23 44  44  HIS HIS A . n 
B 2 24 SER 24 45  45  SER SER A . n 
B 2 25 LEU 25 46  46  LEU LEU A . n 
B 2 26 ARG 26 47  47  ARG ARG A . n 
B 2 27 ASP 27 48  48  ASP ASP A . n 
B 2 28 SER 28 49  49  SER SER A . n 
B 2 29 VAL 29 50  50  VAL VAL A . n 
B 2 30 PRO 30 51  51  PRO PRO A . n 
B 2 31 SER 31 52  52  SER SER A . n 
B 2 32 LEU 32 53  53  LEU LEU A . n 
B 2 33 GLN 33 54  54  GLN GLN A . n 
B 2 34 GLY 34 55  55  GLY GLY A . n 
B 2 35 GLU 35 56  56  GLU GLU A . n 
B 2 36 LYS 36 57  57  LYS LYS A . n 
B 2 37 ALA 37 58  58  ALA ALA A . n 
B 2 38 SER 38 59  59  SER SER A . n 
B 2 39 ARG 39 60  60  ARG ARG A . n 
B 2 40 ALA 40 61  61  ALA ALA A . n 
B 2 41 GLN 41 62  62  GLN GLN A . n 
B 2 42 ILE 42 63  63  ILE ILE A . n 
B 2 43 LEU 43 64  64  LEU LEU A . n 
B 2 44 ASP 44 65  65  ASP ASP A . n 
B 2 45 LYS 45 66  66  LYS LYS A . n 
B 2 46 ALA 46 67  67  ALA ALA A . n 
B 2 47 THR 47 68  68  THR THR A . n 
B 2 48 GLU 48 69  69  GLU GLU A . n 
B 2 49 TYR 49 70  70  TYR TYR A . n 
B 2 50 ILE 50 71  71  ILE ILE A . n 
B 2 51 GLN 51 72  72  GLN GLN A . n 
B 2 52 TYR 52 73  73  TYR TYR A . n 
B 2 53 MET 53 74  74  MET MET A . n 
B 2 54 ARG 54 75  75  ARG ARG A . n 
B 2 55 ARG 55 76  76  ARG ARG A . n 
B 2 56 LYS 56 77  77  LYS LYS A . n 
B 2 57 ASN 57 78  78  ASN ASN A . n 
B 2 58 HIS 58 79  79  HIS HIS A . n 
B 2 59 THR 59 80  80  THR THR A . n 
B 2 60 HIS 60 81  81  HIS HIS A . n 
B 2 61 GLN 61 82  82  GLN GLN A . n 
B 2 62 GLN 62 83  83  GLN GLN A . n 
B 2 63 ASP 63 84  84  ASP ASP A . n 
B 2 64 ILE 64 85  85  ILE ILE A . n 
B 2 65 ASP 65 86  86  ASP ASP A . n 
B 2 66 ASP 66 87  87  ASP ASP A . n 
B 2 67 LEU 67 88  88  LEU LEU A . n 
B 2 68 LYS 68 89  89  LYS LYS A . n 
B 2 69 ARG 69 90  90  ARG ARG A . n 
B 2 70 GLN 70 91  91  GLN GLN A . n 
B 2 71 ASN 71 92  92  ASN ASN A . n 
B 2 72 ALA 72 93  93  ALA ALA A . n 
B 2 73 LEU 73 94  94  LEU LEU A . n 
B 2 74 LEU 74 95  95  LEU LEU A . n 
B 2 75 GLU 75 96  96  GLU GLU A . n 
B 2 76 GLN 76 97  97  GLN GLN A . n 
B 2 77 GLN 77 98  98  GLN GLN A . n 
B 2 78 VAL 78 99  99  VAL VAL A . n 
B 2 79 ARG 79 100 100 ARG ARG A . n 
B 2 80 ALA 80 101 101 ALA ALA A . n 
B 2 81 LEU 81 102 102 LEU LEU A . n 
B 2 82 GLU 82 103 103 GLU GLU A . n 
B 2 83 LYS 83 104 104 LYS LYS A . n 
B 2 84 ALA 84 105 105 ALA ALA A . n 
B 2 85 ARG 85 106 106 ARG ARG A . n 
B 2 86 SER 86 107 107 SER SER A . n 
# 
loop_
_software.name 
_software.classification 
_software.version 
_software.citation_id 
_software.pdbx_ordinal 
X-PLOR    refinement       3.1 ? 1 
DENZO     'data reduction' .   ? 2 
SCALEPACK 'data scaling'   .   ? 3 
# 
_cell.entry_id           1AN2 
_cell.length_a           72.200 
_cell.length_b           72.200 
_cell.length_c           146.400 
_cell.angle_alpha        90.00 
_cell.angle_beta         90.00 
_cell.angle_gamma        120.00 
_cell.Z_PDB              12 
_cell.pdbx_unique_axis   ? 
_cell.length_a_esd       ? 
_cell.length_b_esd       ? 
_cell.length_c_esd       ? 
_cell.angle_alpha_esd    ? 
_cell.angle_beta_esd     ? 
_cell.angle_gamma_esd    ? 
# 
_symmetry.entry_id                         1AN2 
_symmetry.space_group_name_H-M             'P 61 2 2' 
_symmetry.pdbx_full_space_group_name_H-M   ? 
_symmetry.cell_setting                     ? 
_symmetry.Int_Tables_number                178 
_symmetry.space_group_name_Hall            ? 
# 
_exptl.entry_id          1AN2 
_exptl.method            'X-RAY DIFFRACTION' 
_exptl.crystals_number   ? 
# 
_exptl_crystal.id                    1 
_exptl_crystal.density_meas          ? 
_exptl_crystal.density_Matthews      3.60 
_exptl_crystal.density_percent_sol   61.48 
_exptl_crystal.description           ? 
_exptl_crystal.F_000                 ? 
_exptl_crystal.preparation           ? 
# 
_exptl_crystal_grow.crystal_id      1 
_exptl_crystal_grow.method          'VAPOR DIFFUSION, SITTING DROP' 
_exptl_crystal_grow.temp            277.00 
_exptl_crystal_grow.temp_details    ? 
_exptl_crystal_grow.pH              5.50 
_exptl_crystal_grow.pdbx_details    'pH 5.50, VAPOR DIFFUSION, SITTING DROP, temperature 277.00K' 
_exptl_crystal_grow.pdbx_pH_range   ? 
# 
loop_
_exptl_crystal_grow_comp.crystal_id 
_exptl_crystal_grow_comp.id 
_exptl_crystal_grow_comp.sol_id 
_exptl_crystal_grow_comp.name 
_exptl_crystal_grow_comp.volume 
_exptl_crystal_grow_comp.conc 
_exptl_crystal_grow_comp.details 
1 1  1 WATER           ? ? ? 
1 2  1 'PEG 1000'      ? ? ? 
1 3  1 GLYCEROL        ? ? ? 
1 4  1 KCL             ? ? ? 
1 5  1 MGCL2           ? ? ? 
1 6  1 'NA CACODYLATE' ? ? ? 
1 7  2 WATER           ? ? ? 
1 8  2 'PEG 1000'      ? ? ? 
1 9  2 GLYCEROL        ? ? ? 
1 10 2 KCL             ? ? ? 
1 11 2 MGCL2           ? ? ? 
1 12 2 'NA CACODYLATE' ? ? ? 
# 
_diffrn.id                     1 
_diffrn.ambient_temp           258.00 
_diffrn.ambient_temp_details   ? 
_diffrn.crystal_id             1 
# 
_diffrn_detector.diffrn_id              1 
_diffrn_detector.detector               'IMAGE PLATE' 
_diffrn_detector.type                   ? 
_diffrn_detector.pdbx_collection_date   ? 
_diffrn_detector.details                ? 
# 
_diffrn_radiation.diffrn_id                        1 
_diffrn_radiation.wavelength_id                    1 
_diffrn_radiation.pdbx_monochromatic_or_laue_m_l   M 
_diffrn_radiation.monochromator                    ? 
_diffrn_radiation.pdbx_diffrn_protocol             ? 
_diffrn_radiation.pdbx_scattering_type             x-ray 
# 
_diffrn_radiation_wavelength.id           1 
_diffrn_radiation_wavelength.wavelength   . 
_diffrn_radiation_wavelength.wt           1.0 
# 
_diffrn_source.diffrn_id                   1 
_diffrn_source.source                      SYNCHROTRON 
_diffrn_source.type                        'CHESS BEAMLINE F1' 
_diffrn_source.pdbx_synchrotron_site       CHESS 
_diffrn_source.pdbx_synchrotron_beamline   F1 
_diffrn_source.pdbx_wavelength             ? 
_diffrn_source.pdbx_wavelength_list        ? 
# 
_reflns.entry_id                     1AN2 
_reflns.observed_criterion_sigma_I   ? 
_reflns.observed_criterion_sigma_F   ? 
_reflns.d_resolution_low             20.000 
_reflns.d_resolution_high            2.900 
_reflns.number_obs                   4507 
_reflns.number_all                   21448 
_reflns.percent_possible_obs         85.300 
_reflns.pdbx_Rmerge_I_obs            ? 
_reflns.pdbx_Rsym_value              0.0650000 
_reflns.pdbx_netI_over_sigmaI        13.9000 
_reflns.B_iso_Wilson_estimate        ? 
_reflns.pdbx_redundancy              ? 
_reflns.R_free_details               ? 
_reflns.pdbx_chi_squared             ? 
_reflns.pdbx_scaling_rejects         ? 
_reflns.pdbx_ordinal                 1 
_reflns.pdbx_diffrn_id               1 
# 
_reflns_shell.d_res_high             2.900 
_reflns_shell.d_res_low              3.000 
_reflns_shell.percent_possible_all   61.00 
_reflns_shell.Rmerge_I_obs           ? 
_reflns_shell.pdbx_Rsym_value        ? 
_reflns_shell.meanI_over_sigI_obs    ? 
_reflns_shell.pdbx_redundancy        ? 
_reflns_shell.percent_possible_obs   ? 
_reflns_shell.number_unique_all      ? 
_reflns_shell.number_measured_all    ? 
_reflns_shell.number_measured_obs    ? 
_reflns_shell.number_unique_obs      ? 
_reflns_shell.pdbx_chi_squared       ? 
_reflns_shell.pdbx_ordinal           1 
_reflns_shell.pdbx_diffrn_id         1 
# 
_refine.entry_id                                 1AN2 
_refine.ls_number_reflns_obs                     3916 
_refine.ls_number_reflns_all                     ? 
_refine.pdbx_ls_sigma_I                          ? 
_refine.pdbx_ls_sigma_F                          1.000 
_refine.pdbx_data_cutoff_high_absF               ? 
_refine.pdbx_data_cutoff_low_absF                ? 
_refine.pdbx_data_cutoff_high_rms_absF           ? 
_refine.ls_d_res_low                             6.000 
_refine.ls_d_res_high                            2.900 
_refine.ls_percent_reflns_obs                    ? 
_refine.ls_R_factor_obs                          0.232 
_refine.ls_R_factor_all                          ? 
_refine.ls_R_factor_R_work                       0.232 
_refine.ls_R_factor_R_free                       ? 
_refine.ls_R_factor_R_free_error                 ? 
_refine.ls_R_factor_R_free_error_details         ? 
_refine.ls_percent_reflns_R_free                 ? 
_refine.ls_number_reflns_R_free                  ? 
_refine.ls_number_parameters                     ? 
_refine.ls_number_restraints                     ? 
_refine.occupancy_min                            ? 
_refine.occupancy_max                            ? 
_refine.B_iso_mean                               ? 
_refine.aniso_B[1][1]                            ? 
_refine.aniso_B[2][2]                            ? 
_refine.aniso_B[3][3]                            ? 
_refine.aniso_B[1][2]                            ? 
_refine.aniso_B[1][3]                            ? 
_refine.aniso_B[2][3]                            ? 
_refine.solvent_model_details                    ? 
_refine.solvent_model_param_ksol                 ? 
_refine.solvent_model_param_bsol                 ? 
_refine.pdbx_ls_cross_valid_method               ? 
_refine.details                                  ? 
_refine.pdbx_starting_model                      ? 
_refine.pdbx_method_to_determine_struct          ? 
_refine.pdbx_isotropic_thermal_model             ? 
_refine.pdbx_stereochemistry_target_values       ? 
_refine.pdbx_stereochem_target_val_spec_case     ? 
_refine.pdbx_R_Free_selection_details            ? 
_refine.pdbx_overall_ESU_R                       ? 
_refine.pdbx_overall_ESU_R_Free                  ? 
_refine.overall_SU_ML                            ? 
_refine.overall_SU_B                             ? 
_refine.ls_redundancy_reflns_obs                 ? 
_refine.pdbx_overall_phase_error                 ? 
_refine.correlation_coeff_Fo_to_Fc               ? 
_refine.correlation_coeff_Fo_to_Fc_free          ? 
_refine.pdbx_solvent_vdw_probe_radii             ? 
_refine.pdbx_solvent_ion_probe_radii             ? 
_refine.pdbx_solvent_shrinkage_radii             ? 
_refine.overall_SU_R_Cruickshank_DPI             ? 
_refine.overall_SU_R_free                        ? 
_refine.ls_wR_factor_R_free                      ? 
_refine.ls_wR_factor_R_work                      ? 
_refine.overall_FOM_free_R_set                   ? 
_refine.overall_FOM_work_R_set                   ? 
_refine.pdbx_refine_id                           'X-RAY DIFFRACTION' 
_refine.pdbx_diffrn_id                           1 
_refine.pdbx_TLS_residual_ADP_flag               ? 
_refine.pdbx_overall_SU_R_free_Cruickshank_DPI   ? 
_refine.pdbx_overall_SU_R_Blow_DPI               ? 
_refine.pdbx_overall_SU_R_free_Blow_DPI          ? 
# 
_refine_hist.pdbx_refine_id                   'X-RAY DIFFRACTION' 
_refine_hist.cycle_id                         LAST 
_refine_hist.pdbx_number_atoms_protein        717 
_refine_hist.pdbx_number_atoms_nucleic_acid   448 
_refine_hist.pdbx_number_atoms_ligand         0 
_refine_hist.number_atoms_solvent             0 
_refine_hist.number_atoms_total               1165 
_refine_hist.d_res_high                       2.900 
_refine_hist.d_res_low                        6.000 
# 
_struct.entry_id                  1AN2 
_struct.title                     'RECOGNITION BY MAX OF ITS COGNATE DNA THROUGH A DIMERIC B/HLH/Z DOMAIN' 
_struct.pdbx_model_details        ? 
_struct.pdbx_CASP_flag            ? 
_struct.pdbx_model_type_details   ? 
# 
_struct_keywords.entry_id        1AN2 
_struct_keywords.pdbx_keywords   TRANSCRIPTION/DNA 
_struct_keywords.text            'PROTEIN-DNA COMPLEX, DOUBLE HELIX, TRANSCRIPTION-DNA COMPLEX' 
# 
loop_
_struct_asym.id 
_struct_asym.pdbx_blank_PDB_chainid_flag 
_struct_asym.pdbx_modified 
_struct_asym.entity_id 
_struct_asym.details 
A N N 1 ? 
B N N 2 ? 
# 
loop_
_struct_ref.id 
_struct_ref.db_name 
_struct_ref.db_code 
_struct_ref.entity_id 
_struct_ref.pdbx_db_accession 
_struct_ref.pdbx_align_begin 
_struct_ref.pdbx_seq_one_letter_code 
_struct_ref.pdbx_db_isoform 
1 UNP MAX_HUMAN 2 P61244 ? ? ? 
2 PDB 1AN2      1 1AN2   ? ? ? 
# 
loop_
_struct_ref_seq.align_id 
_struct_ref_seq.ref_id 
_struct_ref_seq.pdbx_PDB_id_code 
_struct_ref_seq.pdbx_strand_id 
_struct_ref_seq.seq_align_beg 
_struct_ref_seq.pdbx_seq_align_beg_ins_code 
_struct_ref_seq.seq_align_end 
_struct_ref_seq.pdbx_seq_align_end_ins_code 
_struct_ref_seq.pdbx_db_accession 
_struct_ref_seq.db_align_beg 
_struct_ref_seq.pdbx_db_align_beg_ins_code 
_struct_ref_seq.db_align_end 
_struct_ref_seq.pdbx_db_align_end_ins_code 
_struct_ref_seq.pdbx_auth_seq_align_beg 
_struct_ref_seq.pdbx_auth_seq_align_end 
1 1 1AN2 A 1 ? 86 ? P61244 22 ? 107 ? 22 107 
2 2 1AN2 B 1 ? 22 ? 1AN2   1  ? 22  ? 1  22  
# 
_pdbx_struct_assembly.id                   1 
_pdbx_struct_assembly.details              author_and_software_defined_assembly 
_pdbx_struct_assembly.method_details       PISA 
_pdbx_struct_assembly.oligomeric_details   tetrameric 
_pdbx_struct_assembly.oligomeric_count     4 
# 
loop_
_pdbx_struct_assembly_prop.biol_id 
_pdbx_struct_assembly_prop.type 
_pdbx_struct_assembly_prop.value 
_pdbx_struct_assembly_prop.details 
1 'ABSA (A^2)' 7300  ? 
1 MORE         -54   ? 
1 'SSA (A^2)'  19080 ? 
# 
_pdbx_struct_assembly_gen.assembly_id       1 
_pdbx_struct_assembly_gen.oper_expression   1,2 
_pdbx_struct_assembly_gen.asym_id_list      A,B 
# 
loop_
_pdbx_struct_oper_list.id 
_pdbx_struct_oper_list.type 
_pdbx_struct_oper_list.name 
_pdbx_struct_oper_list.symmetry_operation 
_pdbx_struct_oper_list.matrix[1][1] 
_pdbx_struct_oper_list.matrix[1][2] 
_pdbx_struct_oper_list.matrix[1][3] 
_pdbx_struct_oper_list.vector[1] 
_pdbx_struct_oper_list.matrix[2][1] 
_pdbx_struct_oper_list.matrix[2][2] 
_pdbx_struct_oper_list.matrix[2][3] 
_pdbx_struct_oper_list.vector[2] 
_pdbx_struct_oper_list.matrix[3][1] 
_pdbx_struct_oper_list.matrix[3][2] 
_pdbx_struct_oper_list.matrix[3][3] 
_pdbx_struct_oper_list.vector[3] 
1 'identity operation'         1_555  x,y,z         1.0000000000  0.0000000000 0.0000000000  0.0000000000  0.0000000000 1.0000000000  0.0000000000  0.0000000000  0.0000000000  0.0000000000  1.0000000000  0.0000000000  
2 'crystal symmetry operation' 11_555 -x+y,y,-z+1/2 -0.2894378599 0.4845801942 -0.8254742641 -1.1414288733 0.4845801942 -0.6695321192 -0.5629465132 -1.3091113623 -0.8254742641 -0.5629465132 -0.0410300210 -1.7510244040 
# 
_struct_biol.id        1 
_struct_biol.details   ? 
# 
loop_
_struct_conf.conf_type_id 
_struct_conf.id 
_struct_conf.pdbx_PDB_helix_id 
_struct_conf.beg_label_comp_id 
_struct_conf.beg_label_asym_id 
_struct_conf.beg_label_seq_id 
_struct_conf.pdbx_beg_PDB_ins_code 
_struct_conf.end_label_comp_id 
_struct_conf.end_label_asym_id 
_struct_conf.end_label_seq_id 
_struct_conf.pdbx_end_PDB_ins_code 
_struct_conf.beg_auth_comp_id 
_struct_conf.beg_auth_asym_id 
_struct_conf.beg_auth_seq_id 
_struct_conf.end_auth_comp_id 
_struct_conf.end_auth_asym_id 
_struct_conf.end_auth_seq_id 
_struct_conf.pdbx_PDB_helix_class 
_struct_conf.details 
_struct_conf.pdbx_PDB_helix_length 
HELX_P HELX_P1 1 ALA B 5  ? ARG B 26 ? ALA A 26 ARG A 47  1 ? 22 
HELX_P HELX_P2 2 GLN B 41 ? LEU B 81 ? GLN A 62 LEU A 102 1 ? 41 
# 
_struct_conf_type.id          HELX_P 
_struct_conf_type.criteria    ? 
_struct_conf_type.reference   ? 
# 
loop_
_struct_conn.id 
_struct_conn.conn_type_id 
_struct_conn.pdbx_leaving_atom_flag 
_struct_conn.pdbx_PDB_id 
_struct_conn.ptnr1_label_asym_id 
_struct_conn.ptnr1_label_comp_id 
_struct_conn.ptnr1_label_seq_id 
_struct_conn.ptnr1_label_atom_id 
_struct_conn.pdbx_ptnr1_label_alt_id 
_struct_conn.pdbx_ptnr1_PDB_ins_code 
_struct_conn.pdbx_ptnr1_standard_comp_id 
_struct_conn.ptnr1_symmetry 
_struct_conn.ptnr2_label_asym_id 
_struct_conn.ptnr2_label_comp_id 
_struct_conn.ptnr2_label_seq_id 
_struct_conn.ptnr2_label_atom_id 
_struct_conn.pdbx_ptnr2_label_alt_id 
_struct_conn.pdbx_ptnr2_PDB_ins_code 
_struct_conn.ptnr1_auth_asym_id 
_struct_conn.ptnr1_auth_comp_id 
_struct_conn.ptnr1_auth_seq_id 
_struct_conn.ptnr2_auth_asym_id 
_struct_conn.ptnr2_auth_comp_id 
_struct_conn.ptnr2_auth_seq_id 
_struct_conn.ptnr2_symmetry 
_struct_conn.pdbx_ptnr3_label_atom_id 
_struct_conn.pdbx_ptnr3_label_seq_id 
_struct_conn.pdbx_ptnr3_label_comp_id 
_struct_conn.pdbx_ptnr3_label_asym_id 
_struct_conn.pdbx_ptnr3_label_alt_id 
_struct_conn.pdbx_ptnr3_PDB_ins_code 
_struct_conn.details 
_struct_conn.pdbx_dist_value 
_struct_conn.pdbx_value_order 
_struct_conn.pdbx_role 
hydrog1  hydrog ? ? A DG 1  N1 ? ? ? 1_555 A DC 22 O2 ? ? B DG 1  B DC 22 11_555 ? ? ? ? ? ? 'DG-DC PAIR' ? ? ? 
hydrog2  hydrog ? ? A DT 2  N3 ? ? ? 1_555 A DA 21 N1 ? ? B DT 2  B DA 21 11_555 ? ? ? ? ? ? WATSON-CRICK ? ? ? 
hydrog3  hydrog ? ? A DT 2  O4 ? ? ? 1_555 A DA 21 N6 ? ? B DT 2  B DA 21 11_555 ? ? ? ? ? ? WATSON-CRICK ? ? ? 
hydrog4  hydrog ? ? A DG 3  N1 ? ? ? 1_555 A DC 20 N3 ? ? B DG 3  B DC 20 11_555 ? ? ? ? ? ? WATSON-CRICK ? ? ? 
hydrog5  hydrog ? ? A DG 3  N2 ? ? ? 1_555 A DC 20 O2 ? ? B DG 3  B DC 20 11_555 ? ? ? ? ? ? WATSON-CRICK ? ? ? 
hydrog6  hydrog ? ? A DG 3  O6 ? ? ? 1_555 A DC 20 N4 ? ? B DG 3  B DC 20 11_555 ? ? ? ? ? ? WATSON-CRICK ? ? ? 
hydrog7  hydrog ? ? A DT 4  N3 ? ? ? 1_555 A DA 19 N1 ? ? B DT 4  B DA 19 11_555 ? ? ? ? ? ? WATSON-CRICK ? ? ? 
hydrog8  hydrog ? ? A DT 4  O4 ? ? ? 1_555 A DA 19 N6 ? ? B DT 4  B DA 19 11_555 ? ? ? ? ? ? WATSON-CRICK ? ? ? 
hydrog9  hydrog ? ? A DA 5  N1 ? ? ? 1_555 A DT 18 N3 ? ? B DA 5  B DT 18 11_555 ? ? ? ? ? ? WATSON-CRICK ? ? ? 
hydrog10 hydrog ? ? A DA 5  N6 ? ? ? 1_555 A DT 18 O4 ? ? B DA 5  B DT 18 11_555 ? ? ? ? ? ? WATSON-CRICK ? ? ? 
hydrog11 hydrog ? ? A DG 6  N2 ? ? ? 1_555 A DC 17 O2 ? ? B DG 6  B DC 17 11_555 ? ? ? ? ? ? 'DG-DC PAIR' ? ? ? 
hydrog12 hydrog ? ? A DG 7  N1 ? ? ? 1_555 A DC 16 N3 ? ? B DG 7  B DC 16 11_555 ? ? ? ? ? ? WATSON-CRICK ? ? ? 
hydrog13 hydrog ? ? A DG 7  N2 ? ? ? 1_555 A DC 16 O2 ? ? B DG 7  B DC 16 11_555 ? ? ? ? ? ? WATSON-CRICK ? ? ? 
hydrog14 hydrog ? ? A DG 7  O6 ? ? ? 1_555 A DC 16 N4 ? ? B DG 7  B DC 16 11_555 ? ? ? ? ? ? WATSON-CRICK ? ? ? 
hydrog15 hydrog ? ? A DT 8  N3 ? ? ? 1_555 A DA 15 N1 ? ? B DT 8  B DA 15 11_555 ? ? ? ? ? ? 'DT-DA PAIR' ? ? ? 
hydrog16 hydrog ? ? A DC 9  N3 ? ? ? 1_555 A DG 14 N1 ? ? B DC 9  B DG 14 11_555 ? ? ? ? ? ? WATSON-CRICK ? ? ? 
hydrog17 hydrog ? ? A DC 9  N4 ? ? ? 1_555 A DG 14 O6 ? ? B DC 9  B DG 14 11_555 ? ? ? ? ? ? WATSON-CRICK ? ? ? 
hydrog18 hydrog ? ? A DC 9  O2 ? ? ? 1_555 A DG 14 N2 ? ? B DC 9  B DG 14 11_555 ? ? ? ? ? ? WATSON-CRICK ? ? ? 
hydrog19 hydrog ? ? A DC 11 N3 ? ? ? 1_555 A DG 12 N1 ? ? B DC 11 B DG 12 11_555 ? ? ? ? ? ? WATSON-CRICK ? ? ? 
hydrog20 hydrog ? ? A DC 11 N4 ? ? ? 1_555 A DG 12 O6 ? ? B DC 11 B DG 12 11_555 ? ? ? ? ? ? WATSON-CRICK ? ? ? 
hydrog21 hydrog ? ? A DC 11 O2 ? ? ? 1_555 A DG 12 N2 ? ? B DC 11 B DG 12 11_555 ? ? ? ? ? ? WATSON-CRICK ? ? ? 
hydrog22 hydrog ? ? A DG 12 N1 ? ? ? 1_555 A DC 11 N3 ? ? B DG 12 B DC 11 11_555 ? ? ? ? ? ? WATSON-CRICK ? ? ? 
hydrog23 hydrog ? ? A DG 12 N2 ? ? ? 1_555 A DC 11 O2 ? ? B DG 12 B DC 11 11_555 ? ? ? ? ? ? WATSON-CRICK ? ? ? 
hydrog24 hydrog ? ? A DG 12 O6 ? ? ? 1_555 A DC 11 N4 ? ? B DG 12 B DC 11 11_555 ? ? ? ? ? ? WATSON-CRICK ? ? ? 
hydrog25 hydrog ? ? A DG 14 N1 ? ? ? 1_555 A DC 9  N3 ? ? B DG 14 B DC 9  11_555 ? ? ? ? ? ? WATSON-CRICK ? ? ? 
hydrog26 hydrog ? ? A DG 14 N2 ? ? ? 1_555 A DC 9  O2 ? ? B DG 14 B DC 9  11_555 ? ? ? ? ? ? WATSON-CRICK ? ? ? 
hydrog27 hydrog ? ? A DG 14 O6 ? ? ? 1_555 A DC 9  N4 ? ? B DG 14 B DC 9  11_555 ? ? ? ? ? ? WATSON-CRICK ? ? ? 
hydrog28 hydrog ? ? A DA 15 N1 ? ? ? 1_555 A DT 8  N3 ? ? B DA 15 B DT 8  11_555 ? ? ? ? ? ? 'DA-DT PAIR' ? ? ? 
hydrog29 hydrog ? ? A DC 16 N3 ? ? ? 1_555 A DG 7  N1 ? ? B DC 16 B DG 7  11_555 ? ? ? ? ? ? WATSON-CRICK ? ? ? 
hydrog30 hydrog ? ? A DC 16 N4 ? ? ? 1_555 A DG 7  O6 ? ? B DC 16 B DG 7  11_555 ? ? ? ? ? ? WATSON-CRICK ? ? ? 
hydrog31 hydrog ? ? A DC 16 O2 ? ? ? 1_555 A DG 7  N2 ? ? B DC 16 B DG 7  11_555 ? ? ? ? ? ? WATSON-CRICK ? ? ? 
hydrog32 hydrog ? ? A DC 17 O2 ? ? ? 1_555 A DG 6  N2 ? ? B DC 17 B DG 6  11_555 ? ? ? ? ? ? 'DC-DG PAIR' ? ? ? 
hydrog33 hydrog ? ? A DT 18 N3 ? ? ? 1_555 A DA 5  N1 ? ? B DT 18 B DA 5  11_555 ? ? ? ? ? ? WATSON-CRICK ? ? ? 
hydrog34 hydrog ? ? A DT 18 O4 ? ? ? 1_555 A DA 5  N6 ? ? B DT 18 B DA 5  11_555 ? ? ? ? ? ? WATSON-CRICK ? ? ? 
hydrog35 hydrog ? ? A DA 19 N1 ? ? ? 1_555 A DT 4  N3 ? ? B DA 19 B DT 4  11_555 ? ? ? ? ? ? WATSON-CRICK ? ? ? 
hydrog36 hydrog ? ? A DA 19 N6 ? ? ? 1_555 A DT 4  O4 ? ? B DA 19 B DT 4  11_555 ? ? ? ? ? ? WATSON-CRICK ? ? ? 
hydrog37 hydrog ? ? A DC 20 N3 ? ? ? 1_555 A DG 3  N1 ? ? B DC 20 B DG 3  11_555 ? ? ? ? ? ? WATSON-CRICK ? ? ? 
hydrog38 hydrog ? ? A DC 20 N4 ? ? ? 1_555 A DG 3  O6 ? ? B DC 20 B DG 3  11_555 ? ? ? ? ? ? WATSON-CRICK ? ? ? 
hydrog39 hydrog ? ? A DC 20 O2 ? ? ? 1_555 A DG 3  N2 ? ? B DC 20 B DG 3  11_555 ? ? ? ? ? ? WATSON-CRICK ? ? ? 
hydrog40 hydrog ? ? A DA 21 N1 ? ? ? 1_555 A DT 2  N3 ? ? B DA 21 B DT 2  11_555 ? ? ? ? ? ? WATSON-CRICK ? ? ? 
hydrog41 hydrog ? ? A DA 21 N6 ? ? ? 1_555 A DT 2  O4 ? ? B DA 21 B DT 2  11_555 ? ? ? ? ? ? WATSON-CRICK ? ? ? 
hydrog42 hydrog ? ? A DC 22 O2 ? ? ? 1_555 A DG 1  N1 ? ? B DC 22 B DG 1  11_555 ? ? ? ? ? ? 'DC-DG PAIR' ? ? ? 
# 
_struct_conn_type.id          hydrog 
_struct_conn_type.criteria    ? 
_struct_conn_type.reference   ? 
# 
loop_
_pdbx_validate_rmsd_bond.id 
_pdbx_validate_rmsd_bond.PDB_model_num 
_pdbx_validate_rmsd_bond.auth_atom_id_1 
_pdbx_validate_rmsd_bond.auth_asym_id_1 
_pdbx_validate_rmsd_bond.auth_comp_id_1 
_pdbx_validate_rmsd_bond.auth_seq_id_1 
_pdbx_validate_rmsd_bond.PDB_ins_code_1 
_pdbx_validate_rmsd_bond.label_alt_id_1 
_pdbx_validate_rmsd_bond.auth_atom_id_2 
_pdbx_validate_rmsd_bond.auth_asym_id_2 
_pdbx_validate_rmsd_bond.auth_comp_id_2 
_pdbx_validate_rmsd_bond.auth_seq_id_2 
_pdbx_validate_rmsd_bond.PDB_ins_code_2 
_pdbx_validate_rmsd_bond.label_alt_id_2 
_pdbx_validate_rmsd_bond.bond_value 
_pdbx_validate_rmsd_bond.bond_target_value 
_pdbx_validate_rmsd_bond.bond_deviation 
_pdbx_validate_rmsd_bond.bond_standard_deviation 
_pdbx_validate_rmsd_bond.linker_flag 
1 1 P  B DT 4  ? ? "O5'" B DT 4  ? ? 1.654 1.593 0.061 0.010 N 
2 1 C5 B DT 4  ? ? C7    B DT 4  ? ? 1.547 1.496 0.051 0.006 N 
3 1 C5 B DT 18 ? ? C7    B DT 18 ? ? 1.547 1.496 0.051 0.006 N 
# 
loop_
_pdbx_validate_rmsd_angle.id 
_pdbx_validate_rmsd_angle.PDB_model_num 
_pdbx_validate_rmsd_angle.auth_atom_id_1 
_pdbx_validate_rmsd_angle.auth_asym_id_1 
_pdbx_validate_rmsd_angle.auth_comp_id_1 
_pdbx_validate_rmsd_angle.auth_seq_id_1 
_pdbx_validate_rmsd_angle.PDB_ins_code_1 
_pdbx_validate_rmsd_angle.label_alt_id_1 
_pdbx_validate_rmsd_angle.auth_atom_id_2 
_pdbx_validate_rmsd_angle.auth_asym_id_2 
_pdbx_validate_rmsd_angle.auth_comp_id_2 
_pdbx_validate_rmsd_angle.auth_seq_id_2 
_pdbx_validate_rmsd_angle.PDB_ins_code_2 
_pdbx_validate_rmsd_angle.label_alt_id_2 
_pdbx_validate_rmsd_angle.auth_atom_id_3 
_pdbx_validate_rmsd_angle.auth_asym_id_3 
_pdbx_validate_rmsd_angle.auth_comp_id_3 
_pdbx_validate_rmsd_angle.auth_seq_id_3 
_pdbx_validate_rmsd_angle.PDB_ins_code_3 
_pdbx_validate_rmsd_angle.label_alt_id_3 
_pdbx_validate_rmsd_angle.angle_value 
_pdbx_validate_rmsd_angle.angle_target_value 
_pdbx_validate_rmsd_angle.angle_deviation 
_pdbx_validate_rmsd_angle.angle_standard_deviation 
_pdbx_validate_rmsd_angle.linker_flag 
1  1 "O4'" B DG  1  ? ? "C1'" B DG  1  ? ? N9    B DG  1  ? ? 116.01 108.30 7.71   0.30 N 
2  1 "C4'" B DT  2  ? ? "C3'" B DT  2  ? ? "C2'" B DT  2  ? ? 97.09  102.20 -5.11  0.70 N 
3  1 "C3'" B DT  2  ? ? "C2'" B DT  2  ? ? "C1'" B DT  2  ? ? 97.10  102.40 -5.30  0.80 N 
4  1 "O4'" B DT  2  ? ? "C1'" B DT  2  ? ? N1    B DT  2  ? ? 112.43 108.30 4.13   0.30 N 
5  1 C6    B DT  2  ? ? C5    B DT  2  ? ? C7    B DT  2  ? ? 118.80 122.90 -4.10  0.60 N 
6  1 "C5'" B DT  4  ? ? "C4'" B DT  4  ? ? "O4'" B DT  4  ? ? 116.64 109.80 6.84   1.10 N 
7  1 "O4'" B DT  4  ? ? "C1'" B DT  4  ? ? "C2'" B DT  4  ? ? 100.12 105.90 -5.78  0.80 N 
8  1 "O4'" B DT  4  ? ? "C1'" B DT  4  ? ? N1    B DT  4  ? ? 113.00 108.30 4.70   0.30 N 
9  1 "O4'" B DG  6  ? ? "C1'" B DG  6  ? ? N9    B DG  6  ? ? 111.92 108.30 3.62   0.30 N 
10 1 "C3'" B DG  6  ? ? "O3'" B DG  6  ? ? P     B DG  7  ? ? 111.83 119.70 -7.87  1.20 Y 
11 1 "O4'" B DG  7  ? ? "C1'" B DG  7  ? ? "C2'" B DG  7  ? ? 98.86  105.90 -7.04  0.80 N 
12 1 "O4'" B DA  10 ? ? "C1'" B DA  10 ? ? N9    B DA  10 ? ? 110.86 108.30 2.56   0.30 N 
13 1 "O4'" B DG  12 ? ? "C1'" B DG  12 ? ? "C2'" B DG  12 ? ? 98.18  105.90 -7.72  0.80 N 
14 1 "O4'" B DG  12 ? ? "C1'" B DG  12 ? ? N9    B DG  12 ? ? 110.16 108.30 1.86   0.30 N 
15 1 "O4'" B DT  13 ? ? "C1'" B DT  13 ? ? N1    B DT  13 ? ? 113.52 108.30 5.22   0.30 N 
16 1 "O4'" B DG  14 ? ? "C1'" B DG  14 ? ? N9    B DG  14 ? ? 111.23 108.30 2.93   0.30 N 
17 1 "C3'" B DG  14 ? ? "O3'" B DG  14 ? ? P     B DA  15 ? ? 131.06 119.70 11.36  1.20 Y 
18 1 "O4'" B DA  15 ? ? "C1'" B DA  15 ? ? N9    B DA  15 ? ? 112.41 108.30 4.11   0.30 N 
19 1 "C3'" B DA  15 ? ? "O3'" B DA  15 ? ? P     B DC  16 ? ? 110.60 119.70 -9.10  1.20 Y 
20 1 "O4'" B DC  16 ? ? "C1'" B DC  16 ? ? N1    B DC  16 ? ? 114.75 108.30 6.45   0.30 N 
21 1 "O4'" B DC  17 ? ? "C1'" B DC  17 ? ? "C2'" B DC  17 ? ? 99.50  105.90 -6.40  0.80 N 
22 1 "O4'" B DC  17 ? ? "C1'" B DC  17 ? ? N1    B DC  17 ? ? 110.94 108.30 2.64   0.30 N 
23 1 "C3'" B DC  17 ? ? "O3'" B DC  17 ? ? P     B DT  18 ? ? 126.94 119.70 7.24   1.20 Y 
24 1 "O4'" B DT  18 ? ? "C4'" B DT  18 ? ? "C3'" B DT  18 ? ? 101.11 104.50 -3.39  0.40 N 
25 1 "O4'" B DA  19 ? ? "C1'" B DA  19 ? ? N9    B DA  19 ? ? 115.98 108.30 7.68   0.30 N 
26 1 "O4'" B DC  22 ? ? "C1'" B DC  22 ? ? "C2'" B DC  22 ? ? 100.74 105.90 -5.16  0.80 N 
27 1 N     A ARG 25 ? ? CA    A ARG 25 ? ? C     A ARG 25 ? ? 92.16  111.00 -18.84 2.70 N 
# 
loop_
_pdbx_validate_torsion.id 
_pdbx_validate_torsion.PDB_model_num 
_pdbx_validate_torsion.auth_comp_id 
_pdbx_validate_torsion.auth_asym_id 
_pdbx_validate_torsion.auth_seq_id 
_pdbx_validate_torsion.PDB_ins_code 
_pdbx_validate_torsion.label_alt_id 
_pdbx_validate_torsion.phi 
_pdbx_validate_torsion.psi 
1  1 ASP A 23  ? ? -59.63  105.87  
2  1 ARG A 25  ? ? -98.11  -78.20  
3  1 ALA A 26  ? ? -17.28  -88.90  
4  1 HIS A 27  ? ? -46.98  -19.02  
5  1 ILE A 39  ? ? -91.18  -66.21  
6  1 LYS A 40  ? ? -38.61  -26.24  
7  1 ASP A 41  ? ? -90.60  -62.25  
8  1 SER A 42  ? ? -59.96  2.87    
9  1 SER A 49  ? ? -71.81  24.37   
10 1 SER A 52  ? ? 97.93   31.64   
11 1 LEU A 53  ? ? -144.99 -5.67   
12 1 GLN A 54  ? ? 36.68   61.49   
13 1 LYS A 57  ? ? 30.61   -152.98 
14 1 ALA A 58  ? ? 85.21   123.96  
15 1 SER A 59  ? ? -27.63  151.41  
16 1 ASP A 65  ? ? -41.53  -81.64  
17 1 ARG A 76  ? ? -46.77  -90.49  
18 1 ASN A 78  ? ? -64.49  -72.06  
19 1 HIS A 79  ? ? -29.71  -56.09  
20 1 THR A 80  ? ? -56.53  -73.16  
21 1 LEU A 102 ? ? 7.72    -67.98  
22 1 ALA A 105 ? ? -142.46 -7.71   
23 1 ARG A 106 ? ? -86.73  -141.77 
# 
loop_
_pdbx_validate_planes.id 
_pdbx_validate_planes.PDB_model_num 
_pdbx_validate_planes.auth_comp_id 
_pdbx_validate_planes.auth_asym_id 
_pdbx_validate_planes.auth_seq_id 
_pdbx_validate_planes.PDB_ins_code 
_pdbx_validate_planes.label_alt_id 
_pdbx_validate_planes.rmsd 
_pdbx_validate_planes.type 
1  1 DT B 2  ? ? 0.068 'SIDE CHAIN' 
2  1 DG B 3  ? ? 0.053 'SIDE CHAIN' 
3  1 DA B 5  ? ? 0.049 'SIDE CHAIN' 
4  1 DG B 7  ? ? 0.085 'SIDE CHAIN' 
5  1 DT B 8  ? ? 0.083 'SIDE CHAIN' 
6  1 DA B 10 ? ? 0.050 'SIDE CHAIN' 
7  1 DG B 12 ? ? 0.062 'SIDE CHAIN' 
8  1 DT B 13 ? ? 0.063 'SIDE CHAIN' 
9  1 DG B 14 ? ? 0.115 'SIDE CHAIN' 
10 1 DC B 17 ? ? 0.075 'SIDE CHAIN' 
11 1 DC B 20 ? ? 0.087 'SIDE CHAIN' 
12 1 DA B 21 ? ? 0.221 'SIDE CHAIN' 
13 1 DC B 22 ? ? 0.116 'SIDE CHAIN' 
# 
loop_
_chem_comp_atom.comp_id 
_chem_comp_atom.atom_id 
_chem_comp_atom.type_symbol 
_chem_comp_atom.pdbx_aromatic_flag 
_chem_comp_atom.pdbx_stereo_config 
_chem_comp_atom.pdbx_ordinal 
ALA N      N N N 1   
ALA CA     C N S 2   
ALA C      C N N 3   
ALA O      O N N 4   
ALA CB     C N N 5   
ALA OXT    O N N 6   
ALA H      H N N 7   
ALA H2     H N N 8   
ALA HA     H N N 9   
ALA HB1    H N N 10  
ALA HB2    H N N 11  
ALA HB3    H N N 12  
ALA HXT    H N N 13  
ARG N      N N N 14  
ARG CA     C N S 15  
ARG C      C N N 16  
ARG O      O N N 17  
ARG CB     C N N 18  
ARG CG     C N N 19  
ARG CD     C N N 20  
ARG NE     N N N 21  
ARG CZ     C N N 22  
ARG NH1    N N N 23  
ARG NH2    N N N 24  
ARG OXT    O N N 25  
ARG H      H N N 26  
ARG H2     H N N 27  
ARG HA     H N N 28  
ARG HB2    H N N 29  
ARG HB3    H N N 30  
ARG HG2    H N N 31  
ARG HG3    H N N 32  
ARG HD2    H N N 33  
ARG HD3    H N N 34  
ARG HE     H N N 35  
ARG HH11   H N N 36  
ARG HH12   H N N 37  
ARG HH21   H N N 38  
ARG HH22   H N N 39  
ARG HXT    H N N 40  
ASN N      N N N 41  
ASN CA     C N S 42  
ASN C      C N N 43  
ASN O      O N N 44  
ASN CB     C N N 45  
ASN CG     C N N 46  
ASN OD1    O N N 47  
ASN ND2    N N N 48  
ASN OXT    O N N 49  
ASN H      H N N 50  
ASN H2     H N N 51  
ASN HA     H N N 52  
ASN HB2    H N N 53  
ASN HB3    H N N 54  
ASN HD21   H N N 55  
ASN HD22   H N N 56  
ASN HXT    H N N 57  
ASP N      N N N 58  
ASP CA     C N S 59  
ASP C      C N N 60  
ASP O      O N N 61  
ASP CB     C N N 62  
ASP CG     C N N 63  
ASP OD1    O N N 64  
ASP OD2    O N N 65  
ASP OXT    O N N 66  
ASP H      H N N 67  
ASP H2     H N N 68  
ASP HA     H N N 69  
ASP HB2    H N N 70  
ASP HB3    H N N 71  
ASP HD2    H N N 72  
ASP HXT    H N N 73  
DA  OP3    O N N 74  
DA  P      P N N 75  
DA  OP1    O N N 76  
DA  OP2    O N N 77  
DA  "O5'"  O N N 78  
DA  "C5'"  C N N 79  
DA  "C4'"  C N R 80  
DA  "O4'"  O N N 81  
DA  "C3'"  C N S 82  
DA  "O3'"  O N N 83  
DA  "C2'"  C N N 84  
DA  "C1'"  C N R 85  
DA  N9     N Y N 86  
DA  C8     C Y N 87  
DA  N7     N Y N 88  
DA  C5     C Y N 89  
DA  C6     C Y N 90  
DA  N6     N N N 91  
DA  N1     N Y N 92  
DA  C2     C Y N 93  
DA  N3     N Y N 94  
DA  C4     C Y N 95  
DA  HOP3   H N N 96  
DA  HOP2   H N N 97  
DA  "H5'"  H N N 98  
DA  "H5''" H N N 99  
DA  "H4'"  H N N 100 
DA  "H3'"  H N N 101 
DA  "HO3'" H N N 102 
DA  "H2'"  H N N 103 
DA  "H2''" H N N 104 
DA  "H1'"  H N N 105 
DA  H8     H N N 106 
DA  H61    H N N 107 
DA  H62    H N N 108 
DA  H2     H N N 109 
DC  OP3    O N N 110 
DC  P      P N N 111 
DC  OP1    O N N 112 
DC  OP2    O N N 113 
DC  "O5'"  O N N 114 
DC  "C5'"  C N N 115 
DC  "C4'"  C N R 116 
DC  "O4'"  O N N 117 
DC  "C3'"  C N S 118 
DC  "O3'"  O N N 119 
DC  "C2'"  C N N 120 
DC  "C1'"  C N R 121 
DC  N1     N N N 122 
DC  C2     C N N 123 
DC  O2     O N N 124 
DC  N3     N N N 125 
DC  C4     C N N 126 
DC  N4     N N N 127 
DC  C5     C N N 128 
DC  C6     C N N 129 
DC  HOP3   H N N 130 
DC  HOP2   H N N 131 
DC  "H5'"  H N N 132 
DC  "H5''" H N N 133 
DC  "H4'"  H N N 134 
DC  "H3'"  H N N 135 
DC  "HO3'" H N N 136 
DC  "H2'"  H N N 137 
DC  "H2''" H N N 138 
DC  "H1'"  H N N 139 
DC  H41    H N N 140 
DC  H42    H N N 141 
DC  H5     H N N 142 
DC  H6     H N N 143 
DG  OP3    O N N 144 
DG  P      P N N 145 
DG  OP1    O N N 146 
DG  OP2    O N N 147 
DG  "O5'"  O N N 148 
DG  "C5'"  C N N 149 
DG  "C4'"  C N R 150 
DG  "O4'"  O N N 151 
DG  "C3'"  C N S 152 
DG  "O3'"  O N N 153 
DG  "C2'"  C N N 154 
DG  "C1'"  C N R 155 
DG  N9     N Y N 156 
DG  C8     C Y N 157 
DG  N7     N Y N 158 
DG  C5     C Y N 159 
DG  C6     C N N 160 
DG  O6     O N N 161 
DG  N1     N N N 162 
DG  C2     C N N 163 
DG  N2     N N N 164 
DG  N3     N N N 165 
DG  C4     C Y N 166 
DG  HOP3   H N N 167 
DG  HOP2   H N N 168 
DG  "H5'"  H N N 169 
DG  "H5''" H N N 170 
DG  "H4'"  H N N 171 
DG  "H3'"  H N N 172 
DG  "HO3'" H N N 173 
DG  "H2'"  H N N 174 
DG  "H2''" H N N 175 
DG  "H1'"  H N N 176 
DG  H8     H N N 177 
DG  H1     H N N 178 
DG  H21    H N N 179 
DG  H22    H N N 180 
DT  OP3    O N N 181 
DT  P      P N N 182 
DT  OP1    O N N 183 
DT  OP2    O N N 184 
DT  "O5'"  O N N 185 
DT  "C5'"  C N N 186 
DT  "C4'"  C N R 187 
DT  "O4'"  O N N 188 
DT  "C3'"  C N S 189 
DT  "O3'"  O N N 190 
DT  "C2'"  C N N 191 
DT  "C1'"  C N R 192 
DT  N1     N N N 193 
DT  C2     C N N 194 
DT  O2     O N N 195 
DT  N3     N N N 196 
DT  C4     C N N 197 
DT  O4     O N N 198 
DT  C5     C N N 199 
DT  C7     C N N 200 
DT  C6     C N N 201 
DT  HOP3   H N N 202 
DT  HOP2   H N N 203 
DT  "H5'"  H N N 204 
DT  "H5''" H N N 205 
DT  "H4'"  H N N 206 
DT  "H3'"  H N N 207 
DT  "HO3'" H N N 208 
DT  "H2'"  H N N 209 
DT  "H2''" H N N 210 
DT  "H1'"  H N N 211 
DT  H3     H N N 212 
DT  H71    H N N 213 
DT  H72    H N N 214 
DT  H73    H N N 215 
DT  H6     H N N 216 
GLN N      N N N 217 
GLN CA     C N S 218 
GLN C      C N N 219 
GLN O      O N N 220 
GLN CB     C N N 221 
GLN CG     C N N 222 
GLN CD     C N N 223 
GLN OE1    O N N 224 
GLN NE2    N N N 225 
GLN OXT    O N N 226 
GLN H      H N N 227 
GLN H2     H N N 228 
GLN HA     H N N 229 
GLN HB2    H N N 230 
GLN HB3    H N N 231 
GLN HG2    H N N 232 
GLN HG3    H N N 233 
GLN HE21   H N N 234 
GLN HE22   H N N 235 
GLN HXT    H N N 236 
GLU N      N N N 237 
GLU CA     C N S 238 
GLU C      C N N 239 
GLU O      O N N 240 
GLU CB     C N N 241 
GLU CG     C N N 242 
GLU CD     C N N 243 
GLU OE1    O N N 244 
GLU OE2    O N N 245 
GLU OXT    O N N 246 
GLU H      H N N 247 
GLU H2     H N N 248 
GLU HA     H N N 249 
GLU HB2    H N N 250 
GLU HB3    H N N 251 
GLU HG2    H N N 252 
GLU HG3    H N N 253 
GLU HE2    H N N 254 
GLU HXT    H N N 255 
GLY N      N N N 256 
GLY CA     C N N 257 
GLY C      C N N 258 
GLY O      O N N 259 
GLY OXT    O N N 260 
GLY H      H N N 261 
GLY H2     H N N 262 
GLY HA2    H N N 263 
GLY HA3    H N N 264 
GLY HXT    H N N 265 
HIS N      N N N 266 
HIS CA     C N S 267 
HIS C      C N N 268 
HIS O      O N N 269 
HIS CB     C N N 270 
HIS CG     C Y N 271 
HIS ND1    N Y N 272 
HIS CD2    C Y N 273 
HIS CE1    C Y N 274 
HIS NE2    N Y N 275 
HIS OXT    O N N 276 
HIS H      H N N 277 
HIS H2     H N N 278 
HIS HA     H N N 279 
HIS HB2    H N N 280 
HIS HB3    H N N 281 
HIS HD1    H N N 282 
HIS HD2    H N N 283 
HIS HE1    H N N 284 
HIS HE2    H N N 285 
HIS HXT    H N N 286 
ILE N      N N N 287 
ILE CA     C N S 288 
ILE C      C N N 289 
ILE O      O N N 290 
ILE CB     C N S 291 
ILE CG1    C N N 292 
ILE CG2    C N N 293 
ILE CD1    C N N 294 
ILE OXT    O N N 295 
ILE H      H N N 296 
ILE H2     H N N 297 
ILE HA     H N N 298 
ILE HB     H N N 299 
ILE HG12   H N N 300 
ILE HG13   H N N 301 
ILE HG21   H N N 302 
ILE HG22   H N N 303 
ILE HG23   H N N 304 
ILE HD11   H N N 305 
ILE HD12   H N N 306 
ILE HD13   H N N 307 
ILE HXT    H N N 308 
LEU N      N N N 309 
LEU CA     C N S 310 
LEU C      C N N 311 
LEU O      O N N 312 
LEU CB     C N N 313 
LEU CG     C N N 314 
LEU CD1    C N N 315 
LEU CD2    C N N 316 
LEU OXT    O N N 317 
LEU H      H N N 318 
LEU H2     H N N 319 
LEU HA     H N N 320 
LEU HB2    H N N 321 
LEU HB3    H N N 322 
LEU HG     H N N 323 
LEU HD11   H N N 324 
LEU HD12   H N N 325 
LEU HD13   H N N 326 
LEU HD21   H N N 327 
LEU HD22   H N N 328 
LEU HD23   H N N 329 
LEU HXT    H N N 330 
LYS N      N N N 331 
LYS CA     C N S 332 
LYS C      C N N 333 
LYS O      O N N 334 
LYS CB     C N N 335 
LYS CG     C N N 336 
LYS CD     C N N 337 
LYS CE     C N N 338 
LYS NZ     N N N 339 
LYS OXT    O N N 340 
LYS H      H N N 341 
LYS H2     H N N 342 
LYS HA     H N N 343 
LYS HB2    H N N 344 
LYS HB3    H N N 345 
LYS HG2    H N N 346 
LYS HG3    H N N 347 
LYS HD2    H N N 348 
LYS HD3    H N N 349 
LYS HE2    H N N 350 
LYS HE3    H N N 351 
LYS HZ1    H N N 352 
LYS HZ2    H N N 353 
LYS HZ3    H N N 354 
LYS HXT    H N N 355 
MET N      N N N 356 
MET CA     C N S 357 
MET C      C N N 358 
MET O      O N N 359 
MET CB     C N N 360 
MET CG     C N N 361 
MET SD     S N N 362 
MET CE     C N N 363 
MET OXT    O N N 364 
MET H      H N N 365 
MET H2     H N N 366 
MET HA     H N N 367 
MET HB2    H N N 368 
MET HB3    H N N 369 
MET HG2    H N N 370 
MET HG3    H N N 371 
MET HE1    H N N 372 
MET HE2    H N N 373 
MET HE3    H N N 374 
MET HXT    H N N 375 
PHE N      N N N 376 
PHE CA     C N S 377 
PHE C      C N N 378 
PHE O      O N N 379 
PHE CB     C N N 380 
PHE CG     C Y N 381 
PHE CD1    C Y N 382 
PHE CD2    C Y N 383 
PHE CE1    C Y N 384 
PHE CE2    C Y N 385 
PHE CZ     C Y N 386 
PHE OXT    O N N 387 
PHE H      H N N 388 
PHE H2     H N N 389 
PHE HA     H N N 390 
PHE HB2    H N N 391 
PHE HB3    H N N 392 
PHE HD1    H N N 393 
PHE HD2    H N N 394 
PHE HE1    H N N 395 
PHE HE2    H N N 396 
PHE HZ     H N N 397 
PHE HXT    H N N 398 
PRO N      N N N 399 
PRO CA     C N S 400 
PRO C      C N N 401 
PRO O      O N N 402 
PRO CB     C N N 403 
PRO CG     C N N 404 
PRO CD     C N N 405 
PRO OXT    O N N 406 
PRO H      H N N 407 
PRO HA     H N N 408 
PRO HB2    H N N 409 
PRO HB3    H N N 410 
PRO HG2    H N N 411 
PRO HG3    H N N 412 
PRO HD2    H N N 413 
PRO HD3    H N N 414 
PRO HXT    H N N 415 
SER N      N N N 416 
SER CA     C N S 417 
SER C      C N N 418 
SER O      O N N 419 
SER CB     C N N 420 
SER OG     O N N 421 
SER OXT    O N N 422 
SER H      H N N 423 
SER H2     H N N 424 
SER HA     H N N 425 
SER HB2    H N N 426 
SER HB3    H N N 427 
SER HG     H N N 428 
SER HXT    H N N 429 
THR N      N N N 430 
THR CA     C N S 431 
THR C      C N N 432 
THR O      O N N 433 
THR CB     C N R 434 
THR OG1    O N N 435 
THR CG2    C N N 436 
THR OXT    O N N 437 
THR H      H N N 438 
THR H2     H N N 439 
THR HA     H N N 440 
THR HB     H N N 441 
THR HG1    H N N 442 
THR HG21   H N N 443 
THR HG22   H N N 444 
THR HG23   H N N 445 
THR HXT    H N N 446 
TYR N      N N N 447 
TYR CA     C N S 448 
TYR C      C N N 449 
TYR O      O N N 450 
TYR CB     C N N 451 
TYR CG     C Y N 452 
TYR CD1    C Y N 453 
TYR CD2    C Y N 454 
TYR CE1    C Y N 455 
TYR CE2    C Y N 456 
TYR CZ     C Y N 457 
TYR OH     O N N 458 
TYR OXT    O N N 459 
TYR H      H N N 460 
TYR H2     H N N 461 
TYR HA     H N N 462 
TYR HB2    H N N 463 
TYR HB3    H N N 464 
TYR HD1    H N N 465 
TYR HD2    H N N 466 
TYR HE1    H N N 467 
TYR HE2    H N N 468 
TYR HH     H N N 469 
TYR HXT    H N N 470 
VAL N      N N N 471 
VAL CA     C N S 472 
VAL C      C N N 473 
VAL O      O N N 474 
VAL CB     C N N 475 
VAL CG1    C N N 476 
VAL CG2    C N N 477 
VAL OXT    O N N 478 
VAL H      H N N 479 
VAL H2     H N N 480 
VAL HA     H N N 481 
VAL HB     H N N 482 
VAL HG11   H N N 483 
VAL HG12   H N N 484 
VAL HG13   H N N 485 
VAL HG21   H N N 486 
VAL HG22   H N N 487 
VAL HG23   H N N 488 
VAL HXT    H N N 489 
# 
loop_
_chem_comp_bond.comp_id 
_chem_comp_bond.atom_id_1 
_chem_comp_bond.atom_id_2 
_chem_comp_bond.value_order 
_chem_comp_bond.pdbx_aromatic_flag 
_chem_comp_bond.pdbx_stereo_config 
_chem_comp_bond.pdbx_ordinal 
ALA N     CA     sing N N 1   
ALA N     H      sing N N 2   
ALA N     H2     sing N N 3   
ALA CA    C      sing N N 4   
ALA CA    CB     sing N N 5   
ALA CA    HA     sing N N 6   
ALA C     O      doub N N 7   
ALA C     OXT    sing N N 8   
ALA CB    HB1    sing N N 9   
ALA CB    HB2    sing N N 10  
ALA CB    HB3    sing N N 11  
ALA OXT   HXT    sing N N 12  
ARG N     CA     sing N N 13  
ARG N     H      sing N N 14  
ARG N     H2     sing N N 15  
ARG CA    C      sing N N 16  
ARG CA    CB     sing N N 17  
ARG CA    HA     sing N N 18  
ARG C     O      doub N N 19  
ARG C     OXT    sing N N 20  
ARG CB    CG     sing N N 21  
ARG CB    HB2    sing N N 22  
ARG CB    HB3    sing N N 23  
ARG CG    CD     sing N N 24  
ARG CG    HG2    sing N N 25  
ARG CG    HG3    sing N N 26  
ARG CD    NE     sing N N 27  
ARG CD    HD2    sing N N 28  
ARG CD    HD3    sing N N 29  
ARG NE    CZ     sing N N 30  
ARG NE    HE     sing N N 31  
ARG CZ    NH1    sing N N 32  
ARG CZ    NH2    doub N N 33  
ARG NH1   HH11   sing N N 34  
ARG NH1   HH12   sing N N 35  
ARG NH2   HH21   sing N N 36  
ARG NH2   HH22   sing N N 37  
ARG OXT   HXT    sing N N 38  
ASN N     CA     sing N N 39  
ASN N     H      sing N N 40  
ASN N     H2     sing N N 41  
ASN CA    C      sing N N 42  
ASN CA    CB     sing N N 43  
ASN CA    HA     sing N N 44  
ASN C     O      doub N N 45  
ASN C     OXT    sing N N 46  
ASN CB    CG     sing N N 47  
ASN CB    HB2    sing N N 48  
ASN CB    HB3    sing N N 49  
ASN CG    OD1    doub N N 50  
ASN CG    ND2    sing N N 51  
ASN ND2   HD21   sing N N 52  
ASN ND2   HD22   sing N N 53  
ASN OXT   HXT    sing N N 54  
ASP N     CA     sing N N 55  
ASP N     H      sing N N 56  
ASP N     H2     sing N N 57  
ASP CA    C      sing N N 58  
ASP CA    CB     sing N N 59  
ASP CA    HA     sing N N 60  
ASP C     O      doub N N 61  
ASP C     OXT    sing N N 62  
ASP CB    CG     sing N N 63  
ASP CB    HB2    sing N N 64  
ASP CB    HB3    sing N N 65  
ASP CG    OD1    doub N N 66  
ASP CG    OD2    sing N N 67  
ASP OD2   HD2    sing N N 68  
ASP OXT   HXT    sing N N 69  
DA  OP3   P      sing N N 70  
DA  OP3   HOP3   sing N N 71  
DA  P     OP1    doub N N 72  
DA  P     OP2    sing N N 73  
DA  P     "O5'"  sing N N 74  
DA  OP2   HOP2   sing N N 75  
DA  "O5'" "C5'"  sing N N 76  
DA  "C5'" "C4'"  sing N N 77  
DA  "C5'" "H5'"  sing N N 78  
DA  "C5'" "H5''" sing N N 79  
DA  "C4'" "O4'"  sing N N 80  
DA  "C4'" "C3'"  sing N N 81  
DA  "C4'" "H4'"  sing N N 82  
DA  "O4'" "C1'"  sing N N 83  
DA  "C3'" "O3'"  sing N N 84  
DA  "C3'" "C2'"  sing N N 85  
DA  "C3'" "H3'"  sing N N 86  
DA  "O3'" "HO3'" sing N N 87  
DA  "C2'" "C1'"  sing N N 88  
DA  "C2'" "H2'"  sing N N 89  
DA  "C2'" "H2''" sing N N 90  
DA  "C1'" N9     sing N N 91  
DA  "C1'" "H1'"  sing N N 92  
DA  N9    C8     sing Y N 93  
DA  N9    C4     sing Y N 94  
DA  C8    N7     doub Y N 95  
DA  C8    H8     sing N N 96  
DA  N7    C5     sing Y N 97  
DA  C5    C6     sing Y N 98  
DA  C5    C4     doub Y N 99  
DA  C6    N6     sing N N 100 
DA  C6    N1     doub Y N 101 
DA  N6    H61    sing N N 102 
DA  N6    H62    sing N N 103 
DA  N1    C2     sing Y N 104 
DA  C2    N3     doub Y N 105 
DA  C2    H2     sing N N 106 
DA  N3    C4     sing Y N 107 
DC  OP3   P      sing N N 108 
DC  OP3   HOP3   sing N N 109 
DC  P     OP1    doub N N 110 
DC  P     OP2    sing N N 111 
DC  P     "O5'"  sing N N 112 
DC  OP2   HOP2   sing N N 113 
DC  "O5'" "C5'"  sing N N 114 
DC  "C5'" "C4'"  sing N N 115 
DC  "C5'" "H5'"  sing N N 116 
DC  "C5'" "H5''" sing N N 117 
DC  "C4'" "O4'"  sing N N 118 
DC  "C4'" "C3'"  sing N N 119 
DC  "C4'" "H4'"  sing N N 120 
DC  "O4'" "C1'"  sing N N 121 
DC  "C3'" "O3'"  sing N N 122 
DC  "C3'" "C2'"  sing N N 123 
DC  "C3'" "H3'"  sing N N 124 
DC  "O3'" "HO3'" sing N N 125 
DC  "C2'" "C1'"  sing N N 126 
DC  "C2'" "H2'"  sing N N 127 
DC  "C2'" "H2''" sing N N 128 
DC  "C1'" N1     sing N N 129 
DC  "C1'" "H1'"  sing N N 130 
DC  N1    C2     sing N N 131 
DC  N1    C6     sing N N 132 
DC  C2    O2     doub N N 133 
DC  C2    N3     sing N N 134 
DC  N3    C4     doub N N 135 
DC  C4    N4     sing N N 136 
DC  C4    C5     sing N N 137 
DC  N4    H41    sing N N 138 
DC  N4    H42    sing N N 139 
DC  C5    C6     doub N N 140 
DC  C5    H5     sing N N 141 
DC  C6    H6     sing N N 142 
DG  OP3   P      sing N N 143 
DG  OP3   HOP3   sing N N 144 
DG  P     OP1    doub N N 145 
DG  P     OP2    sing N N 146 
DG  P     "O5'"  sing N N 147 
DG  OP2   HOP2   sing N N 148 
DG  "O5'" "C5'"  sing N N 149 
DG  "C5'" "C4'"  sing N N 150 
DG  "C5'" "H5'"  sing N N 151 
DG  "C5'" "H5''" sing N N 152 
DG  "C4'" "O4'"  sing N N 153 
DG  "C4'" "C3'"  sing N N 154 
DG  "C4'" "H4'"  sing N N 155 
DG  "O4'" "C1'"  sing N N 156 
DG  "C3'" "O3'"  sing N N 157 
DG  "C3'" "C2'"  sing N N 158 
DG  "C3'" "H3'"  sing N N 159 
DG  "O3'" "HO3'" sing N N 160 
DG  "C2'" "C1'"  sing N N 161 
DG  "C2'" "H2'"  sing N N 162 
DG  "C2'" "H2''" sing N N 163 
DG  "C1'" N9     sing N N 164 
DG  "C1'" "H1'"  sing N N 165 
DG  N9    C8     sing Y N 166 
DG  N9    C4     sing Y N 167 
DG  C8    N7     doub Y N 168 
DG  C8    H8     sing N N 169 
DG  N7    C5     sing Y N 170 
DG  C5    C6     sing N N 171 
DG  C5    C4     doub Y N 172 
DG  C6    O6     doub N N 173 
DG  C6    N1     sing N N 174 
DG  N1    C2     sing N N 175 
DG  N1    H1     sing N N 176 
DG  C2    N2     sing N N 177 
DG  C2    N3     doub N N 178 
DG  N2    H21    sing N N 179 
DG  N2    H22    sing N N 180 
DG  N3    C4     sing N N 181 
DT  OP3   P      sing N N 182 
DT  OP3   HOP3   sing N N 183 
DT  P     OP1    doub N N 184 
DT  P     OP2    sing N N 185 
DT  P     "O5'"  sing N N 186 
DT  OP2   HOP2   sing N N 187 
DT  "O5'" "C5'"  sing N N 188 
DT  "C5'" "C4'"  sing N N 189 
DT  "C5'" "H5'"  sing N N 190 
DT  "C5'" "H5''" sing N N 191 
DT  "C4'" "O4'"  sing N N 192 
DT  "C4'" "C3'"  sing N N 193 
DT  "C4'" "H4'"  sing N N 194 
DT  "O4'" "C1'"  sing N N 195 
DT  "C3'" "O3'"  sing N N 196 
DT  "C3'" "C2'"  sing N N 197 
DT  "C3'" "H3'"  sing N N 198 
DT  "O3'" "HO3'" sing N N 199 
DT  "C2'" "C1'"  sing N N 200 
DT  "C2'" "H2'"  sing N N 201 
DT  "C2'" "H2''" sing N N 202 
DT  "C1'" N1     sing N N 203 
DT  "C1'" "H1'"  sing N N 204 
DT  N1    C2     sing N N 205 
DT  N1    C6     sing N N 206 
DT  C2    O2     doub N N 207 
DT  C2    N3     sing N N 208 
DT  N3    C4     sing N N 209 
DT  N3    H3     sing N N 210 
DT  C4    O4     doub N N 211 
DT  C4    C5     sing N N 212 
DT  C5    C7     sing N N 213 
DT  C5    C6     doub N N 214 
DT  C7    H71    sing N N 215 
DT  C7    H72    sing N N 216 
DT  C7    H73    sing N N 217 
DT  C6    H6     sing N N 218 
GLN N     CA     sing N N 219 
GLN N     H      sing N N 220 
GLN N     H2     sing N N 221 
GLN CA    C      sing N N 222 
GLN CA    CB     sing N N 223 
GLN CA    HA     sing N N 224 
GLN C     O      doub N N 225 
GLN C     OXT    sing N N 226 
GLN CB    CG     sing N N 227 
GLN CB    HB2    sing N N 228 
GLN CB    HB3    sing N N 229 
GLN CG    CD     sing N N 230 
GLN CG    HG2    sing N N 231 
GLN CG    HG3    sing N N 232 
GLN CD    OE1    doub N N 233 
GLN CD    NE2    sing N N 234 
GLN NE2   HE21   sing N N 235 
GLN NE2   HE22   sing N N 236 
GLN OXT   HXT    sing N N 237 
GLU N     CA     sing N N 238 
GLU N     H      sing N N 239 
GLU N     H2     sing N N 240 
GLU CA    C      sing N N 241 
GLU CA    CB     sing N N 242 
GLU CA    HA     sing N N 243 
GLU C     O      doub N N 244 
GLU C     OXT    sing N N 245 
GLU CB    CG     sing N N 246 
GLU CB    HB2    sing N N 247 
GLU CB    HB3    sing N N 248 
GLU CG    CD     sing N N 249 
GLU CG    HG2    sing N N 250 
GLU CG    HG3    sing N N 251 
GLU CD    OE1    doub N N 252 
GLU CD    OE2    sing N N 253 
GLU OE2   HE2    sing N N 254 
GLU OXT   HXT    sing N N 255 
GLY N     CA     sing N N 256 
GLY N     H      sing N N 257 
GLY N     H2     sing N N 258 
GLY CA    C      sing N N 259 
GLY CA    HA2    sing N N 260 
GLY CA    HA3    sing N N 261 
GLY C     O      doub N N 262 
GLY C     OXT    sing N N 263 
GLY OXT   HXT    sing N N 264 
HIS N     CA     sing N N 265 
HIS N     H      sing N N 266 
HIS N     H2     sing N N 267 
HIS CA    C      sing N N 268 
HIS CA    CB     sing N N 269 
HIS CA    HA     sing N N 270 
HIS C     O      doub N N 271 
HIS C     OXT    sing N N 272 
HIS CB    CG     sing N N 273 
HIS CB    HB2    sing N N 274 
HIS CB    HB3    sing N N 275 
HIS CG    ND1    sing Y N 276 
HIS CG    CD2    doub Y N 277 
HIS ND1   CE1    doub Y N 278 
HIS ND1   HD1    sing N N 279 
HIS CD2   NE2    sing Y N 280 
HIS CD2   HD2    sing N N 281 
HIS CE1   NE2    sing Y N 282 
HIS CE1   HE1    sing N N 283 
HIS NE2   HE2    sing N N 284 
HIS OXT   HXT    sing N N 285 
ILE N     CA     sing N N 286 
ILE N     H      sing N N 287 
ILE N     H2     sing N N 288 
ILE CA    C      sing N N 289 
ILE CA    CB     sing N N 290 
ILE CA    HA     sing N N 291 
ILE C     O      doub N N 292 
ILE C     OXT    sing N N 293 
ILE CB    CG1    sing N N 294 
ILE CB    CG2    sing N N 295 
ILE CB    HB     sing N N 296 
ILE CG1   CD1    sing N N 297 
ILE CG1   HG12   sing N N 298 
ILE CG1   HG13   sing N N 299 
ILE CG2   HG21   sing N N 300 
ILE CG2   HG22   sing N N 301 
ILE CG2   HG23   sing N N 302 
ILE CD1   HD11   sing N N 303 
ILE CD1   HD12   sing N N 304 
ILE CD1   HD13   sing N N 305 
ILE OXT   HXT    sing N N 306 
LEU N     CA     sing N N 307 
LEU N     H      sing N N 308 
LEU N     H2     sing N N 309 
LEU CA    C      sing N N 310 
LEU CA    CB     sing N N 311 
LEU CA    HA     sing N N 312 
LEU C     O      doub N N 313 
LEU C     OXT    sing N N 314 
LEU CB    CG     sing N N 315 
LEU CB    HB2    sing N N 316 
LEU CB    HB3    sing N N 317 
LEU CG    CD1    sing N N 318 
LEU CG    CD2    sing N N 319 
LEU CG    HG     sing N N 320 
LEU CD1   HD11   sing N N 321 
LEU CD1   HD12   sing N N 322 
LEU CD1   HD13   sing N N 323 
LEU CD2   HD21   sing N N 324 
LEU CD2   HD22   sing N N 325 
LEU CD2   HD23   sing N N 326 
LEU OXT   HXT    sing N N 327 
LYS N     CA     sing N N 328 
LYS N     H      sing N N 329 
LYS N     H2     sing N N 330 
LYS CA    C      sing N N 331 
LYS CA    CB     sing N N 332 
LYS CA    HA     sing N N 333 
LYS C     O      doub N N 334 
LYS C     OXT    sing N N 335 
LYS CB    CG     sing N N 336 
LYS CB    HB2    sing N N 337 
LYS CB    HB3    sing N N 338 
LYS CG    CD     sing N N 339 
LYS CG    HG2    sing N N 340 
LYS CG    HG3    sing N N 341 
LYS CD    CE     sing N N 342 
LYS CD    HD2    sing N N 343 
LYS CD    HD3    sing N N 344 
LYS CE    NZ     sing N N 345 
LYS CE    HE2    sing N N 346 
LYS CE    HE3    sing N N 347 
LYS NZ    HZ1    sing N N 348 
LYS NZ    HZ2    sing N N 349 
LYS NZ    HZ3    sing N N 350 
LYS OXT   HXT    sing N N 351 
MET N     CA     sing N N 352 
MET N     H      sing N N 353 
MET N     H2     sing N N 354 
MET CA    C      sing N N 355 
MET CA    CB     sing N N 356 
MET CA    HA     sing N N 357 
MET C     O      doub N N 358 
MET C     OXT    sing N N 359 
MET CB    CG     sing N N 360 
MET CB    HB2    sing N N 361 
MET CB    HB3    sing N N 362 
MET CG    SD     sing N N 363 
MET CG    HG2    sing N N 364 
MET CG    HG3    sing N N 365 
MET SD    CE     sing N N 366 
MET CE    HE1    sing N N 367 
MET CE    HE2    sing N N 368 
MET CE    HE3    sing N N 369 
MET OXT   HXT    sing N N 370 
PHE N     CA     sing N N 371 
PHE N     H      sing N N 372 
PHE N     H2     sing N N 373 
PHE CA    C      sing N N 374 
PHE CA    CB     sing N N 375 
PHE CA    HA     sing N N 376 
PHE C     O      doub N N 377 
PHE C     OXT    sing N N 378 
PHE CB    CG     sing N N 379 
PHE CB    HB2    sing N N 380 
PHE CB    HB3    sing N N 381 
PHE CG    CD1    doub Y N 382 
PHE CG    CD2    sing Y N 383 
PHE CD1   CE1    sing Y N 384 
PHE CD1   HD1    sing N N 385 
PHE CD2   CE2    doub Y N 386 
PHE CD2   HD2    sing N N 387 
PHE CE1   CZ     doub Y N 388 
PHE CE1   HE1    sing N N 389 
PHE CE2   CZ     sing Y N 390 
PHE CE2   HE2    sing N N 391 
PHE CZ    HZ     sing N N 392 
PHE OXT   HXT    sing N N 393 
PRO N     CA     sing N N 394 
PRO N     CD     sing N N 395 
PRO N     H      sing N N 396 
PRO CA    C      sing N N 397 
PRO CA    CB     sing N N 398 
PRO CA    HA     sing N N 399 
PRO C     O      doub N N 400 
PRO C     OXT    sing N N 401 
PRO CB    CG     sing N N 402 
PRO CB    HB2    sing N N 403 
PRO CB    HB3    sing N N 404 
PRO CG    CD     sing N N 405 
PRO CG    HG2    sing N N 406 
PRO CG    HG3    sing N N 407 
PRO CD    HD2    sing N N 408 
PRO CD    HD3    sing N N 409 
PRO OXT   HXT    sing N N 410 
SER N     CA     sing N N 411 
SER N     H      sing N N 412 
SER N     H2     sing N N 413 
SER CA    C      sing N N 414 
SER CA    CB     sing N N 415 
SER CA    HA     sing N N 416 
SER C     O      doub N N 417 
SER C     OXT    sing N N 418 
SER CB    OG     sing N N 419 
SER CB    HB2    sing N N 420 
SER CB    HB3    sing N N 421 
SER OG    HG     sing N N 422 
SER OXT   HXT    sing N N 423 
THR N     CA     sing N N 424 
THR N     H      sing N N 425 
THR N     H2     sing N N 426 
THR CA    C      sing N N 427 
THR CA    CB     sing N N 428 
THR CA    HA     sing N N 429 
THR C     O      doub N N 430 
THR C     OXT    sing N N 431 
THR CB    OG1    sing N N 432 
THR CB    CG2    sing N N 433 
THR CB    HB     sing N N 434 
THR OG1   HG1    sing N N 435 
THR CG2   HG21   sing N N 436 
THR CG2   HG22   sing N N 437 
THR CG2   HG23   sing N N 438 
THR OXT   HXT    sing N N 439 
TYR N     CA     sing N N 440 
TYR N     H      sing N N 441 
TYR N     H2     sing N N 442 
TYR CA    C      sing N N 443 
TYR CA    CB     sing N N 444 
TYR CA    HA     sing N N 445 
TYR C     O      doub N N 446 
TYR C     OXT    sing N N 447 
TYR CB    CG     sing N N 448 
TYR CB    HB2    sing N N 449 
TYR CB    HB3    sing N N 450 
TYR CG    CD1    doub Y N 451 
TYR CG    CD2    sing Y N 452 
TYR CD1   CE1    sing Y N 453 
TYR CD1   HD1    sing N N 454 
TYR CD2   CE2    doub Y N 455 
TYR CD2   HD2    sing N N 456 
TYR CE1   CZ     doub Y N 457 
TYR CE1   HE1    sing N N 458 
TYR CE2   CZ     sing Y N 459 
TYR CE2   HE2    sing N N 460 
TYR CZ    OH     sing N N 461 
TYR OH    HH     sing N N 462 
TYR OXT   HXT    sing N N 463 
VAL N     CA     sing N N 464 
VAL N     H      sing N N 465 
VAL N     H2     sing N N 466 
VAL CA    C      sing N N 467 
VAL CA    CB     sing N N 468 
VAL CA    HA     sing N N 469 
VAL C     O      doub N N 470 
VAL C     OXT    sing N N 471 
VAL CB    CG1    sing N N 472 
VAL CB    CG2    sing N N 473 
VAL CB    HB     sing N N 474 
VAL CG1   HG11   sing N N 475 
VAL CG1   HG12   sing N N 476 
VAL CG1   HG13   sing N N 477 
VAL CG2   HG21   sing N N 478 
VAL CG2   HG22   sing N N 479 
VAL CG2   HG23   sing N N 480 
VAL OXT   HXT    sing N N 481 
# 
loop_
_ndb_struct_conf_na.entry_id 
_ndb_struct_conf_na.feature 
1AN2 'double helix'         
1AN2 'b-form double helix'  
1AN2 'mismatched base pair' 
# 
loop_
_ndb_struct_na_base_pair.model_number 
_ndb_struct_na_base_pair.i_label_asym_id 
_ndb_struct_na_base_pair.i_label_comp_id 
_ndb_struct_na_base_pair.i_label_seq_id 
_ndb_struct_na_base_pair.i_symmetry 
_ndb_struct_na_base_pair.j_label_asym_id 
_ndb_struct_na_base_pair.j_label_comp_id 
_ndb_struct_na_base_pair.j_label_seq_id 
_ndb_struct_na_base_pair.j_symmetry 
_ndb_struct_na_base_pair.shear 
_ndb_struct_na_base_pair.stretch 
_ndb_struct_na_base_pair.stagger 
_ndb_struct_na_base_pair.buckle 
_ndb_struct_na_base_pair.propeller 
_ndb_struct_na_base_pair.opening 
_ndb_struct_na_base_pair.pair_number 
_ndb_struct_na_base_pair.pair_name 
_ndb_struct_na_base_pair.i_auth_asym_id 
_ndb_struct_na_base_pair.i_auth_seq_id 
_ndb_struct_na_base_pair.i_PDB_ins_code 
_ndb_struct_na_base_pair.j_auth_asym_id 
_ndb_struct_na_base_pair.j_auth_seq_id 
_ndb_struct_na_base_pair.j_PDB_ins_code 
_ndb_struct_na_base_pair.hbond_type_28 
_ndb_struct_na_base_pair.hbond_type_12 
1 A DG 1  1_555 A DC 22 11_555 -2.994 -0.648 -0.025 -7.248 -9.920  -13.316 1  B_DG1:DC22_B  B 1  ? B 22 ? ?  ? 
1 A DT 2  1_555 A DA 21 11_555 -1.675 0.058  -0.626 3.376  -12.566 -37.327 2  B_DT2:DA21_B  B 2  ? B 21 ? 20 1 
1 A DG 3  1_555 A DC 20 11_555 -0.869 -0.852 0.221  5.322  -9.440  -6.406  3  B_DG3:DC20_B  B 3  ? B 20 ? 19 1 
1 A DT 4  1_555 A DA 19 11_555 0.245  0.090  -0.171 -3.802 7.714   -27.635 4  B_DT4:DA19_B  B 4  ? B 19 ? 20 1 
1 A DA 5  1_555 A DT 18 11_555 0.905  -0.415 0.636  7.440  -0.949  -16.819 5  B_DA5:DT18_B  B 5  ? B 18 ? 20 1 
1 A DG 6  1_555 A DC 17 11_555 1.940  0.235  0.328  3.007  2.840   9.503   6  B_DG6:DC17_B  B 6  ? B 17 ? ?  1 
1 A DG 7  1_555 A DC 16 11_555 0.348  -0.001 0.541  1.433  -1.512  -11.193 7  B_DG7:DC16_B  B 7  ? B 16 ? 19 1 
1 A DT 8  1_555 A DA 15 11_555 0.379  0.012  1.170  -3.529 -9.039  2.204   8  B_DT8:DA15_B  B 8  ? B 15 ? ?  ? 
1 A DC 9  1_555 A DG 14 11_555 0.310  -0.187 -0.120 8.575  -10.434 -3.942  9  B_DC9:DG14_B  B 9  ? B 14 ? 19 1 
1 A DC 11 1_555 A DG 12 11_555 0.522  -0.455 0.139  -1.711 -4.404  -9.218  10 B_DC11:DG12_B B 11 ? B 12 ? 19 1 
1 A DG 12 1_555 A DC 11 11_555 -0.522 -0.455 0.139  1.711  -4.404  -9.218  11 B_DG12:DC11_B B 12 ? B 11 ? 19 1 
1 A DG 14 1_555 A DC 9  11_555 -0.310 -0.187 -0.120 -8.575 -10.434 -3.942  12 B_DG14:DC9_B  B 14 ? B 9  ? 19 1 
1 A DA 15 1_555 A DT 8  11_555 -0.379 0.012  1.170  3.529  -9.039  2.204   13 B_DA15:DT8_B  B 15 ? B 8  ? ?  ? 
1 A DC 16 1_555 A DG 7  11_555 -0.348 -0.001 0.541  -1.433 -1.512  -11.193 14 B_DC16:DG7_B  B 16 ? B 7  ? 19 1 
1 A DC 17 1_555 A DG 6  11_555 -1.940 0.235  0.328  -3.007 2.840   9.503   15 B_DC17:DG6_B  B 17 ? B 6  ? ?  1 
1 A DT 18 1_555 A DA 5  11_555 -0.905 -0.415 0.636  -7.440 -0.949  -16.819 16 B_DT18:DA5_B  B 18 ? B 5  ? 20 1 
1 A DA 19 1_555 A DT 4  11_555 -0.245 0.090  -0.171 3.802  7.714   -27.635 17 B_DA19:DT4_B  B 19 ? B 4  ? 20 1 
1 A DC 20 1_555 A DG 3  11_555 0.869  -0.852 0.221  -5.322 -9.440  -6.406  18 B_DC20:DG3_B  B 20 ? B 3  ? 19 1 
1 A DA 21 1_555 A DT 2  11_555 1.675  0.058  -0.626 -3.376 -12.566 -37.327 19 B_DA21:DT2_B  B 21 ? B 2  ? 20 1 
1 A DC 22 1_555 A DG 1  11_555 2.994  -0.648 -0.025 7.248  -9.920  -13.316 20 B_DC22:DG1_B  B 22 ? B 1  ? ?  ? 
# 
loop_
_ndb_struct_na_base_pair_step.model_number 
_ndb_struct_na_base_pair_step.i_label_asym_id_1 
_ndb_struct_na_base_pair_step.i_label_comp_id_1 
_ndb_struct_na_base_pair_step.i_label_seq_id_1 
_ndb_struct_na_base_pair_step.i_symmetry_1 
_ndb_struct_na_base_pair_step.j_label_asym_id_1 
_ndb_struct_na_base_pair_step.j_label_comp_id_1 
_ndb_struct_na_base_pair_step.j_label_seq_id_1 
_ndb_struct_na_base_pair_step.j_symmetry_1 
_ndb_struct_na_base_pair_step.i_label_asym_id_2 
_ndb_struct_na_base_pair_step.i_label_comp_id_2 
_ndb_struct_na_base_pair_step.i_label_seq_id_2 
_ndb_struct_na_base_pair_step.i_symmetry_2 
_ndb_struct_na_base_pair_step.j_label_asym_id_2 
_ndb_struct_na_base_pair_step.j_label_comp_id_2 
_ndb_struct_na_base_pair_step.j_label_seq_id_2 
_ndb_struct_na_base_pair_step.j_symmetry_2 
_ndb_struct_na_base_pair_step.shift 
_ndb_struct_na_base_pair_step.slide 
_ndb_struct_na_base_pair_step.rise 
_ndb_struct_na_base_pair_step.tilt 
_ndb_struct_na_base_pair_step.roll 
_ndb_struct_na_base_pair_step.twist 
_ndb_struct_na_base_pair_step.x_displacement 
_ndb_struct_na_base_pair_step.y_displacement 
_ndb_struct_na_base_pair_step.helical_rise 
_ndb_struct_na_base_pair_step.inclination 
_ndb_struct_na_base_pair_step.tip 
_ndb_struct_na_base_pair_step.helical_twist 
_ndb_struct_na_base_pair_step.step_number 
_ndb_struct_na_base_pair_step.step_name 
_ndb_struct_na_base_pair_step.i_auth_asym_id_1 
_ndb_struct_na_base_pair_step.i_auth_seq_id_1 
_ndb_struct_na_base_pair_step.i_PDB_ins_code_1 
_ndb_struct_na_base_pair_step.j_auth_asym_id_1 
_ndb_struct_na_base_pair_step.j_auth_seq_id_1 
_ndb_struct_na_base_pair_step.j_PDB_ins_code_1 
_ndb_struct_na_base_pair_step.i_auth_asym_id_2 
_ndb_struct_na_base_pair_step.i_auth_seq_id_2 
_ndb_struct_na_base_pair_step.i_PDB_ins_code_2 
_ndb_struct_na_base_pair_step.j_auth_asym_id_2 
_ndb_struct_na_base_pair_step.j_auth_seq_id_2 
_ndb_struct_na_base_pair_step.j_PDB_ins_code_2 
1 A DG 1  1_555 A DC 22 11_555 A DT 2  1_555 A DA 21 11_555 -2.571 -0.312 2.964 -0.435  6.755  49.313 -0.818 3.027  2.921 8.052  
0.518   49.747 1  BB_DG1DT2:DA21DC22_BB   B 1  ? B 22 ? B 2  ? B 21 ? 
1 A DT 2  1_555 A DA 21 11_555 A DG 3  1_555 A DC 20 11_555 0.831  -2.263 3.522 -9.892  7.510  37.472 -4.230 -2.383 2.738 11.316 
14.904  39.406 2  BB_DT2DG3:DC20DA21_BB   B 2  ? B 21 ? B 3  ? B 20 ? 
1 A DG 3  1_555 A DC 20 11_555 A DT 4  1_555 A DA 19 11_555 -0.449 0.100  3.869 5.117   -6.874 40.721 0.996  1.269  3.725 -9.748 
-7.257  41.575 3  BB_DG3DT4:DA19DC20_BB   B 3  ? B 20 ? B 4  ? B 19 ? 
1 A DT 4  1_555 A DA 19 11_555 A DA 5  1_555 A DT 18 11_555 0.437  -1.135 2.849 -4.387  12.141 32.763 -3.339 -1.252 2.227 20.556 
7.428   35.149 4  BB_DT4DA5:DT18DA19_BB   B 4  ? B 19 ? B 5  ? B 18 ? 
1 A DA 5  1_555 A DT 18 11_555 A DG 6  1_555 A DC 17 11_555 -0.208 -0.547 3.635 -0.122  -4.170 33.683 -0.187 0.334  3.675 -7.162 
0.210   33.933 5  BB_DA5DG6:DC17DT18_BB   B 5  ? B 18 ? B 6  ? B 17 ? 
1 A DG 6  1_555 A DC 17 11_555 A DG 7  1_555 A DC 16 11_555 -0.758 -1.074 3.282 -2.292  6.882  27.055 -3.808 1.038  2.976 14.385 
4.790   27.993 6  BB_DG6DG7:DC16DC17_BB   B 6  ? B 17 ? B 7  ? B 16 ? 
1 A DG 7  1_555 A DC 16 11_555 A DT 8  1_555 A DA 15 11_555 0.301  -1.123 3.499 -5.212  -4.282 30.702 -1.202 -1.618 3.522 -7.967 
9.697   31.417 7  BB_DG7DT8:DA15DC16_BB   B 7  ? B 16 ? B 8  ? B 15 ? 
1 A DT 8  1_555 A DA 15 11_555 A DC 9  1_555 A DG 14 11_555 -0.159 -0.921 2.839 10.952  0.038  33.744 -1.518 1.648  2.659 0.064  
-18.278 35.428 8  BB_DT8DC9:DG14DA15_BB   B 8  ? B 15 ? B 9  ? B 14 ? 
1 A DC 9  1_555 A DG 14 11_555 A DC 11 1_555 A DG 12 11_555 0.148  -0.907 7.287 -1.289  3.568  69.931 -1.072 -0.231 7.236 3.111  
1.124   70.021 9  BB_DC9DC11:DG12DG14_BB  B 9  ? B 14 ? B 11 ? B 12 ? 
1 A DC 11 1_555 A DG 12 11_555 A DG 12 1_555 A DC 11 11_555 0.000  -0.566 2.976 0.000   10.310 29.331 -2.805 0.000  2.631 19.612 
0.000   31.052 10 BB_DC11DG12:DC11DG12_BB B 11 ? B 12 ? B 12 ? B 11 ? 
1 A DG 12 1_555 A DC 11 11_555 A DG 14 1_555 A DC 9  11_555 -0.148 -0.907 7.287 1.289   3.568  69.931 -1.072 0.231  7.236 3.111  
-1.124  70.021 11 BB_DG12DG14:DC9DC11_BB  B 12 ? B 11 ? B 14 ? B 9  ? 
1 A DG 14 1_555 A DC 9  11_555 A DA 15 1_555 A DT 8  11_555 0.159  -0.921 2.839 -10.952 0.038  33.744 -1.518 -1.648 2.659 0.064  
18.278  35.428 12 BB_DG14DA15:DT8DC9_BB   B 14 ? B 9  ? B 15 ? B 8  ? 
1 A DA 15 1_555 A DT 8  11_555 A DC 16 1_555 A DG 7  11_555 -0.301 -1.123 3.499 5.212   -4.282 30.702 -1.202 1.618  3.522 -7.967 
-9.697  31.417 13 BB_DA15DC16:DG7DT8_BB   B 15 ? B 8  ? B 16 ? B 7  ? 
1 A DC 16 1_555 A DG 7  11_555 A DC 17 1_555 A DG 6  11_555 0.758  -1.074 3.282 2.292   6.882  27.055 -3.808 -1.038 2.976 14.385 
-4.790  27.993 14 BB_DC16DC17:DG6DG7_BB   B 16 ? B 7  ? B 17 ? B 6  ? 
1 A DC 17 1_555 A DG 6  11_555 A DT 18 1_555 A DA 5  11_555 0.208  -0.547 3.635 0.122   -4.170 33.683 -0.187 -0.334 3.675 -7.163 
-0.210  33.933 15 BB_DC17DT18:DA5DG6_BB   B 17 ? B 6  ? B 18 ? B 5  ? 
1 A DT 18 1_555 A DA 5  11_555 A DA 19 1_555 A DT 4  11_555 -0.437 -1.135 2.849 4.387   12.141 32.763 -3.339 1.252  2.227 20.556 
-7.428  35.149 16 BB_DT18DA19:DT4DA5_BB   B 18 ? B 5  ? B 19 ? B 4  ? 
1 A DA 19 1_555 A DT 4  11_555 A DC 20 1_555 A DG 3  11_555 0.449  0.100  3.869 -5.117  -6.874 40.721 0.996  -1.269 3.725 -9.748 
7.257   41.575 17 BB_DA19DC20:DG3DT4_BB   B 19 ? B 4  ? B 20 ? B 3  ? 
1 A DC 20 1_555 A DG 3  11_555 A DA 21 1_555 A DT 2  11_555 -0.831 -2.263 3.522 9.892   7.510  37.472 -4.230 2.383  2.738 11.316 
-14.904 39.406 18 BB_DC20DA21:DT2DG3_BB   B 20 ? B 3  ? B 21 ? B 2  ? 
1 A DA 21 1_555 A DT 2  11_555 A DC 22 1_555 A DG 1  11_555 2.571  -0.312 2.964 0.435   6.755  49.313 -0.818 -3.027 2.921 8.052  
-0.518  49.747 19 BB_DA21DC22:DG1DT2_BB   B 21 ? B 2  ? B 22 ? B 1  ? 
# 
_atom_sites.entry_id                    1AN2 
_atom_sites.fract_transf_matrix[1][1]   -0.00042748 
_atom_sites.fract_transf_matrix[1][2]   0.01575337 
_atom_sites.fract_transf_matrix[1][3]   -0.00266044 
_atom_sites.fract_transf_matrix[2][1]   0.00952614 
_atom_sites.fract_transf_matrix[2][2]   0.00649652 
_atom_sites.fract_transf_matrix[2][3]   -0.01106671 
_atom_sites.fract_transf_matrix[3][1]   -0.00484994 
_atom_sites.fract_transf_matrix[3][2]   -0.00092872 
_atom_sites.fract_transf_matrix[3][3]   -0.00471998 
_atom_sites.fract_transf_vector[1]      0.357098 
_atom_sites.fract_transf_vector[2]      0.698720 
_atom_sites.fract_transf_vector[3]      0.242506 
# 
loop_
_atom_type.symbol 
C 
N 
O 
P 
S 
# 
loop_
_atom_site.group_PDB 
_atom_site.id 
_atom_site.type_symbol 
_atom_site.label_atom_id 
_atom_site.label_alt_id 
_atom_site.label_comp_id 
_atom_site.label_asym_id 
_atom_site.label_entity_id 
_atom_site.label_seq_id 
_atom_site.pdbx_PDB_ins_code 
_atom_site.Cartn_x 
_atom_site.Cartn_y 
_atom_site.Cartn_z 
_atom_site.occupancy 
_atom_site.B_iso_or_equiv 
_atom_site.pdbx_formal_charge 
_atom_site.auth_seq_id 
_atom_site.auth_comp_id 
_atom_site.auth_asym_id 
_atom_site.auth_atom_id 
_atom_site.pdbx_PDB_model_num 
ATOM 1    O "O5'" . DG  A 1 1  ? -39.573 11.881  18.073  1.00 47.59 ? 1   DG  B "O5'" 1 
ATOM 2    C "C5'" . DG  A 1 1  ? -39.726 11.160  19.312  1.00 43.35 ? 1   DG  B "C5'" 1 
ATOM 3    C "C4'" . DG  A 1 1  ? -40.818 11.705  20.270  1.00 38.19 ? 1   DG  B "C4'" 1 
ATOM 4    O "O4'" . DG  A 1 1  ? -41.719 12.598  19.596  1.00 32.76 ? 1   DG  B "O4'" 1 
ATOM 5    C "C3'" . DG  A 1 1  ? -41.675 10.525  20.733  1.00 40.28 ? 1   DG  B "C3'" 1 
ATOM 6    O "O3'" . DG  A 1 1  ? -42.163 10.596  22.084  1.00 36.59 ? 1   DG  B "O3'" 1 
ATOM 7    C "C2'" . DG  A 1 1  ? -42.864 10.519  19.760  1.00 39.46 ? 1   DG  B "C2'" 1 
ATOM 8    C "C1'" . DG  A 1 1  ? -42.847 11.882  19.058  1.00 32.65 ? 1   DG  B "C1'" 1 
ATOM 9    N N9    . DG  A 1 1  ? -42.841 11.663  17.570  1.00 29.72 ? 1   DG  B N9    1 
ATOM 10   C C8    . DG  A 1 1  ? -42.007 12.168  16.596  1.00 25.57 ? 1   DG  B C8    1 
ATOM 11   N N7    . DG  A 1 1  ? -42.223 11.678  15.399  1.00 16.60 ? 1   DG  B N7    1 
ATOM 12   C C5    . DG  A 1 1  ? -43.267 10.784  15.580  1.00 7.78  ? 1   DG  B C5    1 
ATOM 13   C C6    . DG  A 1 1  ? -43.937 9.963   14.631  1.00 17.92 ? 1   DG  B C6    1 
ATOM 14   O O6    . DG  A 1 1  ? -43.698 9.787   13.435  1.00 29.52 ? 1   DG  B O6    1 
ATOM 15   N N1    . DG  A 1 1  ? -44.971 9.264   15.222  1.00 17.21 ? 1   DG  B N1    1 
ATOM 16   C C2    . DG  A 1 1  ? -45.315 9.332   16.558  1.00 25.42 ? 1   DG  B C2    1 
ATOM 17   N N2    . DG  A 1 1  ? -46.369 8.604   16.941  1.00 38.17 ? 1   DG  B N2    1 
ATOM 18   N N3    . DG  A 1 1  ? -44.675 10.087  17.454  1.00 18.10 ? 1   DG  B N3    1 
ATOM 19   C C4    . DG  A 1 1  ? -43.666 10.784  16.893  1.00 19.14 ? 1   DG  B C4    1 
ATOM 20   P P     . DT  A 1 2  ? -42.295 9.242   22.990  1.00 41.33 ? 2   DT  B P     1 
ATOM 21   O OP1   . DT  A 1 2  ? -42.905 9.633   24.284  1.00 46.11 ? 2   DT  B OP1   1 
ATOM 22   O OP2   . DT  A 1 2  ? -40.961 8.593   22.988  1.00 40.52 ? 2   DT  B OP2   1 
ATOM 23   O "O5'" . DT  A 1 2  ? -43.356 8.202   22.299  1.00 35.52 ? 2   DT  B "O5'" 1 
ATOM 24   C "C5'" . DT  A 1 2  ? -44.245 7.477   23.185  1.00 28.46 ? 2   DT  B "C5'" 1 
ATOM 25   C "C4'" . DT  A 1 2  ? -45.057 6.299   22.581  1.00 30.68 ? 2   DT  B "C4'" 1 
ATOM 26   O "O4'" . DT  A 1 2  ? -45.406 6.498   21.197  1.00 21.84 ? 2   DT  B "O4'" 1 
ATOM 27   C "C3'" . DT  A 1 2  ? -44.275 4.963   22.615  1.00 31.97 ? 2   DT  B "C3'" 1 
ATOM 28   O "O3'" . DT  A 1 2  ? -45.123 3.834   22.362  1.00 33.63 ? 2   DT  B "O3'" 1 
ATOM 29   C "C2'" . DT  A 1 2  ? -43.506 5.167   21.347  1.00 30.95 ? 2   DT  B "C2'" 1 
ATOM 30   C "C1'" . DT  A 1 2  ? -44.686 5.522   20.467  1.00 17.78 ? 2   DT  B "C1'" 1 
ATOM 31   N N1    . DT  A 1 2  ? -44.127 6.048   19.250  1.00 19.10 ? 2   DT  B N1    1 
ATOM 32   C C2    . DT  A 1 2  ? -44.674 5.547   18.090  1.00 25.49 ? 2   DT  B C2    1 
ATOM 33   O O2    . DT  A 1 2  ? -45.598 4.733   18.125  1.00 26.98 ? 2   DT  B O2    1 
ATOM 34   N N3    . DT  A 1 2  ? -44.103 5.994   16.906  1.00 19.23 ? 2   DT  B N3    1 
ATOM 35   C C4    . DT  A 1 2  ? -43.060 6.899   16.823  1.00 17.30 ? 2   DT  B C4    1 
ATOM 36   O O4    . DT  A 1 2  ? -42.828 7.439   15.749  1.00 2.83  ? 2   DT  B O4    1 
ATOM 37   C C5    . DT  A 1 2  ? -42.535 7.335   18.113  1.00 12.42 ? 2   DT  B C5    1 
ATOM 38   C C7    . DT  A 1 2  ? -41.329 8.258   18.164  1.00 20.99 ? 2   DT  B C7    1 
ATOM 39   C C6    . DT  A 1 2  ? -43.072 6.914   19.261  1.00 2.00  ? 2   DT  B C6    1 
ATOM 40   P P     . DG  A 1 3  ? -44.572 2.457   21.722  1.00 34.54 ? 3   DG  B P     1 
ATOM 41   O OP1   . DG  A 1 3  ? -45.657 1.452   21.862  1.00 29.82 ? 3   DG  B OP1   1 
ATOM 42   O OP2   . DG  A 1 3  ? -43.248 2.209   22.331  1.00 34.87 ? 3   DG  B OP2   1 
ATOM 43   O "O5'" . DG  A 1 3  ? -44.330 2.721   20.129  1.00 35.94 ? 3   DG  B "O5'" 1 
ATOM 44   C "C5'" . DG  A 1 3  ? -43.640 1.774   19.280  1.00 26.43 ? 3   DG  B "C5'" 1 
ATOM 45   C "C4'" . DG  A 1 3  ? -44.581 1.093   18.265  1.00 34.21 ? 3   DG  B "C4'" 1 
ATOM 46   O "O4'" . DG  A 1 3  ? -44.566 1.758   17.011  1.00 33.59 ? 3   DG  B "O4'" 1 
ATOM 47   C "C3'" . DG  A 1 3  ? -44.172 -0.336  17.919  1.00 34.20 ? 3   DG  B "C3'" 1 
ATOM 48   O "O3'" . DG  A 1 3  ? -45.267 -1.147  17.463  1.00 29.06 ? 3   DG  B "O3'" 1 
ATOM 49   C "C2'" . DG  A 1 3  ? -43.205 -0.146  16.774  1.00 35.41 ? 3   DG  B "C2'" 1 
ATOM 50   C "C1'" . DG  A 1 3  ? -43.714 1.089   16.071  1.00 29.30 ? 3   DG  B "C1'" 1 
ATOM 51   N N9    . DG  A 1 3  ? -42.593 1.994   15.826  1.00 28.54 ? 3   DG  B N9    1 
ATOM 52   C C8    . DG  A 1 3  ? -42.050 2.835   16.750  1.00 23.75 ? 3   DG  B C8    1 
ATOM 53   N N7    . DG  A 1 3  ? -41.214 3.694   16.255  1.00 26.18 ? 3   DG  B N7    1 
ATOM 54   C C5    . DG  A 1 3  ? -41.185 3.395   14.912  1.00 12.22 ? 3   DG  B C5    1 
ATOM 55   C C6    . DG  A 1 3  ? -40.445 4.022   13.901  1.00 13.32 ? 3   DG  B C6    1 
ATOM 56   O O6    . DG  A 1 3  ? -39.682 4.971   14.020  1.00 13.32 ? 3   DG  B O6    1 
ATOM 57   N N1    . DG  A 1 3  ? -40.689 3.472   12.669  1.00 10.30 ? 3   DG  B N1    1 
ATOM 58   C C2    . DG  A 1 3  ? -41.562 2.432   12.435  1.00 34.76 ? 3   DG  B C2    1 
ATOM 59   N N2    . DG  A 1 3  ? -41.708 2.104   11.139  1.00 38.52 ? 3   DG  B N2    1 
ATOM 60   N N3    . DG  A 1 3  ? -42.277 1.810   13.409  1.00 27.24 ? 3   DG  B N3    1 
ATOM 61   C C4    . DG  A 1 3  ? -42.027 2.354   14.623  1.00 23.28 ? 3   DG  B C4    1 
ATOM 62   P P     . DT  A 1 4  ? -45.297 -2.697  17.940  1.00 37.78 ? 4   DT  B P     1 
ATOM 63   O OP1   . DT  A 1 4  ? -46.720 -3.106  17.995  1.00 24.28 ? 4   DT  B OP1   1 
ATOM 64   O OP2   . DT  A 1 4  ? -44.457 -2.800  19.165  1.00 36.45 ? 4   DT  B OP2   1 
ATOM 65   O "O5'" . DT  A 1 4  ? -44.517 -3.545  16.753  1.00 34.48 ? 4   DT  B "O5'" 1 
ATOM 66   C "C5'" . DT  A 1 4  ? -44.820 -3.385  15.360  1.00 28.38 ? 4   DT  B "C5'" 1 
ATOM 67   C "C4'" . DT  A 1 4  ? -43.631 -3.393  14.378  1.00 24.89 ? 4   DT  B "C4'" 1 
ATOM 68   O "O4'" . DT  A 1 4  ? -42.809 -2.217  14.353  1.00 27.53 ? 4   DT  B "O4'" 1 
ATOM 69   C "C3'" . DT  A 1 4  ? -42.711 -4.570  14.595  1.00 29.92 ? 4   DT  B "C3'" 1 
ATOM 70   O "O3'" . DT  A 1 4  ? -42.580 -5.205  13.320  1.00 36.99 ? 4   DT  B "O3'" 1 
ATOM 71   C "C2'" . DT  A 1 4  ? -41.402 -3.889  15.000  1.00 32.25 ? 4   DT  B "C2'" 1 
ATOM 72   C "C1'" . DT  A 1 4  ? -41.431 -2.601  14.173  1.00 29.69 ? 4   DT  B "C1'" 1 
ATOM 73   N N1    . DT  A 1 4  ? -40.460 -1.590  14.731  1.00 29.40 ? 4   DT  B N1    1 
ATOM 74   C C2    . DT  A 1 4  ? -39.645 -0.850  13.853  1.00 27.00 ? 4   DT  B C2    1 
ATOM 75   O O2    . DT  A 1 4  ? -39.442 -1.170  12.678  1.00 33.08 ? 4   DT  B O2    1 
ATOM 76   N N3    . DT  A 1 4  ? -38.926 0.196   14.424  1.00 12.16 ? 4   DT  B N3    1 
ATOM 77   C C4    . DT  A 1 4  ? -38.921 0.538   15.761  1.00 10.31 ? 4   DT  B C4    1 
ATOM 78   O O4    . DT  A 1 4  ? -38.172 1.420   16.165  1.00 7.08  ? 4   DT  B O4    1 
ATOM 79   C C5    . DT  A 1 4  ? -39.753 -0.297  16.604  1.00 16.26 ? 4   DT  B C5    1 
ATOM 80   C C7    . DT  A 1 4  ? -39.777 -0.067  18.134  1.00 7.80  ? 4   DT  B C7    1 
ATOM 81   C C6    . DT  A 1 4  ? -40.475 -1.306  16.075  1.00 16.33 ? 4   DT  B C6    1 
ATOM 82   P P     . DA  A 1 5  ? -41.491 -6.344  12.977  1.00 49.77 ? 5   DA  B P     1 
ATOM 83   O OP1   . DA  A 1 5  ? -42.012 -7.098  11.802  1.00 31.15 ? 5   DA  B OP1   1 
ATOM 84   O OP2   . DA  A 1 5  ? -41.119 -7.062  14.227  1.00 33.01 ? 5   DA  B OP2   1 
ATOM 85   O "O5'" . DA  A 1 5  ? -40.213 -5.456  12.507  1.00 28.13 ? 5   DA  B "O5'" 1 
ATOM 86   C "C5'" . DA  A 1 5  ? -39.781 -5.643  11.164  1.00 24.94 ? 5   DA  B "C5'" 1 
ATOM 87   C "C4'" . DA  A 1 5  ? -38.447 -4.974  10.850  1.00 27.79 ? 5   DA  B "C4'" 1 
ATOM 88   O "O4'" . DA  A 1 5  ? -38.261 -3.850  11.700  1.00 25.89 ? 5   DA  B "O4'" 1 
ATOM 89   C "C3'" . DA  A 1 5  ? -37.227 -5.886  11.047  1.00 28.74 ? 5   DA  B "C3'" 1 
ATOM 90   O "O3'" . DA  A 1 5  ? -36.393 -5.860  9.878   1.00 25.41 ? 5   DA  B "O3'" 1 
ATOM 91   C "C2'" . DA  A 1 5  ? -36.515 -5.225  12.224  1.00 26.12 ? 5   DA  B "C2'" 1 
ATOM 92   C "C1'" . DA  A 1 5  ? -36.870 -3.763  11.955  1.00 23.99 ? 5   DA  B "C1'" 1 
ATOM 93   N N9    . DA  A 1 5  ? -36.702 -2.947  13.153  1.00 13.74 ? 5   DA  B N9    1 
ATOM 94   C C8    . DA  A 1 5  ? -37.328 -3.102  14.354  1.00 12.75 ? 5   DA  B C8    1 
ATOM 95   N N7    . DA  A 1 5  ? -36.967 -2.229  15.244  1.00 16.04 ? 5   DA  B N7    1 
ATOM 96   C C5    . DA  A 1 5  ? -36.044 -1.444  14.574  1.00 8.94  ? 5   DA  B C5    1 
ATOM 97   C C6    . DA  A 1 5  ? -35.312 -0.334  14.971  1.00 9.50  ? 5   DA  B C6    1 
ATOM 98   N N6    . DA  A 1 5  ? -35.283 0.016   16.247  1.00 11.60 ? 5   DA  B N6    1 
ATOM 99   N N1    . DA  A 1 5  ? -34.512 0.261   14.062  1.00 12.47 ? 5   DA  B N1    1 
ATOM 100  C C2    . DA  A 1 5  ? -34.437 -0.257  12.845  1.00 7.61  ? 5   DA  B C2    1 
ATOM 101  N N3    . DA  A 1 5  ? -35.069 -1.324  12.355  1.00 10.08 ? 5   DA  B N3    1 
ATOM 102  C C4    . DA  A 1 5  ? -35.874 -1.870  13.294  1.00 4.86  ? 5   DA  B C4    1 
ATOM 103  P P     . DG  A 1 6  ? -35.242 -6.985  9.687   1.00 34.67 ? 6   DG  B P     1 
ATOM 104  O OP1   . DG  A 1 6  ? -35.517 -7.706  8.420   1.00 21.13 ? 6   DG  B OP1   1 
ATOM 105  O OP2   . DG  A 1 6  ? -35.100 -7.733  10.960  1.00 21.23 ? 6   DG  B OP2   1 
ATOM 106  O "O5'" . DG  A 1 6  ? -33.918 -6.106  9.474   1.00 14.41 ? 6   DG  B "O5'" 1 
ATOM 107  C "C5'" . DG  A 1 6  ? -33.813 -5.342  8.258   1.00 32.11 ? 6   DG  B "C5'" 1 
ATOM 108  C "C4'" . DG  A 1 6  ? -32.552 -4.455  8.182   1.00 27.09 ? 6   DG  B "C4'" 1 
ATOM 109  O "O4'" . DG  A 1 6  ? -32.461 -3.426  9.191   1.00 35.52 ? 6   DG  B "O4'" 1 
ATOM 110  C "C3'" . DG  A 1 6  ? -31.371 -5.323  8.450   1.00 20.53 ? 6   DG  B "C3'" 1 
ATOM 111  O "O3'" . DG  A 1 6  ? -30.220 -4.758  7.897   1.00 14.65 ? 6   DG  B "O3'" 1 
ATOM 112  C "C2'" . DG  A 1 6  ? -31.249 -5.259  9.964   1.00 25.61 ? 6   DG  B "C2'" 1 
ATOM 113  C "C1'" . DG  A 1 6  ? -31.595 -3.813  10.264  1.00 18.81 ? 6   DG  B "C1'" 1 
ATOM 114  N N9    . DG  A 1 6  ? -32.289 -3.791  11.569  1.00 23.78 ? 6   DG  B N9    1 
ATOM 115  C C8    . DG  A 1 6  ? -33.239 -4.673  12.033  1.00 19.74 ? 6   DG  B C8    1 
ATOM 116  N N7    . DG  A 1 6  ? -33.548 -4.498  13.290  1.00 19.93 ? 6   DG  B N7    1 
ATOM 117  C C5    . DG  A 1 6  ? -32.751 -3.422  13.690  1.00 14.11 ? 6   DG  B C5    1 
ATOM 118  C C6    . DG  A 1 6  ? -32.656 -2.780  14.956  1.00 23.09 ? 6   DG  B C6    1 
ATOM 119  O O6    . DG  A 1 6  ? -33.297 -3.000  15.987  1.00 30.90 ? 6   DG  B O6    1 
ATOM 120  N N1    . DG  A 1 6  ? -31.751 -1.738  14.930  1.00 14.28 ? 6   DG  B N1    1 
ATOM 121  C C2    . DG  A 1 6  ? -31.040 -1.342  13.826  1.00 27.16 ? 6   DG  B C2    1 
ATOM 122  N N2    . DG  A 1 6  ? -30.260 -0.262  13.983  1.00 30.42 ? 6   DG  B N2    1 
ATOM 123  N N3    . DG  A 1 6  ? -31.125 -1.952  12.636  1.00 18.14 ? 6   DG  B N3    1 
ATOM 124  C C4    . DG  A 1 6  ? -31.992 -2.978  12.644  1.00 13.22 ? 6   DG  B C4    1 
ATOM 125  P P     . DG  A 1 7  ? -28.978 -5.722  8.018   1.00 24.50 ? 7   DG  B P     1 
ATOM 126  O OP1   . DG  A 1 7  ? -29.371 -6.965  7.328   1.00 24.01 ? 7   DG  B OP1   1 
ATOM 127  O OP2   . DG  A 1 7  ? -28.500 -5.751  9.421   1.00 16.60 ? 7   DG  B OP2   1 
ATOM 128  O "O5'" . DG  A 1 7  ? -27.909 -4.950  7.143   1.00 15.16 ? 7   DG  B "O5'" 1 
ATOM 129  C "C5'" . DG  A 1 7  ? -27.823 -3.541  7.344   1.00 32.47 ? 7   DG  B "C5'" 1 
ATOM 130  C "C4'" . DG  A 1 7  ? -27.238 -3.085  8.701   1.00 24.28 ? 7   DG  B "C4'" 1 
ATOM 131  O "O4'" . DG  A 1 7  ? -28.032 -3.464  9.810   1.00 23.84 ? 7   DG  B "O4'" 1 
ATOM 132  C "C3'" . DG  A 1 7  ? -25.868 -3.677  9.005   1.00 26.71 ? 7   DG  B "C3'" 1 
ATOM 133  O "O3'" . DG  A 1 7  ? -24.850 -2.679  8.800   1.00 29.07 ? 7   DG  B "O3'" 1 
ATOM 134  C "C2'" . DG  A 1 7  ? -25.993 -4.016  10.505  1.00 26.95 ? 7   DG  B "C2'" 1 
ATOM 135  C "C1'" . DG  A 1 7  ? -27.201 -3.223  10.935  1.00 10.15 ? 7   DG  B "C1'" 1 
ATOM 136  N N9    . DG  A 1 7  ? -27.873 -3.747  12.130  1.00 9.90  ? 7   DG  B N9    1 
ATOM 137  C C8    . DG  A 1 7  ? -28.906 -4.647  12.184  1.00 8.64  ? 7   DG  B C8    1 
ATOM 138  N N7    . DG  A 1 7  ? -29.480 -4.730  13.360  1.00 16.43 ? 7   DG  B N7    1 
ATOM 139  C C5    . DG  A 1 7  ? -28.757 -3.845  14.151  1.00 17.78 ? 7   DG  B C5    1 
ATOM 140  C C6    . DG  A 1 7  ? -28.914 -3.513  15.529  1.00 17.87 ? 7   DG  B C6    1 
ATOM 141  O O6    . DG  A 1 7  ? -29.528 -4.127  16.397  1.00 12.30 ? 7   DG  B O6    1 
ATOM 142  N N1    . DG  A 1 7  ? -28.054 -2.497  15.913  1.00 22.48 ? 7   DG  B N1    1 
ATOM 143  C C2    . DG  A 1 7  ? -27.127 -1.896  15.081  1.00 36.61 ? 7   DG  B C2    1 
ATOM 144  N N2    . DG  A 1 7  ? -26.504 -0.819  15.570  1.00 39.70 ? 7   DG  B N2    1 
ATOM 145  N N3    . DG  A 1 7  ? -26.933 -2.258  13.797  1.00 31.70 ? 7   DG  B N3    1 
ATOM 146  C C4    . DG  A 1 7  ? -27.786 -3.229  13.401  1.00 17.53 ? 7   DG  B C4    1 
ATOM 147  P P     . DT  A 1 8  ? -23.308 -3.065  9.077   1.00 29.76 ? 8   DT  B P     1 
ATOM 148  O OP1   . DT  A 1 8  ? -22.440 -2.028  8.444   1.00 5.91  ? 8   DT  B OP1   1 
ATOM 149  O OP2   . DT  A 1 8  ? -23.149 -4.531  8.811   1.00 2.00  ? 8   DT  B OP2   1 
ATOM 150  O "O5'" . DT  A 1 8  ? -23.224 -2.821  10.654  1.00 7.60  ? 8   DT  B "O5'" 1 
ATOM 151  C "C5'" . DT  A 1 8  ? -22.789 -1.534  11.079  1.00 24.83 ? 8   DT  B "C5'" 1 
ATOM 152  C "C4'" . DT  A 1 8  ? -22.276 -1.651  12.491  1.00 18.02 ? 8   DT  B "C4'" 1 
ATOM 153  O "O4'" . DT  A 1 8  ? -23.410 -2.047  13.252  1.00 15.74 ? 8   DT  B "O4'" 1 
ATOM 154  C "C3'" . DT  A 1 8  ? -21.287 -2.822  12.552  1.00 13.50 ? 8   DT  B "C3'" 1 
ATOM 155  O "O3'" . DT  A 1 8  ? -19.937 -2.398  12.837  1.00 4.98  ? 8   DT  B "O3'" 1 
ATOM 156  C "C2'" . DT  A 1 8  ? -21.900 -3.778  13.575  1.00 2.71  ? 8   DT  B "C2'" 1 
ATOM 157  C "C1'" . DT  A 1 8  ? -23.032 -2.985  14.207  1.00 2.00  ? 8   DT  B "C1'" 1 
ATOM 158  N N1    . DT  A 1 8  ? -24.201 -3.810  14.546  1.00 2.00  ? 8   DT  B N1    1 
ATOM 159  C C2    . DT  A 1 8  ? -24.513 -3.861  15.882  1.00 5.26  ? 8   DT  B C2    1 
ATOM 160  O O2    . DT  A 1 8  ? -23.975 -3.126  16.711  1.00 17.50 ? 8   DT  B O2    1 
ATOM 161  N N3    . DT  A 1 8  ? -25.389 -4.858  16.254  1.00 11.11 ? 8   DT  B N3    1 
ATOM 162  C C4    . DT  A 1 8  ? -25.961 -5.793  15.421  1.00 2.64  ? 8   DT  B C4    1 
ATOM 163  O O4    . DT  A 1 8  ? -26.726 -6.657  15.834  1.00 28.39 ? 8   DT  B O4    1 
ATOM 164  C C5    . DT  A 1 8  ? -25.583 -5.674  14.066  1.00 2.83  ? 8   DT  B C5    1 
ATOM 165  C C7    . DT  A 1 8  ? -25.962 -6.854  13.168  1.00 2.00  ? 8   DT  B C7    1 
ATOM 166  C C6    . DT  A 1 8  ? -24.749 -4.690  13.664  1.00 6.45  ? 8   DT  B C6    1 
ATOM 167  P P     . DC  A 1 9  ? -18.840 -3.481  13.251  1.00 17.80 ? 9   DC  B P     1 
ATOM 168  O OP1   . DC  A 1 9  ? -17.479 -2.912  13.200  1.00 8.21  ? 9   DC  B OP1   1 
ATOM 169  O OP2   . DC  A 1 9  ? -19.158 -4.738  12.541  1.00 2.00  ? 9   DC  B OP2   1 
ATOM 170  O "O5'" . DC  A 1 9  ? -19.188 -3.563  14.816  1.00 3.04  ? 9   DC  B "O5'" 1 
ATOM 171  C "C5'" . DC  A 1 9  ? -18.919 -2.335  15.511  1.00 9.79  ? 9   DC  B "C5'" 1 
ATOM 172  C "C4'" . DC  A 1 9  ? -19.283 -2.382  16.992  1.00 6.22  ? 9   DC  B "C4'" 1 
ATOM 173  O "O4'" . DC  A 1 9  ? -20.542 -3.030  17.180  1.00 9.91  ? 9   DC  B "O4'" 1 
ATOM 174  C "C3'" . DC  A 1 9  ? -18.287 -3.217  17.749  1.00 10.42 ? 9   DC  B "C3'" 1 
ATOM 175  O "O3'" . DC  A 1 9  ? -17.676 -2.484  18.800  1.00 8.82  ? 9   DC  B "O3'" 1 
ATOM 176  C "C2'" . DC  A 1 9  ? -19.074 -4.401  18.308  1.00 8.45  ? 9   DC  B "C2'" 1 
ATOM 177  C "C1'" . DC  A 1 9  ? -20.491 -3.872  18.312  1.00 4.24  ? 9   DC  B "C1'" 1 
ATOM 178  N N1    . DC  A 1 9  ? -21.433 -4.946  18.062  1.00 2.00  ? 9   DC  B N1    1 
ATOM 179  C C2    . DC  A 1 9  ? -22.406 -5.186  19.011  1.00 11.62 ? 9   DC  B C2    1 
ATOM 180  O O2    . DC  A 1 9  ? -22.487 -4.478  20.023  1.00 8.78  ? 9   DC  B O2    1 
ATOM 181  N N3    . DC  A 1 9  ? -23.322 -6.147  18.739  1.00 4.00  ? 9   DC  B N3    1 
ATOM 182  C C4    . DC  A 1 9  ? -23.286 -6.799  17.582  1.00 2.00  ? 9   DC  B C4    1 
ATOM 183  N N4    . DC  A 1 9  ? -24.255 -7.649  17.283  1.00 5.93  ? 9   DC  B N4    1 
ATOM 184  C C5    . DC  A 1 9  ? -22.278 -6.553  16.613  1.00 2.00  ? 9   DC  B C5    1 
ATOM 185  C C6    . DC  A 1 9  ? -21.369 -5.621  16.907  1.00 2.00  ? 9   DC  B C6    1 
ATOM 186  P P     . DA  A 1 10 ? -16.311 -3.132  19.347  1.00 17.57 ? 10  DA  B P     1 
ATOM 187  O OP1   . DA  A 1 10 ? -15.426 -2.007  19.740  1.00 17.45 ? 10  DA  B OP1   1 
ATOM 188  O OP2   . DA  A 1 10 ? -15.832 -4.167  18.393  1.00 7.63  ? 10  DA  B OP2   1 
ATOM 189  O "O5'" . DA  A 1 10 ? -16.797 -3.909  20.643  1.00 2.00  ? 10  DA  B "O5'" 1 
ATOM 190  C "C5'" . DA  A 1 10 ? -17.581 -3.167  21.555  1.00 3.24  ? 10  DA  B "C5'" 1 
ATOM 191  C "C4'" . DA  A 1 10 ? -17.839 -3.981  22.807  1.00 10.34 ? 10  DA  B "C4'" 1 
ATOM 192  O "O4'" . DA  A 1 10 ? -18.949 -4.879  22.638  1.00 9.69  ? 10  DA  B "O4'" 1 
ATOM 193  C "C3'" . DA  A 1 10 ? -16.623 -4.828  23.102  1.00 7.79  ? 10  DA  B "C3'" 1 
ATOM 194  O "O3'" . DA  A 1 10 ? -16.616 -4.981  24.522  1.00 2.00  ? 10  DA  B "O3'" 1 
ATOM 195  C "C2'" . DA  A 1 10 ? -16.982 -6.087  22.280  1.00 2.00  ? 10  DA  B "C2'" 1 
ATOM 196  C "C1'" . DA  A 1 10 ? -18.494 -6.216  22.523  1.00 6.64  ? 10  DA  B "C1'" 1 
ATOM 197  N N9    . DA  A 1 10 ? -19.226 -6.935  21.442  1.00 6.95  ? 10  DA  B N9    1 
ATOM 198  C C8    . DA  A 1 10 ? -18.849 -7.113  20.144  1.00 9.49  ? 10  DA  B C8    1 
ATOM 199  N N7    . DA  A 1 10 ? -19.670 -7.866  19.462  1.00 5.57  ? 10  DA  B N7    1 
ATOM 200  C C5    . DA  A 1 10 ? -20.668 -8.213  20.358  1.00 2.00  ? 10  DA  B C5    1 
ATOM 201  C C6    . DA  A 1 10 ? -21.819 -9.013  20.253  1.00 2.00  ? 10  DA  B C6    1 
ATOM 202  N N6    . DA  A 1 10 ? -22.129 -9.763  19.198  1.00 2.00  ? 10  DA  B N6    1 
ATOM 203  N N1    . DA  A 1 10 ? -22.576 -9.153  21.336  1.00 2.00  ? 10  DA  B N1    1 
ATOM 204  C C2    . DA  A 1 10 ? -22.191 -8.569  22.450  1.00 2.00  ? 10  DA  B C2    1 
ATOM 205  N N3    . DA  A 1 10 ? -21.126 -7.822  22.681  1.00 4.36  ? 10  DA  B N3    1 
ATOM 206  C C4    . DA  A 1 10 ? -20.399 -7.663  21.569  1.00 2.00  ? 10  DA  B C4    1 
ATOM 207  P P     . DC  A 1 11 ? -15.548 -5.923  25.270  1.00 21.57 ? 11  DC  B P     1 
ATOM 208  O OP1   . DC  A 1 11 ? -14.913 -5.176  26.370  1.00 12.22 ? 11  DC  B OP1   1 
ATOM 209  O OP2   . DC  A 1 11 ? -14.709 -6.622  24.266  1.00 8.82  ? 11  DC  B OP2   1 
ATOM 210  O "O5'" . DC  A 1 11 ? -16.542 -6.973  25.954  1.00 10.49 ? 11  DC  B "O5'" 1 
ATOM 211  C "C5'" . DC  A 1 11 ? -17.601 -6.462  26.743  1.00 7.00  ? 11  DC  B "C5'" 1 
ATOM 212  C "C4'" . DC  A 1 11 ? -18.562 -7.578  27.046  1.00 7.04  ? 11  DC  B "C4'" 1 
ATOM 213  O "O4'" . DC  A 1 11 ? -19.125 -8.091  25.844  1.00 11.59 ? 11  DC  B "O4'" 1 
ATOM 214  C "C3'" . DC  A 1 11 ? -17.794 -8.733  27.640  1.00 12.40 ? 11  DC  B "C3'" 1 
ATOM 215  O "O3'" . DC  A 1 11 ? -18.127 -8.906  29.017  1.00 12.82 ? 11  DC  B "O3'" 1 
ATOM 216  C "C2'" . DC  A 1 11 ? -18.216 -9.969  26.840  1.00 16.93 ? 11  DC  B "C2'" 1 
ATOM 217  C "C1'" . DC  A 1 11 ? -19.327 -9.488  25.948  1.00 2.00  ? 11  DC  B "C1'" 1 
ATOM 218  N N1    . DC  A 1 11 ? -19.130 -10.063 24.631  1.00 2.00  ? 11  DC  B N1    1 
ATOM 219  C C2    . DC  A 1 11 ? -20.015 -11.014 24.236  1.00 3.01  ? 11  DC  B C2    1 
ATOM 220  O O2    . DC  A 1 11 ? -20.764 -11.531 25.064  1.00 7.80  ? 11  DC  B O2    1 
ATOM 221  N N3    . DC  A 1 11 ? -19.938 -11.451 22.951  1.00 12.05 ? 11  DC  B N3    1 
ATOM 222  C C4    . DC  A 1 11 ? -19.005 -10.988 22.110  1.00 5.54  ? 11  DC  B C4    1 
ATOM 223  N N4    . DC  A 1 11 ? -18.880 -11.528 20.894  1.00 12.49 ? 11  DC  B N4    1 
ATOM 224  C C5    . DC  A 1 11 ? -18.071 -10.010 22.531  1.00 2.00  ? 11  DC  B C5    1 
ATOM 225  C C6    . DC  A 1 11 ? -18.179 -9.587  23.803  1.00 2.00  ? 11  DC  B C6    1 
ATOM 226  P P     . DG  A 1 12 ? -17.173 -9.799  29.936  1.00 18.02 ? 12  DG  B P     1 
ATOM 227  O OP1   . DG  A 1 12 ? -17.350 -9.322  31.330  1.00 4.47  ? 12  DG  B OP1   1 
ATOM 228  O OP2   . DG  A 1 12 ? -15.818 -9.882  29.316  1.00 4.29  ? 12  DG  B OP2   1 
ATOM 229  O "O5'" . DG  A 1 12 ? -17.899 -11.235 29.756  1.00 10.13 ? 12  DG  B "O5'" 1 
ATOM 230  C "C5'" . DG  A 1 12 ? -19.271 -11.349 30.138  1.00 3.42  ? 12  DG  B "C5'" 1 
ATOM 231  C "C4'" . DG  A 1 12 ? -19.890 -12.652 29.659  1.00 14.28 ? 12  DG  B "C4'" 1 
ATOM 232  O "O4'" . DG  A 1 12 ? -19.845 -12.715 28.223  1.00 20.18 ? 12  DG  B "O4'" 1 
ATOM 233  C "C3'" . DG  A 1 12 ? -19.114 -13.886 30.164  1.00 18.22 ? 12  DG  B "C3'" 1 
ATOM 234  O "O3'" . DG  A 1 12 ? -20.022 -14.969 30.424  1.00 19.10 ? 12  DG  B "O3'" 1 
ATOM 235  C "C2'" . DG  A 1 12 ? -18.322 -14.203 28.889  1.00 19.38 ? 12  DG  B "C2'" 1 
ATOM 236  C "C1'" . DG  A 1 12 ? -19.413 -14.020 27.841  1.00 13.31 ? 12  DG  B "C1'" 1 
ATOM 237  N N9    . DG  A 1 12 ? -18.864 -13.993 26.477  1.00 9.12  ? 12  DG  B N9    1 
ATOM 238  C C8    . DG  A 1 12 ? -17.943 -13.105 26.027  1.00 9.79  ? 12  DG  B C8    1 
ATOM 239  N N7    . DG  A 1 12 ? -17.729 -13.177 24.749  1.00 10.28 ? 12  DG  B N7    1 
ATOM 240  C C5    . DG  A 1 12 ? -18.559 -14.190 24.314  1.00 2.00  ? 12  DG  B C5    1 
ATOM 241  C C6    . DG  A 1 12 ? -18.783 -14.638 22.990  1.00 10.69 ? 12  DG  B C6    1 
ATOM 242  O O6    . DG  A 1 12 ? -18.235 -14.237 21.962  1.00 18.63 ? 12  DG  B O6    1 
ATOM 243  N N1    . DG  A 1 12 ? -19.751 -15.622 22.935  1.00 2.00  ? 12  DG  B N1    1 
ATOM 244  C C2    . DG  A 1 12 ? -20.404 -16.123 24.026  1.00 2.00  ? 12  DG  B C2    1 
ATOM 245  N N2    . DG  A 1 12 ? -21.141 -17.191 23.756  1.00 6.10  ? 12  DG  B N2    1 
ATOM 246  N N3    . DG  A 1 12 ? -20.209 -15.699 25.291  1.00 2.00  ? 12  DG  B N3    1 
ATOM 247  C C4    . DG  A 1 12 ? -19.267 -14.720 25.359  1.00 2.98  ? 12  DG  B C4    1 
ATOM 248  P P     . DT  A 1 13 ? -19.796 -16.105 31.526  1.00 14.48 ? 13  DT  B P     1 
ATOM 249  O OP1   . DT  A 1 13 ? -20.745 -17.178 31.197  1.00 6.40  ? 13  DT  B OP1   1 
ATOM 250  O OP2   . DT  A 1 13 ? -19.829 -15.492 32.866  1.00 2.53  ? 13  DT  B OP2   1 
ATOM 251  O "O5'" . DT  A 1 13 ? -18.303 -16.614 31.268  1.00 6.08  ? 13  DT  B "O5'" 1 
ATOM 252  C "C5'" . DT  A 1 13 ? -17.963 -17.850 30.606  1.00 14.52 ? 13  DT  B "C5'" 1 
ATOM 253  C "C4'" . DT  A 1 13 ? -18.978 -18.332 29.561  1.00 11.67 ? 13  DT  B "C4'" 1 
ATOM 254  O "O4'" . DT  A 1 13 ? -18.981 -17.452 28.441  1.00 21.60 ? 13  DT  B "O4'" 1 
ATOM 255  C "C3'" . DT  A 1 13 ? -18.591 -19.714 29.018  1.00 22.62 ? 13  DT  B "C3'" 1 
ATOM 256  O "O3'" . DT  A 1 13 ? -19.565 -20.732 29.246  1.00 19.74 ? 13  DT  B "O3'" 1 
ATOM 257  C "C2'" . DT  A 1 13 ? -18.455 -19.595 27.508  1.00 16.69 ? 13  DT  B "C2'" 1 
ATOM 258  C "C1'" . DT  A 1 13 ? -18.694 -18.141 27.204  1.00 10.33 ? 13  DT  B "C1'" 1 
ATOM 259  N N1    . DT  A 1 13 ? -17.472 -17.660 26.532  1.00 7.49  ? 13  DT  B N1    1 
ATOM 260  C C2    . DT  A 1 13 ? -17.276 -18.057 25.219  1.00 9.96  ? 13  DT  B C2    1 
ATOM 261  O O2    . DT  A 1 13 ? -18.181 -18.569 24.564  1.00 9.33  ? 13  DT  B O2    1 
ATOM 262  N N3    . DT  A 1 13 ? -16.098 -17.631 24.631  1.00 3.06  ? 13  DT  B N3    1 
ATOM 263  C C4    . DT  A 1 13 ? -15.154 -16.816 25.240  1.00 5.35  ? 13  DT  B C4    1 
ATOM 264  O O4    . DT  A 1 13 ? -14.157 -16.425 24.656  1.00 29.13 ? 13  DT  B O4    1 
ATOM 265  C C5    . DT  A 1 13 ? -15.461 -16.421 26.568  1.00 7.07  ? 13  DT  B C5    1 
ATOM 266  C C7    . DT  A 1 13 ? -14.579 -15.353 27.193  1.00 10.36 ? 13  DT  B C7    1 
ATOM 267  C C6    . DT  A 1 13 ? -16.571 -16.858 27.176  1.00 11.94 ? 13  DT  B C6    1 
ATOM 268  P P     . DG  A 1 14 ? -19.041 -22.243 29.405  1.00 26.05 ? 14  DG  B P     1 
ATOM 269  O OP1   . DG  A 1 14 ? -20.138 -23.019 30.029  1.00 10.75 ? 14  DG  B OP1   1 
ATOM 270  O OP2   . DG  A 1 14 ? -17.707 -22.196 30.049  1.00 22.82 ? 14  DG  B OP2   1 
ATOM 271  O "O5'" . DG  A 1 14 ? -18.830 -22.727 27.891  1.00 14.62 ? 14  DG  B "O5'" 1 
ATOM 272  C "C5'" . DG  A 1 14 ? -19.987 -23.010 27.114  1.00 13.47 ? 14  DG  B "C5'" 1 
ATOM 273  C "C4'" . DG  A 1 14 ? -19.669 -23.862 25.886  1.00 18.93 ? 14  DG  B "C4'" 1 
ATOM 274  O "O4'" . DG  A 1 14 ? -18.996 -23.069 24.897  1.00 15.63 ? 14  DG  B "O4'" 1 
ATOM 275  C "C3'" . DG  A 1 14 ? -18.762 -25.080 26.197  1.00 19.96 ? 14  DG  B "C3'" 1 
ATOM 276  O "O3'" . DG  A 1 14 ? -19.150 -26.221 25.401  1.00 19.05 ? 14  DG  B "O3'" 1 
ATOM 277  C "C2'" . DG  A 1 14 ? -17.384 -24.561 25.804  1.00 27.40 ? 14  DG  B "C2'" 1 
ATOM 278  C "C1'" . DG  A 1 14 ? -17.675 -23.598 24.653  1.00 17.69 ? 14  DG  B "C1'" 1 
ATOM 279  N N9    . DG  A 1 14 ? -16.649 -22.527 24.707  1.00 17.43 ? 14  DG  B N9    1 
ATOM 280  C C8    . DG  A 1 14 ? -16.165 -21.872 25.816  1.00 2.00  ? 14  DG  B C8    1 
ATOM 281  N N7    . DG  A 1 14 ? -15.280 -20.962 25.523  1.00 2.00  ? 14  DG  B N7    1 
ATOM 282  C C5    . DG  A 1 14 ? -15.153 -21.025 24.152  1.00 2.00  ? 14  DG  B C5    1 
ATOM 283  C C6    . DG  A 1 14 ? -14.284 -20.318 23.316  1.00 6.20  ? 14  DG  B C6    1 
ATOM 284  O O6    . DG  A 1 14 ? -13.312 -19.652 23.667  1.00 9.76  ? 14  DG  B O6    1 
ATOM 285  N N1    . DG  A 1 14 ? -14.446 -20.702 21.989  1.00 7.27  ? 14  DG  B N1    1 
ATOM 286  C C2    . DG  A 1 14 ? -15.302 -21.677 21.537  1.00 2.00  ? 14  DG  B C2    1 
ATOM 287  N N2    . DG  A 1 14 ? -15.032 -22.176 20.338  1.00 9.74  ? 14  DG  B N2    1 
ATOM 288  N N3    . DG  A 1 14 ? -16.131 -22.341 22.328  1.00 2.00  ? 14  DG  B N3    1 
ATOM 289  C C4    . DG  A 1 14 ? -15.991 -21.967 23.626  1.00 8.17  ? 14  DG  B C4    1 
ATOM 290  P P     . DA  A 1 15 ? -18.257 -27.359 24.656  1.00 18.92 ? 15  DA  B P     1 
ATOM 291  O OP1   . DA  A 1 15 ? -19.004 -27.771 23.451  1.00 31.29 ? 15  DA  B OP1   1 
ATOM 292  O OP2   . DA  A 1 15 ? -17.897 -28.386 25.651  1.00 21.70 ? 15  DA  B OP2   1 
ATOM 293  O "O5'" . DA  A 1 15 ? -16.908 -26.708 24.133  1.00 10.25 ? 15  DA  B "O5'" 1 
ATOM 294  C "C5'" . DA  A 1 15 ? -16.025 -27.637 23.537  1.00 15.99 ? 15  DA  B "C5'" 1 
ATOM 295  C "C4'" . DA  A 1 15 ? -16.142 -27.619 22.026  1.00 25.91 ? 15  DA  B "C4'" 1 
ATOM 296  O "O4'" . DA  A 1 15 ? -16.021 -26.277 21.554  1.00 35.64 ? 15  DA  B "O4'" 1 
ATOM 297  C "C3'" . DA  A 1 15 ? -14.934 -28.342 21.456  1.00 34.51 ? 15  DA  B "C3'" 1 
ATOM 298  O "O3'" . DA  A 1 15 ? -15.138 -29.110 20.268  1.00 27.81 ? 15  DA  B "O3'" 1 
ATOM 299  C "C2'" . DA  A 1 15 ? -13.892 -27.265 21.187  1.00 36.28 ? 15  DA  B "C2'" 1 
ATOM 300  C "C1'" . DA  A 1 15 ? -14.682 -25.964 21.131  1.00 23.96 ? 15  DA  B "C1'" 1 
ATOM 301  N N9    . DA  A 1 15 ? -14.014 -25.012 22.038  1.00 7.35  ? 15  DA  B N9    1 
ATOM 302  C C8    . DA  A 1 15 ? -14.168 -24.898 23.383  1.00 8.23  ? 15  DA  B C8    1 
ATOM 303  N N7    . DA  A 1 15 ? -13.365 -24.030 23.938  1.00 19.58 ? 15  DA  B N7    1 
ATOM 304  C C5    . DA  A 1 15 ? -12.618 -23.538 22.883  1.00 2.77  ? 15  DA  B C5    1 
ATOM 305  C C6    . DA  A 1 15 ? -11.610 -22.568 22.821  1.00 2.31  ? 15  DA  B C6    1 
ATOM 306  N N6    . DA  A 1 15 ? -11.197 -21.887 23.889  1.00 2.00  ? 15  DA  B N6    1 
ATOM 307  N N1    . DA  A 1 15 ? -11.100 -22.294 21.613  1.00 7.64  ? 15  DA  B N1    1 
ATOM 308  C C2    . DA  A 1 15 ? -11.565 -22.940 20.542  1.00 12.54 ? 15  DA  B C2    1 
ATOM 309  N N3    . DA  A 1 15 ? -12.513 -23.872 20.472  1.00 17.96 ? 15  DA  B N3    1 
ATOM 310  C C4    . DA  A 1 15 ? -13.006 -24.127 21.711  1.00 8.50  ? 15  DA  B C4    1 
ATOM 311  P P     . DC  A 1 16 ? -13.927 -30.158 20.053  1.00 39.32 ? 16  DC  B P     1 
ATOM 312  O OP1   . DC  A 1 16 ? -14.343 -31.174 19.057  1.00 35.94 ? 16  DC  B OP1   1 
ATOM 313  O OP2   . DC  A 1 16 ? -13.435 -30.577 21.391  1.00 28.83 ? 16  DC  B OP2   1 
ATOM 314  O "O5'" . DC  A 1 16 ? -12.790 -29.245 19.389  1.00 8.96  ? 16  DC  B "O5'" 1 
ATOM 315  C "C5'" . DC  A 1 16 ? -12.889 -28.973 17.992  1.00 8.71  ? 16  DC  B "C5'" 1 
ATOM 316  C "C4'" . DC  A 1 16 ? -11.722 -28.123 17.628  1.00 8.26  ? 16  DC  B "C4'" 1 
ATOM 317  O "O4'" . DC  A 1 16 ? -11.657 -27.073 18.621  1.00 16.35 ? 16  DC  B "O4'" 1 
ATOM 318  C "C3'" . DC  A 1 16 ? -10.460 -28.988 17.796  1.00 16.21 ? 16  DC  B "C3'" 1 
ATOM 319  O "O3'" . DC  A 1 16 ? -9.420  -28.740 16.822  1.00 19.86 ? 16  DC  B "O3'" 1 
ATOM 320  C "C2'" . DC  A 1 16 ? -10.024 -28.590 19.207  1.00 14.41 ? 16  DC  B "C2'" 1 
ATOM 321  C "C1'" . DC  A 1 16 ? -10.339 -27.109 19.143  1.00 14.16 ? 16  DC  B "C1'" 1 
ATOM 322  N N1    . DC  A 1 16 ? -10.171 -26.438 20.439  1.00 5.39  ? 16  DC  B N1    1 
ATOM 323  C C2    . DC  A 1 16 ? -9.265  -25.412 20.441  1.00 12.78 ? 16  DC  B C2    1 
ATOM 324  O O2    . DC  A 1 16 ? -8.909  -24.953 19.361  1.00 28.43 ? 16  DC  B O2    1 
ATOM 325  N N3    . DC  A 1 16 ? -8.920  -24.830 21.623  1.00 12.49 ? 16  DC  B N3    1 
ATOM 326  C C4    . DC  A 1 16 ? -9.490  -25.230 22.763  1.00 12.28 ? 16  DC  B C4    1 
ATOM 327  N N4    . DC  A 1 16 ? -9.232  -24.554 23.888  1.00 15.04 ? 16  DC  B N4    1 
ATOM 328  C C5    . DC  A 1 16 ? -10.452 -26.296 22.774  1.00 11.98 ? 16  DC  B C5    1 
ATOM 329  C C6    . DC  A 1 16 ? -10.757 -26.868 21.587  1.00 9.33  ? 16  DC  B C6    1 
ATOM 330  P P     . DC  A 1 17 ? -8.062  -29.652 16.863  1.00 32.17 ? 17  DC  B P     1 
ATOM 331  O OP1   . DC  A 1 17 ? -8.422  -31.018 16.420  1.00 12.05 ? 17  DC  B OP1   1 
ATOM 332  O OP2   . DC  A 1 17 ? -7.406  -29.456 18.179  1.00 25.27 ? 17  DC  B OP2   1 
ATOM 333  O "O5'" . DC  A 1 17 ? -7.089  -28.989 15.764  1.00 16.14 ? 17  DC  B "O5'" 1 
ATOM 334  C "C5'" . DC  A 1 17 ? -7.062  -27.570 15.618  1.00 14.27 ? 17  DC  B "C5'" 1 
ATOM 335  C "C4'" . DC  A 1 17 ? -5.714  -26.943 15.964  1.00 21.41 ? 17  DC  B "C4'" 1 
ATOM 336  O "O4'" . DC  A 1 17 ? -5.765  -26.254 17.226  1.00 27.04 ? 17  DC  B "O4'" 1 
ATOM 337  C "C3'" . DC  A 1 17 ? -4.569  -27.930 16.105  1.00 20.28 ? 17  DC  B "C3'" 1 
ATOM 338  O "O3'" . DC  A 1 17 ? -3.361  -27.205 15.889  1.00 18.08 ? 17  DC  B "O3'" 1 
ATOM 339  C "C2'" . DC  A 1 17 ? -4.691  -28.189 17.612  1.00 25.79 ? 17  DC  B "C2'" 1 
ATOM 340  C "C1'" . DC  A 1 17 ? -4.774  -26.759 18.114  1.00 15.42 ? 17  DC  B "C1'" 1 
ATOM 341  N N1    . DC  A 1 17 ? -5.228  -26.666 19.523  1.00 16.18 ? 17  DC  B N1    1 
ATOM 342  C C2    . DC  A 1 17 ? -4.638  -25.706 20.354  1.00 14.21 ? 17  DC  B C2    1 
ATOM 343  O O2    . DC  A 1 17 ? -3.978  -24.789 19.876  1.00 28.85 ? 17  DC  B O2    1 
ATOM 344  N N3    . DC  A 1 17 ? -5.025  -25.629 21.648  1.00 2.00  ? 17  DC  B N3    1 
ATOM 345  C C4    . DC  A 1 17 ? -5.992  -26.420 22.107  1.00 7.75  ? 17  DC  B C4    1 
ATOM 346  N N4    . DC  A 1 17 ? -6.347  -26.335 23.396  1.00 8.56  ? 17  DC  B N4    1 
ATOM 347  C C5    . DC  A 1 17 ? -6.641  -27.378 21.255  1.00 7.71  ? 17  DC  B C5    1 
ATOM 348  C C6    . DC  A 1 17 ? -6.214  -27.475 19.978  1.00 2.00  ? 17  DC  B C6    1 
ATOM 349  P P     . DT  A 1 18 ? -2.292  -27.429 14.693  1.00 33.75 ? 18  DT  B P     1 
ATOM 350  O OP1   . DT  A 1 18 ? -1.546  -26.158 14.508  1.00 29.49 ? 18  DT  B OP1   1 
ATOM 351  O OP2   . DT  A 1 18 ? -2.915  -28.069 13.504  1.00 27.84 ? 18  DT  B OP2   1 
ATOM 352  O "O5'" . DT  A 1 18 ? -1.351  -28.498 15.462  1.00 33.39 ? 18  DT  B "O5'" 1 
ATOM 353  C "C5'" . DT  A 1 18 ? -1.361  -28.761 16.889  1.00 20.49 ? 18  DT  B "C5'" 1 
ATOM 354  C "C4'" . DT  A 1 18 ? -0.975  -27.570 17.789  1.00 16.13 ? 18  DT  B "C4'" 1 
ATOM 355  O "O4'" . DT  A 1 18 ? -1.731  -27.857 18.958  1.00 9.58  ? 18  DT  B "O4'" 1 
ATOM 356  C "C3'" . DT  A 1 18 ? 0.477   -27.475 18.383  1.00 16.40 ? 18  DT  B "C3'" 1 
ATOM 357  O "O3'" . DT  A 1 18 ? 1.426   -26.590 17.740  1.00 13.60 ? 18  DT  B "O3'" 1 
ATOM 358  C "C2'" . DT  A 1 18 ? 0.214   -26.863 19.787  1.00 18.54 ? 18  DT  B "C2'" 1 
ATOM 359  C "C1'" . DT  A 1 18 ? -1.307  -26.926 19.965  1.00 13.80 ? 18  DT  B "C1'" 1 
ATOM 360  N N1    . DT  A 1 18 ? -1.791  -27.412 21.288  1.00 11.98 ? 18  DT  B N1    1 
ATOM 361  C C2    . DT  A 1 18 ? -1.483  -26.720 22.464  1.00 11.04 ? 18  DT  B C2    1 
ATOM 362  O O2    . DT  A 1 18 ? -0.824  -25.687 22.509  1.00 13.64 ? 18  DT  B O2    1 
ATOM 363  N N3    . DT  A 1 18 ? -2.094  -27.178 23.610  1.00 6.89  ? 18  DT  B N3    1 
ATOM 364  C C4    . DT  A 1 18 ? -2.986  -28.235 23.685  1.00 9.25  ? 18  DT  B C4    1 
ATOM 365  O O4    . DT  A 1 18 ? -3.437  -28.584 24.769  1.00 12.19 ? 18  DT  B O4    1 
ATOM 366  C C5    . DT  A 1 18 ? -3.266  -28.886 22.428  1.00 14.43 ? 18  DT  B C5    1 
ATOM 367  C C7    . DT  A 1 18 ? -4.333  -30.004 22.365  1.00 9.50  ? 18  DT  B C7    1 
ATOM 368  C C6    . DT  A 1 18 ? -2.659  -28.472 21.302  1.00 16.83 ? 18  DT  B C6    1 
ATOM 369  P P     . DA  A 1 19 ? 3.081   -26.810 17.724  1.00 19.57 ? 19  DA  B P     1 
ATOM 370  O OP1   . DA  A 1 19 ? 3.718   -25.540 17.297  1.00 11.15 ? 19  DA  B OP1   1 
ATOM 371  O OP2   . DA  A 1 19 ? 3.399   -28.048 16.970  1.00 14.49 ? 19  DA  B OP2   1 
ATOM 372  O "O5'" . DA  A 1 19 ? 3.509   -27.057 19.249  1.00 9.89  ? 19  DA  B "O5'" 1 
ATOM 373  C "C5'" . DA  A 1 19 ? 4.151   -26.002 19.950  1.00 17.50 ? 19  DA  B "C5'" 1 
ATOM 374  C "C4'" . DA  A 1 19 ? 4.375   -26.301 21.439  1.00 28.97 ? 19  DA  B "C4'" 1 
ATOM 375  O "O4'" . DA  A 1 19 ? 3.187   -26.255 22.274  1.00 25.94 ? 19  DA  B "O4'" 1 
ATOM 376  C "C3'" . DA  A 1 19 ? 4.974   -27.704 21.561  1.00 33.08 ? 19  DA  B "C3'" 1 
ATOM 377  O "O3'" . DA  A 1 19 ? 5.948   -27.710 22.621  1.00 25.22 ? 19  DA  B "O3'" 1 
ATOM 378  C "C2'" . DA  A 1 19 ? 3.706   -28.481 21.935  1.00 32.93 ? 19  DA  B "C2'" 1 
ATOM 379  C "C1'" . DA  A 1 19 ? 3.159   -27.501 22.959  1.00 27.99 ? 19  DA  B "C1'" 1 
ATOM 380  N N9    . DA  A 1 19 ? 1.857   -27.918 23.476  1.00 11.19 ? 19  DA  B N9    1 
ATOM 381  C C8    . DA  A 1 19 ? 0.927   -28.758 22.936  1.00 20.08 ? 19  DA  B C8    1 
ATOM 382  N N7    . DA  A 1 19 ? -0.026  -29.091 23.766  1.00 21.96 ? 19  DA  B N7    1 
ATOM 383  C C5    . DA  A 1 19 ? 0.297   -28.416 24.932  1.00 14.13 ? 19  DA  B C5    1 
ATOM 384  C C6    . DA  A 1 19 ? -0.322  -28.336 26.192  1.00 14.11 ? 19  DA  B C6    1 
ATOM 385  N N6    . DA  A 1 19 ? -1.502  -28.864 26.470  1.00 2.00  ? 19  DA  B N6    1 
ATOM 386  N N1    . DA  A 1 19 ? 0.275   -27.589 27.132  1.00 29.82 ? 19  DA  B N1    1 
ATOM 387  C C2    . DA  A 1 19 ? 1.412   -26.958 26.817  1.00 43.91 ? 19  DA  B C2    1 
ATOM 388  N N3    . DA  A 1 19 ? 2.089   -26.935 25.663  1.00 30.90 ? 19  DA  B N3    1 
ATOM 389  C C4    . DA  A 1 19 ? 1.451   -27.704 24.755  1.00 19.78 ? 19  DA  B C4    1 
ATOM 390  P P     . DC  A 1 20 ? 7.254   -26.804 22.447  1.00 38.77 ? 20  DC  B P     1 
ATOM 391  O OP1   . DC  A 1 20 ? 7.068   -25.906 21.288  1.00 46.32 ? 20  DC  B OP1   1 
ATOM 392  O OP2   . DC  A 1 20 ? 8.445   -27.684 22.478  1.00 31.65 ? 20  DC  B OP2   1 
ATOM 393  O "O5'" . DC  A 1 20 ? 7.173   -25.888 23.759  1.00 24.73 ? 20  DC  B "O5'" 1 
ATOM 394  C "C5'" . DC  A 1 20 ? 8.005   -26.105 24.889  1.00 22.37 ? 20  DC  B "C5'" 1 
ATOM 395  C "C4'" . DC  A 1 20 ? 7.157   -25.957 26.113  1.00 19.14 ? 20  DC  B "C4'" 1 
ATOM 396  O "O4'" . DC  A 1 20 ? 5.924   -26.578 25.764  1.00 21.20 ? 20  DC  B "O4'" 1 
ATOM 397  C "C3'" . DC  A 1 20 ? 7.650   -26.789 27.294  1.00 31.33 ? 20  DC  B "C3'" 1 
ATOM 398  O "O3'" . DC  A 1 20 ? 8.569   -26.083 28.134  1.00 31.87 ? 20  DC  B "O3'" 1 
ATOM 399  C "C2'" . DC  A 1 20 ? 6.347   -27.058 28.070  1.00 27.76 ? 20  DC  B "C2'" 1 
ATOM 400  C "C1'" . DC  A 1 20 ? 5.288   -27.059 26.962  1.00 22.74 ? 20  DC  B "C1'" 1 
ATOM 401  N N1    . DC  A 1 20 ? 4.758   -28.409 26.700  1.00 12.71 ? 20  DC  B N1    1 
ATOM 402  C C2    . DC  A 1 20 ? 3.913   -28.983 27.634  1.00 7.76  ? 20  DC  B C2    1 
ATOM 403  O O2    . DC  A 1 20 ? 3.817   -28.498 28.760  1.00 2.00  ? 20  DC  B O2    1 
ATOM 404  N N3    . DC  A 1 20 ? 3.217   -30.098 27.267  1.00 3.95  ? 20  DC  B N3    1 
ATOM 405  C C4    . DC  A 1 20 ? 3.353   -30.637 26.032  1.00 9.83  ? 20  DC  B C4    1 
ATOM 406  N N4    . DC  A 1 20 ? 2.625   -31.698 25.642  1.00 2.00  ? 20  DC  B N4    1 
ATOM 407  C C5    . DC  A 1 20 ? 4.252   -30.062 25.081  1.00 5.92  ? 20  DC  B C5    1 
ATOM 408  C C6    . DC  A 1 20 ? 4.931   -28.960 25.462  1.00 3.93  ? 20  DC  B C6    1 
ATOM 409  P P     . DA  A 1 21 ? 9.963   -26.793 28.592  1.00 42.10 ? 21  DA  B P     1 
ATOM 410  O OP1   . DA  A 1 21 ? 10.485  -26.024 29.755  1.00 34.44 ? 21  DA  B OP1   1 
ATOM 411  O OP2   . DA  A 1 21 ? 10.826  -26.987 27.397  1.00 28.99 ? 21  DA  B OP2   1 
ATOM 412  O "O5'" . DA  A 1 21 ? 9.514   -28.266 29.081  1.00 21.62 ? 21  DA  B "O5'" 1 
ATOM 413  C "C5'" . DA  A 1 21 ? 9.388   -28.527 30.470  1.00 8.53  ? 21  DA  B "C5'" 1 
ATOM 414  C "C4'" . DA  A 1 21 ? 7.947   -28.645 30.826  1.00 11.43 ? 21  DA  B "C4'" 1 
ATOM 415  O "O4'" . DA  A 1 21 ? 7.386   -29.581 29.906  1.00 5.57  ? 21  DA  B "O4'" 1 
ATOM 416  C "C3'" . DA  A 1 21 ? 7.783   -29.332 32.174  1.00 16.89 ? 21  DA  B "C3'" 1 
ATOM 417  O "O3'" . DA  A 1 21 ? 7.742   -28.415 33.271  1.00 24.99 ? 21  DA  B "O3'" 1 
ATOM 418  C "C2'" . DA  A 1 21 ? 6.431   -30.061 32.055  1.00 4.67  ? 21  DA  B "C2'" 1 
ATOM 419  C "C1'" . DA  A 1 21 ? 6.251   -30.164 30.561  1.00 13.34 ? 21  DA  B "C1'" 1 
ATOM 420  N N9    . DA  A 1 21 ? 6.098   -31.527 30.059  1.00 13.58 ? 21  DA  B N9    1 
ATOM 421  C C8    . DA  A 1 21 ? 6.494   -31.857 28.792  1.00 23.95 ? 21  DA  B C8    1 
ATOM 422  N N7    . DA  A 1 21 ? 5.729   -32.712 28.185  1.00 26.20 ? 21  DA  B N7    1 
ATOM 423  C C5    . DA  A 1 21 ? 4.767   -33.024 29.138  1.00 21.01 ? 21  DA  B C5    1 
ATOM 424  C C6    . DA  A 1 21 ? 3.620   -33.840 29.068  1.00 14.46 ? 21  DA  B C6    1 
ATOM 425  N N6    . DA  A 1 21 ? 3.247   -34.389 27.912  1.00 2.00  ? 21  DA  B N6    1 
ATOM 426  N N1    . DA  A 1 21 ? 2.845   -33.934 30.173  1.00 10.34 ? 21  DA  B N1    1 
ATOM 427  C C2    . DA  A 1 21 ? 3.226   -33.242 31.264  1.00 24.86 ? 21  DA  B C2    1 
ATOM 428  N N3    . DA  A 1 21 ? 4.277   -32.425 31.458  1.00 11.90 ? 21  DA  B N3    1 
ATOM 429  C C4    . DA  A 1 21 ? 5.012   -32.352 30.314  1.00 19.81 ? 21  DA  B C4    1 
ATOM 430  P P     . DC  A 1 22 ? 7.459   -28.985 34.774  1.00 30.15 ? 22  DC  B P     1 
ATOM 431  O OP1   . DC  A 1 22 ? 6.091   -29.553 34.810  1.00 15.66 ? 22  DC  B OP1   1 
ATOM 432  O OP2   . DC  A 1 22 ? 7.810   -27.915 35.737  1.00 15.23 ? 22  DC  B OP2   1 
ATOM 433  O "O5'" . DC  A 1 22 ? 8.544   -30.214 34.948  1.00 26.62 ? 22  DC  B "O5'" 1 
ATOM 434  C "C5'" . DC  A 1 22 ? 8.493   -31.511 34.307  1.00 13.60 ? 22  DC  B "C5'" 1 
ATOM 435  C "C4'" . DC  A 1 22 ? 7.236   -32.313 34.635  1.00 9.85  ? 22  DC  B "C4'" 1 
ATOM 436  O "O4'" . DC  A 1 22 ? 6.652   -32.944 33.463  1.00 26.61 ? 22  DC  B "O4'" 1 
ATOM 437  C "C3'" . DC  A 1 22 ? 7.591   -33.495 35.490  1.00 8.97  ? 22  DC  B "C3'" 1 
ATOM 438  O "O3'" . DC  A 1 22 ? 6.377   -33.954 36.078  1.00 2.50  ? 22  DC  B "O3'" 1 
ATOM 439  C "C2'" . DC  A 1 22 ? 8.092   -34.470 34.404  1.00 11.01 ? 22  DC  B "C2'" 1 
ATOM 440  C "C1'" . DC  A 1 22 ? 7.001   -34.345 33.331  1.00 6.41  ? 22  DC  B "C1'" 1 
ATOM 441  N N1    . DC  A 1 22 ? 7.530   -34.609 31.958  1.00 8.13  ? 22  DC  B N1    1 
ATOM 442  C C2    . DC  A 1 22 ? 6.737   -35.274 30.996  1.00 15.10 ? 22  DC  B C2    1 
ATOM 443  O O2    . DC  A 1 22 ? 5.797   -35.994 31.327  1.00 25.70 ? 22  DC  B O2    1 
ATOM 444  N N3    . DC  A 1 22 ? 7.087   -35.205 29.681  1.00 2.00  ? 22  DC  B N3    1 
ATOM 445  C C4    . DC  A 1 22 ? 8.178   -34.520 29.323  1.00 2.00  ? 22  DC  B C4    1 
ATOM 446  N N4    . DC  A 1 22 ? 8.486   -34.391 28.043  1.00 4.44  ? 22  DC  B N4    1 
ATOM 447  C C5    . DC  A 1 22 ? 9.022   -33.878 30.283  1.00 7.10  ? 22  DC  B C5    1 
ATOM 448  C C6    . DC  A 1 22 ? 8.663   -33.959 31.581  1.00 7.34  ? 22  DC  B C6    1 
ATOM 449  N N     . ALA B 2 1  ? -12.708 -20.685 42.019  1.00 35.48 ? 22  ALA A N     1 
ATOM 450  C CA    . ALA B 2 1  ? -11.495 -20.499 41.152  1.00 33.20 ? 22  ALA A CA    1 
ATOM 451  C C     . ALA B 2 1  ? -11.789 -19.652 39.924  1.00 36.83 ? 22  ALA A C     1 
ATOM 452  O O     . ALA B 2 1  ? -12.634 -20.016 39.089  1.00 43.38 ? 22  ALA A O     1 
ATOM 453  C CB    . ALA B 2 1  ? -10.960 -21.854 40.702  1.00 21.72 ? 22  ALA A CB    1 
ATOM 454  N N     . ASP B 2 2  ? -11.121 -18.509 39.800  1.00 35.85 ? 23  ASP A N     1 
ATOM 455  C CA    . ASP B 2 2  ? -11.345 -17.696 38.616  1.00 18.29 ? 23  ASP A CA    1 
ATOM 456  C C     . ASP B 2 2  ? -10.953 -18.605 37.472  1.00 13.81 ? 23  ASP A C     1 
ATOM 457  O O     . ASP B 2 2  ? -9.784  -19.005 37.349  1.00 15.67 ? 23  ASP A O     1 
ATOM 458  C CB    . ASP B 2 2  ? -10.402 -16.491 38.538  1.00 24.72 ? 23  ASP A CB    1 
ATOM 459  C CG    . ASP B 2 2  ? -10.423 -15.634 39.767  1.00 32.35 ? 23  ASP A CG    1 
ATOM 460  O OD1   . ASP B 2 2  ? -11.473 -14.986 40.044  1.00 34.67 ? 23  ASP A OD1   1 
ATOM 461  O OD2   . ASP B 2 2  ? -9.358  -15.593 40.436  1.00 36.54 ? 23  ASP A OD2   1 
ATOM 462  N N     . LYS B 2 3  ? -11.946 -19.098 36.767  1.00 16.66 ? 24  LYS A N     1 
ATOM 463  C CA    . LYS B 2 3  ? -11.667 -19.891 35.576  1.00 25.47 ? 24  LYS A CA    1 
ATOM 464  C C     . LYS B 2 3  ? -12.542 -19.260 34.503  1.00 21.40 ? 24  LYS A C     1 
ATOM 465  O O     . LYS B 2 3  ? -12.588 -19.696 33.370  1.00 12.48 ? 24  LYS A O     1 
ATOM 466  C CB    . LYS B 2 3  ? -11.953 -21.379 35.773  1.00 36.86 ? 24  LYS A CB    1 
ATOM 467  C CG    . LYS B 2 3  ? -11.007 -22.272 34.936  1.00 44.68 ? 24  LYS A CG    1 
ATOM 468  C CD    . LYS B 2 3  ? -9.519  -21.823 35.038  1.00 39.67 ? 24  LYS A CD    1 
ATOM 469  C CE    . LYS B 2 3  ? -9.055  -21.004 33.825  1.00 34.21 ? 24  LYS A CE    1 
ATOM 470  N NZ    . LYS B 2 3  ? -7.568  -20.819 33.836  1.00 31.52 ? 24  LYS A NZ    1 
ATOM 471  N N     . ARG B 2 4  ? -13.334 -18.290 34.944  1.00 25.19 ? 25  ARG A N     1 
ATOM 472  C CA    . ARG B 2 4  ? -14.162 -17.496 34.085  1.00 2.00  ? 25  ARG A CA    1 
ATOM 473  C C     . ARG B 2 4  ? -13.153 -16.373 34.054  1.00 8.92  ? 25  ARG A C     1 
ATOM 474  O O     . ARG B 2 4  ? -12.273 -16.390 33.204  1.00 10.04 ? 25  ARG A O     1 
ATOM 475  C CB    . ARG B 2 4  ? -15.445 -17.051 34.783  1.00 20.76 ? 25  ARG A CB    1 
ATOM 476  C CG    . ARG B 2 4  ? -16.561 -18.130 34.865  1.00 36.75 ? 25  ARG A CG    1 
ATOM 477  C CD    . ARG B 2 4  ? -17.896 -17.542 35.387  1.00 38.88 ? 25  ARG A CD    1 
ATOM 478  N NE    . ARG B 2 4  ? -18.941 -18.558 35.526  1.00 45.41 ? 25  ARG A NE    1 
ATOM 479  C CZ    . ARG B 2 4  ? -20.039 -18.418 36.276  1.00 55.20 ? 25  ARG A CZ    1 
ATOM 480  N NH1   . ARG B 2 4  ? -20.256 -17.297 36.978  1.00 42.21 ? 25  ARG A NH1   1 
ATOM 481  N NH2   . ARG B 2 4  ? -20.944 -19.400 36.307  1.00 54.15 ? 25  ARG A NH2   1 
ATOM 482  N N     . ALA B 2 5  ? -13.109 -15.572 35.120  1.00 2.15  ? 26  ALA A N     1 
ATOM 483  C CA    . ALA B 2 5  ? -12.192 -14.421 35.206  1.00 5.25  ? 26  ALA A CA    1 
ATOM 484  C C     . ALA B 2 5  ? -10.994 -14.369 34.236  1.00 10.01 ? 26  ALA A C     1 
ATOM 485  O O     . ALA B 2 5  ? -11.141 -13.834 33.138  1.00 27.71 ? 26  ALA A O     1 
ATOM 486  C CB    . ALA B 2 5  ? -11.738 -14.218 36.611  1.00 11.95 ? 26  ALA A CB    1 
ATOM 487  N N     . HIS B 2 6  ? -9.841  -14.943 34.587  1.00 13.49 ? 27  HIS A N     1 
ATOM 488  C CA    . HIS B 2 6  ? -8.682  -14.915 33.690  1.00 18.13 ? 27  HIS A CA    1 
ATOM 489  C C     . HIS B 2 6  ? -9.008  -15.295 32.232  1.00 24.19 ? 27  HIS A C     1 
ATOM 490  O O     . HIS B 2 6  ? -8.221  -15.011 31.335  1.00 35.36 ? 27  HIS A O     1 
ATOM 491  C CB    . HIS B 2 6  ? -7.512  -15.752 34.226  1.00 23.15 ? 27  HIS A CB    1 
ATOM 492  C CG    . HIS B 2 6  ? -6.631  -15.023 35.215  1.00 43.57 ? 27  HIS A CG    1 
ATOM 493  N ND1   . HIS B 2 6  ? -5.846  -13.939 34.868  1.00 49.45 ? 27  HIS A ND1   1 
ATOM 494  C CD2   . HIS B 2 6  ? -6.381  -15.253 36.532  1.00 42.32 ? 27  HIS A CD2   1 
ATOM 495  C CE1   . HIS B 2 6  ? -5.153  -13.534 35.923  1.00 40.59 ? 27  HIS A CE1   1 
ATOM 496  N NE2   . HIS B 2 6  ? -5.461  -14.313 36.946  1.00 33.58 ? 27  HIS A NE2   1 
ATOM 497  N N     . HIS B 2 7  ? -10.135 -15.961 31.990  1.00 19.20 ? 28  HIS A N     1 
ATOM 498  C CA    . HIS B 2 7  ? -10.547 -16.285 30.620  1.00 14.55 ? 28  HIS A CA    1 
ATOM 499  C C     . HIS B 2 7  ? -11.322 -15.060 30.102  1.00 28.32 ? 28  HIS A C     1 
ATOM 500  O O     . HIS B 2 7  ? -10.817 -14.311 29.250  1.00 27.92 ? 28  HIS A O     1 
ATOM 501  C CB    . HIS B 2 7  ? -11.438 -17.539 30.562  1.00 3.37  ? 28  HIS A CB    1 
ATOM 502  C CG    . HIS B 2 7  ? -11.657 -18.090 29.179  1.00 3.93  ? 28  HIS A CG    1 
ATOM 503  N ND1   . HIS B 2 7  ? -10.735 -17.960 28.157  1.00 9.66  ? 28  HIS A ND1   1 
ATOM 504  C CD2   . HIS B 2 7  ? -12.698 -18.777 28.647  1.00 5.88  ? 28  HIS A CD2   1 
ATOM 505  C CE1   . HIS B 2 7  ? -11.201 -18.527 27.058  1.00 5.51  ? 28  HIS A CE1   1 
ATOM 506  N NE2   . HIS B 2 7  ? -12.391 -19.031 27.330  1.00 14.30 ? 28  HIS A NE2   1 
ATOM 507  N N     . ASN B 2 8  ? -12.506 -14.803 30.665  1.00 27.16 ? 29  ASN A N     1 
ATOM 508  C CA    . ASN B 2 8  ? -13.328 -13.668 30.239  1.00 13.58 ? 29  ASN A CA    1 
ATOM 509  C C     . ASN B 2 8  ? -12.486 -12.447 30.056  1.00 22.03 ? 29  ASN A C     1 
ATOM 510  O O     . ASN B 2 8  ? -12.906 -11.506 29.381  1.00 40.91 ? 29  ASN A O     1 
ATOM 511  C CB    . ASN B 2 8  ? -14.381 -13.315 31.273  1.00 12.49 ? 29  ASN A CB    1 
ATOM 512  C CG    . ASN B 2 8  ? -15.404 -14.384 31.455  1.00 10.35 ? 29  ASN A CG    1 
ATOM 513  O OD1   . ASN B 2 8  ? -16.120 -14.393 32.449  1.00 16.34 ? 29  ASN A OD1   1 
ATOM 514  N ND2   . ASN B 2 8  ? -15.481 -15.314 30.504  1.00 16.93 ? 29  ASN A ND2   1 
ATOM 515  N N     . ALA B 2 9  ? -11.350 -12.415 30.748  1.00 22.02 ? 30  ALA A N     1 
ATOM 516  C CA    . ALA B 2 9  ? -10.432 -11.295 30.659  1.00 20.55 ? 30  ALA A CA    1 
ATOM 517  C C     . ALA B 2 9  ? -9.443  -11.518 29.549  1.00 12.26 ? 30  ALA A C     1 
ATOM 518  O O     . ALA B 2 9  ? -9.022  -10.561 28.899  1.00 25.70 ? 30  ALA A O     1 
ATOM 519  C CB    . ALA B 2 9  ? -9.719  -11.070 31.974  1.00 20.01 ? 30  ALA A CB    1 
ATOM 520  N N     . LEU B 2 10 ? -9.042  -12.767 29.331  1.00 17.02 ? 31  LEU A N     1 
ATOM 521  C CA    . LEU B 2 10 ? -8.088  -13.044 28.258  1.00 9.45  ? 31  LEU A CA    1 
ATOM 522  C C     . LEU B 2 10 ? -8.730  -12.606 26.976  1.00 14.87 ? 31  LEU A C     1 
ATOM 523  O O     . LEU B 2 10 ? -8.161  -11.750 26.292  1.00 18.45 ? 31  LEU A O     1 
ATOM 524  C CB    . LEU B 2 10 ? -7.664  -14.502 28.209  1.00 10.75 ? 31  LEU A CB    1 
ATOM 525  C CG    . LEU B 2 10 ? -6.315  -14.765 28.898  1.00 2.72  ? 31  LEU A CG    1 
ATOM 526  C CD1   . LEU B 2 10 ? -6.069  -16.256 29.181  1.00 2.00  ? 31  LEU A CD1   1 
ATOM 527  C CD2   . LEU B 2 10 ? -5.266  -14.237 27.975  1.00 16.39 ? 31  LEU A CD2   1 
ATOM 528  N N     . GLU B 2 11 ? -9.979  -13.031 26.737  1.00 2.23  ? 32  GLU A N     1 
ATOM 529  C CA    . GLU B 2 11 ? -10.683 -12.634 25.494  1.00 4.89  ? 32  GLU A CA    1 
ATOM 530  C C     . GLU B 2 11 ? -10.939 -11.132 25.384  1.00 9.09  ? 32  GLU A C     1 
ATOM 531  O O     . GLU B 2 11 ? -11.297 -10.616 24.309  1.00 17.04 ? 32  GLU A O     1 
ATOM 532  C CB    . GLU B 2 11 ? -11.994 -13.385 25.300  1.00 2.00  ? 32  GLU A CB    1 
ATOM 533  C CG    . GLU B 2 11 ? -11.867 -14.534 24.406  1.00 2.00  ? 32  GLU A CG    1 
ATOM 534  C CD    . GLU B 2 11 ? -12.307 -14.217 23.005  1.00 16.17 ? 32  GLU A CD    1 
ATOM 535  O OE1   . GLU B 2 11 ? -13.427 -13.672 22.863  1.00 16.62 ? 32  GLU A OE1   1 
ATOM 536  O OE2   . GLU B 2 11 ? -11.557 -14.542 22.046  1.00 11.05 ? 32  GLU A OE2   1 
ATOM 537  N N     . ARG B 2 12 ? -10.796 -10.415 26.486  1.00 2.00  ? 33  ARG A N     1 
ATOM 538  C CA    . ARG B 2 12 ? -11.010 -8.995  26.379  1.00 5.61  ? 33  ARG A CA    1 
ATOM 539  C C     . ARG B 2 12 ? -9.720  -8.283  26.032  1.00 7.60  ? 33  ARG A C     1 
ATOM 540  O O     . ARG B 2 12 ? -9.754  -7.145  25.558  1.00 13.94 ? 33  ARG A O     1 
ATOM 541  C CB    . ARG B 2 12 ? -11.705 -8.417  27.595  1.00 2.00  ? 33  ARG A CB    1 
ATOM 542  C CG    . ARG B 2 12 ? -13.148 -8.164  27.307  1.00 4.59  ? 33  ARG A CG    1 
ATOM 543  C CD    . ARG B 2 12 ? -13.865 -7.653  28.491  1.00 5.48  ? 33  ARG A CD    1 
ATOM 544  N NE    . ARG B 2 12 ? -13.618 -8.497  29.656  1.00 10.04 ? 33  ARG A NE    1 
ATOM 545  C CZ    . ARG B 2 12 ? -12.758 -8.166  30.610  1.00 10.37 ? 33  ARG A CZ    1 
ATOM 546  N NH1   . ARG B 2 12 ? -12.084 -7.033  30.509  1.00 23.89 ? 33  ARG A NH1   1 
ATOM 547  N NH2   . ARG B 2 12 ? -12.578 -8.940  31.663  1.00 20.13 ? 33  ARG A NH2   1 
ATOM 548  N N     . LYS B 2 13 ? -8.578  -8.937  26.241  1.00 3.01  ? 34  LYS A N     1 
ATOM 549  C CA    . LYS B 2 13 ? -7.330  -8.303  25.839  1.00 3.05  ? 34  LYS A CA    1 
ATOM 550  C C     . LYS B 2 13 ? -7.147  -8.647  24.350  1.00 12.10 ? 34  LYS A C     1 
ATOM 551  O O     . LYS B 2 13 ? -6.686  -7.816  23.581  1.00 15.75 ? 34  LYS A O     1 
ATOM 552  C CB    . LYS B 2 13 ? -6.161  -8.819  26.652  1.00 10.08 ? 34  LYS A CB    1 
ATOM 553  C CG    . LYS B 2 13 ? -4.971  -7.868  26.669  1.00 26.99 ? 34  LYS A CG    1 
ATOM 554  C CD    . LYS B 2 13 ? -5.267  -6.580  27.479  1.00 31.04 ? 34  LYS A CD    1 
ATOM 555  C CE    . LYS B 2 13 ? -4.125  -6.187  28.452  1.00 29.56 ? 34  LYS A CE    1 
ATOM 556  N NZ    . LYS B 2 13 ? -2.759  -5.918  27.828  1.00 23.59 ? 34  LYS A NZ    1 
ATOM 557  N N     . ARG B 2 14 ? -7.567  -9.847  23.929  1.00 8.81  ? 35  ARG A N     1 
ATOM 558  C CA    . ARG B 2 14 ? -7.439  -10.231 22.535  1.00 2.00  ? 35  ARG A CA    1 
ATOM 559  C C     . ARG B 2 14 ? -8.300  -9.247  21.819  1.00 2.00  ? 35  ARG A C     1 
ATOM 560  O O     . ARG B 2 14 ? -7.779  -8.384  21.167  1.00 23.42 ? 35  ARG A O     1 
ATOM 561  C CB    . ARG B 2 14 ? -7.950  -11.644 22.275  1.00 2.00  ? 35  ARG A CB    1 
ATOM 562  C CG    . ARG B 2 14 ? -8.163  -11.960 20.787  1.00 2.00  ? 35  ARG A CG    1 
ATOM 563  C CD    . ARG B 2 14 ? -8.721  -13.357 20.493  1.00 2.00  ? 35  ARG A CD    1 
ATOM 564  N NE    . ARG B 2 14 ? -10.007 -13.306 19.783  1.00 2.31  ? 35  ARG A NE    1 
ATOM 565  C CZ    . ARG B 2 14 ? -10.190 -12.828 18.537  1.00 20.93 ? 35  ARG A CZ    1 
ATOM 566  N NH1   . ARG B 2 14 ? -9.172  -12.335 17.821  1.00 8.73  ? 35  ARG A NH1   1 
ATOM 567  N NH2   . ARG B 2 14 ? -11.403 -12.867 17.971  1.00 18.33 ? 35  ARG A NH2   1 
ATOM 568  N N     . ARG B 2 15 ? -9.612  -9.288  22.021  1.00 2.00  ? 36  ARG A N     1 
ATOM 569  C CA    . ARG B 2 15 ? -10.513 -8.336  21.333  1.00 11.60 ? 36  ARG A CA    1 
ATOM 570  C C     . ARG B 2 15 ? -10.064 -6.851  21.240  1.00 16.75 ? 36  ARG A C     1 
ATOM 571  O O     . ARG B 2 15 ? -10.310 -6.192  20.214  1.00 28.71 ? 36  ARG A O     1 
ATOM 572  C CB    . ARG B 2 15 ? -11.897 -8.372  21.943  1.00 11.51 ? 36  ARG A CB    1 
ATOM 573  C CG    . ARG B 2 15 ? -12.615 -9.646  21.805  1.00 2.00  ? 36  ARG A CG    1 
ATOM 574  C CD    . ARG B 2 15 ? -13.959 -9.430  22.412  1.00 13.51 ? 36  ARG A CD    1 
ATOM 575  N NE    . ARG B 2 15 ? -14.077 -9.949  23.764  1.00 8.69  ? 36  ARG A NE    1 
ATOM 576  C CZ    . ARG B 2 15 ? -14.677 -11.108 24.031  1.00 17.48 ? 36  ARG A CZ    1 
ATOM 577  N NH1   . ARG B 2 15 ? -15.189 -11.821 23.018  1.00 5.38  ? 36  ARG A NH1   1 
ATOM 578  N NH2   . ARG B 2 15 ? -14.771 -11.563 25.290  1.00 5.14  ? 36  ARG A NH2   1 
ATOM 579  N N     . ASP B 2 16 ? -9.507  -6.302  22.323  1.00 15.37 ? 37  ASP A N     1 
ATOM 580  C CA    . ASP B 2 16 ? -8.999  -4.927  22.305  1.00 17.05 ? 37  ASP A CA    1 
ATOM 581  C C     . ASP B 2 16 ? -7.955  -4.908  21.214  1.00 11.53 ? 37  ASP A C     1 
ATOM 582  O O     . ASP B 2 16 ? -8.006  -4.096  20.295  1.00 15.85 ? 37  ASP A O     1 
ATOM 583  C CB    . ASP B 2 16 ? -8.258  -4.582  23.593  1.00 24.08 ? 37  ASP A CB    1 
ATOM 584  C CG    . ASP B 2 16 ? -9.129  -3.937  24.605  1.00 25.22 ? 37  ASP A CG    1 
ATOM 585  O OD1   . ASP B 2 16 ? -9.826  -2.968  24.237  1.00 35.35 ? 37  ASP A OD1   1 
ATOM 586  O OD2   . ASP B 2 16 ? -9.096  -4.389  25.770  1.00 24.41 ? 37  ASP A OD2   1 
ATOM 587  N N     . HIS B 2 17 ? -7.032  -5.859  21.313  1.00 2.00  ? 38  HIS A N     1 
ATOM 588  C CA    . HIS B 2 17 ? -5.933  -6.011  20.362  1.00 10.42 ? 38  HIS A CA    1 
ATOM 589  C C     . HIS B 2 17 ? -6.366  -5.882  18.921  1.00 16.19 ? 38  HIS A C     1 
ATOM 590  O O     . HIS B 2 17 ? -5.548  -5.597  18.060  1.00 32.83 ? 38  HIS A O     1 
ATOM 591  C CB    . HIS B 2 17 ? -5.281  -7.346  20.541  1.00 15.88 ? 38  HIS A CB    1 
ATOM 592  C CG    . HIS B 2 17 ? -3.868  -7.382  20.101  1.00 24.67 ? 38  HIS A CG    1 
ATOM 593  N ND1   . HIS B 2 17 ? -3.466  -6.910  18.876  1.00 20.70 ? 38  HIS A ND1   1 
ATOM 594  C CD2   . HIS B 2 17 ? -2.761  -7.868  20.711  1.00 34.46 ? 38  HIS A CD2   1 
ATOM 595  C CE1   . HIS B 2 17 ? -2.168  -7.109  18.743  1.00 37.12 ? 38  HIS A CE1   1 
ATOM 596  N NE2   . HIS B 2 17 ? -1.716  -7.690  19.844  1.00 36.37 ? 38  HIS A NE2   1 
ATOM 597  N N     . ILE B 2 18 ? -7.639  -6.117  18.638  1.00 13.97 ? 39  ILE A N     1 
ATOM 598  C CA    . ILE B 2 18 ? -8.096  -5.941  17.284  1.00 10.92 ? 39  ILE A CA    1 
ATOM 599  C C     . ILE B 2 18 ? -8.583  -4.470  17.212  1.00 9.82  ? 39  ILE A C     1 
ATOM 600  O O     . ILE B 2 18 ? -7.906  -3.641  16.600  1.00 9.00  ? 39  ILE A O     1 
ATOM 601  C CB    . ILE B 2 18 ? -9.155  -6.999  16.898  1.00 6.99  ? 39  ILE A CB    1 
ATOM 602  C CG1   . ILE B 2 18 ? -8.706  -8.365  17.399  1.00 2.00  ? 39  ILE A CG1   1 
ATOM 603  C CG2   . ILE B 2 18 ? -9.252  -7.130  15.380  1.00 2.00  ? 39  ILE A CG2   1 
ATOM 604  C CD1   . ILE B 2 18 ? -7.494  -8.888  16.727  1.00 11.16 ? 39  ILE A CD1   1 
ATOM 605  N N     . LYS B 2 19 ? -9.652  -4.113  17.929  1.00 4.97  ? 40  LYS A N     1 
ATOM 606  C CA    . LYS B 2 19 ? -10.169 -2.724  17.927  1.00 8.93  ? 40  LYS A CA    1 
ATOM 607  C C     . LYS B 2 19 ? -9.066  -1.660  17.911  1.00 13.08 ? 40  LYS A C     1 
ATOM 608  O O     . LYS B 2 19 ? -9.300  -0.510  17.569  1.00 32.77 ? 40  LYS A O     1 
ATOM 609  C CB    . LYS B 2 19 ? -11.051 -2.459  19.143  1.00 2.00  ? 40  LYS A CB    1 
ATOM 610  C CG    . LYS B 2 19 ? -11.293 -0.994  19.395  1.00 2.00  ? 40  LYS A CG    1 
ATOM 611  C CD    . LYS B 2 19 ? -11.163 -0.624  20.872  1.00 16.23 ? 40  LYS A CD    1 
ATOM 612  C CE    . LYS B 2 19 ? -9.866  -1.140  21.559  1.00 15.70 ? 40  LYS A CE    1 
ATOM 613  N NZ    . LYS B 2 19 ? -9.741  -0.732  23.025  1.00 3.39  ? 40  LYS A NZ    1 
ATOM 614  N N     . ASP B 2 20 ? -7.892  -1.985  18.418  1.00 17.84 ? 41  ASP A N     1 
ATOM 615  C CA    . ASP B 2 20 ? -6.829  -1.022  18.329  1.00 10.05 ? 41  ASP A CA    1 
ATOM 616  C C     . ASP B 2 20 ? -6.141  -1.347  17.015  1.00 17.44 ? 41  ASP A C     1 
ATOM 617  O O     . ASP B 2 20 ? -6.287  -0.579  16.064  1.00 19.67 ? 41  ASP A O     1 
ATOM 618  C CB    . ASP B 2 20 ? -5.888  -1.089  19.513  1.00 11.83 ? 41  ASP A CB    1 
ATOM 619  C CG    . ASP B 2 20 ? -6.557  -0.647  20.807  1.00 20.57 ? 41  ASP A CG    1 
ATOM 620  O OD1   . ASP B 2 20 ? -7.386  0.301   20.760  1.00 4.25  ? 41  ASP A OD1   1 
ATOM 621  O OD2   . ASP B 2 20 ? -6.263  -1.267  21.862  1.00 18.23 ? 41  ASP A OD2   1 
ATOM 622  N N     . SER B 2 21 ? -5.572  -2.545  16.875  1.00 11.14 ? 42  SER A N     1 
ATOM 623  C CA    . SER B 2 21 ? -4.895  -2.848  15.610  1.00 18.07 ? 42  SER A CA    1 
ATOM 624  C C     . SER B 2 21 ? -5.813  -2.781  14.351  1.00 18.05 ? 42  SER A C     1 
ATOM 625  O O     . SER B 2 21 ? -5.339  -2.900  13.199  1.00 24.21 ? 42  SER A O     1 
ATOM 626  C CB    . SER B 2 21 ? -4.040  -4.144  15.712  1.00 27.05 ? 42  SER A CB    1 
ATOM 627  O OG    . SER B 2 21 ? -2.920  -4.014  16.639  1.00 10.10 ? 42  SER A OG    1 
ATOM 628  N N     . PHE B 2 22 ? -7.082  -2.402  14.557  1.00 19.95 ? 43  PHE A N     1 
ATOM 629  C CA    . PHE B 2 22 ? -8.024  -2.264  13.434  1.00 24.55 ? 43  PHE A CA    1 
ATOM 630  C C     . PHE B 2 22 ? -7.969  -0.899  12.843  1.00 24.18 ? 43  PHE A C     1 
ATOM 631  O O     . PHE B 2 22 ? -7.943  -0.774  11.621  1.00 36.28 ? 43  PHE A O     1 
ATOM 632  C CB    . PHE B 2 22 ? -9.473  -2.551  13.800  1.00 27.05 ? 43  PHE A CB    1 
ATOM 633  C CG    . PHE B 2 22 ? -10.148 -3.480  12.830  1.00 19.66 ? 43  PHE A CG    1 
ATOM 634  C CD1   . PHE B 2 22 ? -10.734 -2.998  11.696  1.00 9.23  ? 43  PHE A CD1   1 
ATOM 635  C CD2   . PHE B 2 22 ? -10.117 -4.858  13.032  1.00 16.30 ? 43  PHE A CD2   1 
ATOM 636  C CE1   . PHE B 2 22 ? -11.273 -3.881  10.772  1.00 17.83 ? 43  PHE A CE1   1 
ATOM 637  C CE2   . PHE B 2 22 ? -10.655 -5.739  12.112  1.00 18.77 ? 43  PHE A CE2   1 
ATOM 638  C CZ    . PHE B 2 22 ? -11.229 -5.258  10.984  1.00 3.76  ? 43  PHE A CZ    1 
ATOM 639  N N     . HIS B 2 23 ? -8.009  0.131   13.692  1.00 24.23 ? 44  HIS A N     1 
ATOM 640  C CA    . HIS B 2 23 ? -7.900  1.506   13.186  1.00 24.89 ? 44  HIS A CA    1 
ATOM 641  C C     . HIS B 2 23 ? -6.502  1.668   12.566  1.00 21.47 ? 44  HIS A C     1 
ATOM 642  O O     . HIS B 2 23 ? -6.304  2.459   11.645  1.00 18.30 ? 44  HIS A O     1 
ATOM 643  C CB    . HIS B 2 23 ? -8.091  2.519   14.287  1.00 23.35 ? 44  HIS A CB    1 
ATOM 644  C CG    . HIS B 2 23 ? -6.978  2.541   15.268  1.00 32.03 ? 44  HIS A CG    1 
ATOM 645  N ND1   . HIS B 2 23 ? -7.071  1.946   16.509  1.00 40.54 ? 44  HIS A ND1   1 
ATOM 646  C CD2   . HIS B 2 23 ? -5.728  3.054   15.185  1.00 43.63 ? 44  HIS A CD2   1 
ATOM 647  C CE1   . HIS B 2 23 ? -5.923  2.088   17.148  1.00 50.51 ? 44  HIS A CE1   1 
ATOM 648  N NE2   . HIS B 2 23 ? -5.089  2.754   16.367  1.00 52.92 ? 44  HIS A NE2   1 
ATOM 649  N N     . SER B 2 24 ? -5.542  0.909   13.089  1.00 18.64 ? 45  SER A N     1 
ATOM 650  C CA    . SER B 2 24 ? -4.188  0.912   12.561  1.00 23.49 ? 45  SER A CA    1 
ATOM 651  C C     . SER B 2 24 ? -4.347  0.555   11.087  1.00 18.98 ? 45  SER A C     1 
ATOM 652  O O     . SER B 2 24 ? -3.646  1.141   10.259  1.00 18.58 ? 45  SER A O     1 
ATOM 653  C CB    . SER B 2 24 ? -3.270  -0.069  13.321  1.00 31.13 ? 45  SER A CB    1 
ATOM 654  O OG    . SER B 2 24 ? -3.160  0.256   14.730  1.00 28.42 ? 45  SER A OG    1 
ATOM 655  N N     . LEU B 2 25 ? -5.295  -0.342  10.747  1.00 19.48 ? 46  LEU A N     1 
ATOM 656  C CA    . LEU B 2 25 ? -5.547  -0.637  9.307   1.00 10.80 ? 46  LEU A CA    1 
ATOM 657  C C     . LEU B 2 25 ? -6.280  0.539   8.643   1.00 16.00 ? 46  LEU A C     1 
ATOM 658  O O     . LEU B 2 25 ? -5.754  1.121   7.705   1.00 29.51 ? 46  LEU A O     1 
ATOM 659  C CB    . LEU B 2 25 ? -6.381  -1.897  9.057   1.00 2.00  ? 46  LEU A CB    1 
ATOM 660  C CG    . LEU B 2 25 ? -6.089  -2.664  7.739   1.00 11.17 ? 46  LEU A CG    1 
ATOM 661  C CD1   . LEU B 2 25 ? -7.295  -3.401  7.148   1.00 7.33  ? 46  LEU A CD1   1 
ATOM 662  C CD2   . LEU B 2 25 ? -5.573  -1.757  6.688   1.00 8.15  ? 46  LEU A CD2   1 
ATOM 663  N N     . ARG B 2 26 ? -7.490  0.879   9.104   1.00 30.17 ? 47  ARG A N     1 
ATOM 664  C CA    . ARG B 2 26 ? -8.280  2.006   8.523   1.00 33.20 ? 47  ARG A CA    1 
ATOM 665  C C     . ARG B 2 26 ? -7.516  3.327   8.264   1.00 36.15 ? 47  ARG A C     1 
ATOM 666  O O     . ARG B 2 26 ? -7.425  3.779   7.117   1.00 22.16 ? 47  ARG A O     1 
ATOM 667  C CB    . ARG B 2 26 ? -9.499  2.341   9.392   1.00 34.51 ? 47  ARG A CB    1 
ATOM 668  C CG    . ARG B 2 26 ? -10.117 3.708   9.088   1.00 13.80 ? 47  ARG A CG    1 
ATOM 669  C CD    . ARG B 2 26 ? -11.313 3.946   9.962   1.00 20.75 ? 47  ARG A CD    1 
ATOM 670  N NE    . ARG B 2 26 ? -10.993 4.756   11.136  1.00 22.37 ? 47  ARG A NE    1 
ATOM 671  C CZ    . ARG B 2 26 ? -11.169 4.372   12.399  1.00 19.40 ? 47  ARG A CZ    1 
ATOM 672  N NH1   . ARG B 2 26 ? -11.649 3.172   12.677  1.00 17.88 ? 47  ARG A NH1   1 
ATOM 673  N NH2   . ARG B 2 26 ? -10.956 5.225   13.394  1.00 28.98 ? 47  ARG A NH2   1 
ATOM 674  N N     . ASP B 2 27 ? -7.052  3.970   9.346   1.00 32.66 ? 48  ASP A N     1 
ATOM 675  C CA    . ASP B 2 27 ? -6.298  5.218   9.259   1.00 21.19 ? 48  ASP A CA    1 
ATOM 676  C C     . ASP B 2 27 ? -5.112  4.934   8.332   1.00 21.38 ? 48  ASP A C     1 
ATOM 677  O O     . ASP B 2 27 ? -4.652  5.820   7.617   1.00 22.55 ? 48  ASP A O     1 
ATOM 678  C CB    . ASP B 2 27 ? -5.850  5.718   10.657  1.00 17.95 ? 48  ASP A CB    1 
ATOM 679  C CG    . ASP B 2 27 ? -7.014  6.403   11.494  1.00 21.19 ? 48  ASP A CG    1 
ATOM 680  O OD1   . ASP B 2 27 ? -8.201  6.454   11.093  1.00 16.46 ? 48  ASP A OD1   1 
ATOM 681  O OD2   . ASP B 2 27 ? -6.737  6.906   12.597  1.00 16.86 ? 48  ASP A OD2   1 
ATOM 682  N N     . SER B 2 28 ? -4.681  3.673   8.254   1.00 24.46 ? 49  SER A N     1 
ATOM 683  C CA    . SER B 2 28 ? -3.590  3.337   7.337   1.00 25.12 ? 49  SER A CA    1 
ATOM 684  C C     . SER B 2 28 ? -4.103  3.403   5.893   1.00 27.32 ? 49  SER A C     1 
ATOM 685  O O     . SER B 2 28 ? -3.607  2.702   4.996   1.00 13.04 ? 49  SER A O     1 
ATOM 686  C CB    . SER B 2 28 ? -3.005  1.948   7.673   1.00 29.46 ? 49  SER A CB    1 
ATOM 687  O OG    . SER B 2 28 ? -2.573  1.217   6.541   1.00 22.29 ? 49  SER A OG    1 
ATOM 688  N N     . VAL B 2 29 ? -5.158  4.184   5.679   1.00 15.94 ? 50  VAL A N     1 
ATOM 689  C CA    . VAL B 2 29 ? -5.708  4.352   4.338   1.00 30.19 ? 50  VAL A CA    1 
ATOM 690  C C     . VAL B 2 29 ? -6.449  5.666   4.228   1.00 33.54 ? 50  VAL A C     1 
ATOM 691  O O     . VAL B 2 29 ? -7.005  6.177   5.207   1.00 32.44 ? 50  VAL A O     1 
ATOM 692  C CB    . VAL B 2 29 ? -6.731  3.250   3.899   1.00 23.30 ? 50  VAL A CB    1 
ATOM 693  C CG1   . VAL B 2 29 ? -6.439  1.906   4.562   1.00 33.93 ? 50  VAL A CG1   1 
ATOM 694  C CG2   . VAL B 2 29 ? -8.163  3.702   4.154   1.00 13.75 ? 50  VAL A CG2   1 
ATOM 695  N N     . PRO B 2 30 ? -6.370  6.285   3.046   1.00 36.46 ? 51  PRO A N     1 
ATOM 696  C CA    . PRO B 2 30 ? -7.038  7.549   2.751   1.00 29.39 ? 51  PRO A CA    1 
ATOM 697  C C     . PRO B 2 30 ? -8.301  7.029   2.047   1.00 31.26 ? 51  PRO A C     1 
ATOM 698  O O     . PRO B 2 30 ? -8.271  5.930   1.502   1.00 33.03 ? 51  PRO A O     1 
ATOM 699  C CB    . PRO B 2 30 ? -6.056  8.217   1.801   1.00 25.10 ? 51  PRO A CB    1 
ATOM 700  C CG    . PRO B 2 30 ? -5.565  7.080   0.999   1.00 24.32 ? 51  PRO A CG    1 
ATOM 701  C CD    . PRO B 2 30 ? -5.389  5.949   1.998   1.00 21.28 ? 51  PRO A CD    1 
ATOM 702  N N     . SER B 2 31 ? -9.400  7.772   2.115   1.00 27.61 ? 52  SER A N     1 
ATOM 703  C CA    . SER B 2 31 ? -10.685 7.372   1.522   1.00 23.63 ? 52  SER A CA    1 
ATOM 704  C C     . SER B 2 31 ? -11.566 6.762   2.591   1.00 18.52 ? 52  SER A C     1 
ATOM 705  O O     . SER B 2 31 ? -12.336 5.842   2.354   1.00 22.46 ? 52  SER A O     1 
ATOM 706  C CB    . SER B 2 31 ? -10.558 6.441   0.274   1.00 23.76 ? 52  SER A CB    1 
ATOM 707  O OG    . SER B 2 31 ? -10.311 5.061   0.532   1.00 2.00  ? 52  SER A OG    1 
ATOM 708  N N     . LEU B 2 32 ? -11.377 7.266   3.796   1.00 22.96 ? 53  LEU A N     1 
ATOM 709  C CA    . LEU B 2 32 ? -12.145 6.860   4.964   1.00 29.13 ? 53  LEU A CA    1 
ATOM 710  C C     . LEU B 2 32 ? -12.319 8.109   5.832   1.00 40.08 ? 53  LEU A C     1 
ATOM 711  O O     . LEU B 2 32 ? -13.085 8.116   6.797   1.00 41.34 ? 53  LEU A O     1 
ATOM 712  C CB    . LEU B 2 32 ? -11.398 5.787   5.732   1.00 15.56 ? 53  LEU A CB    1 
ATOM 713  C CG    . LEU B 2 32 ? -11.585 4.373   5.210   1.00 6.88  ? 53  LEU A CG    1 
ATOM 714  C CD1   . LEU B 2 32 ? -10.735 3.382   6.000   1.00 6.83  ? 53  LEU A CD1   1 
ATOM 715  C CD2   . LEU B 2 32 ? -13.035 4.035   5.378   1.00 18.95 ? 53  LEU A CD2   1 
ATOM 716  N N     . GLN B 2 33 ? -11.658 9.187   5.402   1.00 48.49 ? 54  GLN A N     1 
ATOM 717  C CA    . GLN B 2 33 ? -11.663 10.474  6.081   1.00 48.65 ? 54  GLN A CA    1 
ATOM 718  C C     . GLN B 2 33 ? -11.671 10.339  7.611   1.00 54.74 ? 54  GLN A C     1 
ATOM 719  O O     . GLN B 2 33 ? -12.623 10.733  8.295   1.00 59.12 ? 54  GLN A O     1 
ATOM 720  C CB    . GLN B 2 33 ? -12.763 11.400  5.503   1.00 53.75 ? 54  GLN A CB    1 
ATOM 721  C CG    . GLN B 2 33 ? -14.038 11.711  6.327   1.00 51.54 ? 54  GLN A CG    1 
ATOM 722  C CD    . GLN B 2 33 ? -15.196 10.756  6.082   1.00 47.48 ? 54  GLN A CD    1 
ATOM 723  O OE1   . GLN B 2 33 ? -16.356 11.092  6.351   1.00 40.07 ? 54  GLN A OE1   1 
ATOM 724  N NE2   . GLN B 2 33 ? -14.896 9.575   5.550   1.00 43.08 ? 54  GLN A NE2   1 
ATOM 725  N N     . GLY B 2 34 ? -10.606 9.714   8.123   1.00 48.65 ? 55  GLY A N     1 
ATOM 726  C CA    . GLY B 2 34 ? -10.445 9.515   9.556   1.00 37.09 ? 55  GLY A CA    1 
ATOM 727  C C     . GLY B 2 34 ? -11.726 9.414   10.368  1.00 34.15 ? 55  GLY A C     1 
ATOM 728  O O     . GLY B 2 34 ? -11.825 10.009  11.455  1.00 19.71 ? 55  GLY A O     1 
ATOM 729  N N     . GLU B 2 35 ? -12.724 8.709   9.833   1.00 28.07 ? 56  GLU A N     1 
ATOM 730  C CA    . GLU B 2 35 ? -13.971 8.554   10.561  1.00 39.00 ? 56  GLU A CA    1 
ATOM 731  C C     . GLU B 2 35 ? -14.918 7.414   10.198  1.00 29.61 ? 56  GLU A C     1 
ATOM 732  O O     . GLU B 2 35 ? -15.101 7.081   9.037   1.00 25.24 ? 56  GLU A O     1 
ATOM 733  C CB    . GLU B 2 35 ? -14.723 9.894   10.663  1.00 40.35 ? 56  GLU A CB    1 
ATOM 734  C CG    . GLU B 2 35 ? -14.663 10.454  12.092  1.00 45.66 ? 56  GLU A CG    1 
ATOM 735  C CD    . GLU B 2 35 ? -15.329 11.796  12.261  1.00 44.42 ? 56  GLU A CD    1 
ATOM 736  O OE1   . GLU B 2 35 ? -14.859 12.755  11.609  1.00 44.70 ? 56  GLU A OE1   1 
ATOM 737  O OE2   . GLU B 2 35 ? -16.291 11.887  13.072  1.00 42.90 ? 56  GLU A OE2   1 
ATOM 738  N N     . LYS B 2 36 ? -15.507 6.842   11.249  1.00 28.26 ? 57  LYS A N     1 
ATOM 739  C CA    . LYS B 2 36 ? -16.469 5.741   11.200  1.00 35.66 ? 57  LYS A CA    1 
ATOM 740  C C     . LYS B 2 36 ? -16.340 4.719   10.044  1.00 38.70 ? 57  LYS A C     1 
ATOM 741  O O     . LYS B 2 36 ? -15.239 4.485   9.546   1.00 42.45 ? 57  LYS A O     1 
ATOM 742  C CB    . LYS B 2 36 ? -17.900 6.297   11.320  1.00 37.46 ? 57  LYS A CB    1 
ATOM 743  C CG    . LYS B 2 36 ? -18.324 7.253   10.216  1.00 33.21 ? 57  LYS A CG    1 
ATOM 744  C CD    . LYS B 2 36 ? -19.803 7.589   10.305  1.00 25.65 ? 57  LYS A CD    1 
ATOM 745  C CE    . LYS B 2 36 ? -20.136 8.329   11.596  1.00 27.70 ? 57  LYS A CE    1 
ATOM 746  N NZ    . LYS B 2 36 ? -20.955 9.573   11.329  1.00 26.04 ? 57  LYS A NZ    1 
ATOM 747  N N     . ALA B 2 37 ? -17.459 4.088   9.668   1.00 36.22 ? 58  ALA A N     1 
ATOM 748  C CA    . ALA B 2 37 ? -17.527 3.080   8.606   1.00 23.70 ? 58  ALA A CA    1 
ATOM 749  C C     . ALA B 2 37 ? -17.184 1.677   9.118   1.00 22.42 ? 58  ALA A C     1 
ATOM 750  O O     . ALA B 2 37 ? -16.123 1.440   9.681   1.00 15.88 ? 58  ALA A O     1 
ATOM 751  C CB    . ALA B 2 37 ? -16.647 3.465   7.407   1.00 30.45 ? 58  ALA A CB    1 
ATOM 752  N N     . SER B 2 38 ? -18.115 0.757   8.900   1.00 21.39 ? 59  SER A N     1 
ATOM 753  C CA    . SER B 2 38 ? -18.026 -0.639  9.323   1.00 24.85 ? 59  SER A CA    1 
ATOM 754  C C     . SER B 2 38 ? -16.609 -1.194  9.449   1.00 22.20 ? 59  SER A C     1 
ATOM 755  O O     . SER B 2 38 ? -15.721 -0.802  8.709   1.00 29.24 ? 59  SER A O     1 
ATOM 756  C CB    . SER B 2 38 ? -18.819 -1.541  8.337   1.00 34.72 ? 59  SER A CB    1 
ATOM 757  O OG    . SER B 2 38 ? -19.946 -0.902  7.723   1.00 25.96 ? 59  SER A OG    1 
ATOM 758  N N     . ARG B 2 39 ? -16.415 -2.170  10.334  1.00 29.98 ? 60  ARG A N     1 
ATOM 759  C CA    . ARG B 2 39 ? -15.099 -2.803  10.465  1.00 21.34 ? 60  ARG A CA    1 
ATOM 760  C C     . ARG B 2 39 ? -15.207 -3.995  9.563   1.00 24.40 ? 60  ARG A C     1 
ATOM 761  O O     . ARG B 2 39 ? -14.606 -5.038  9.790   1.00 33.36 ? 60  ARG A O     1 
ATOM 762  C CB    . ARG B 2 39 ? -14.737 -3.200  11.916  1.00 15.62 ? 60  ARG A CB    1 
ATOM 763  C CG    . ARG B 2 39 ? -14.965 -4.637  12.378  1.00 2.00  ? 60  ARG A CG    1 
ATOM 764  C CD    . ARG B 2 39 ? -14.044 -4.900  13.594  1.00 18.69 ? 60  ARG A CD    1 
ATOM 765  N NE    . ARG B 2 39 ? -14.653 -5.722  14.651  1.00 20.37 ? 60  ARG A NE    1 
ATOM 766  C CZ    . ARG B 2 39 ? -14.379 -5.615  15.959  1.00 23.55 ? 60  ARG A CZ    1 
ATOM 767  N NH1   . ARG B 2 39 ? -13.507 -4.711  16.399  1.00 25.28 ? 60  ARG A NH1   1 
ATOM 768  N NH2   . ARG B 2 39 ? -14.960 -6.429  16.840  1.00 16.63 ? 60  ARG A NH2   1 
ATOM 769  N N     . ALA B 2 40 ? -16.070 -3.837  8.568   1.00 25.10 ? 61  ALA A N     1 
ATOM 770  C CA    . ALA B 2 40 ? -16.313 -4.832  7.541   1.00 31.24 ? 61  ALA A CA    1 
ATOM 771  C C     . ALA B 2 40 ? -15.884 -4.140  6.232   1.00 30.82 ? 61  ALA A C     1 
ATOM 772  O O     . ALA B 2 40 ? -15.470 -4.792  5.295   1.00 21.57 ? 61  ALA A O     1 
ATOM 773  C CB    . ALA B 2 40 ? -17.800 -5.193  7.510   1.00 7.09  ? 61  ALA A CB    1 
ATOM 774  N N     . GLN B 2 41 ? -15.910 -2.801  6.232   1.00 36.57 ? 62  GLN A N     1 
ATOM 775  C CA    . GLN B 2 41 ? -15.557 -1.965  5.071   1.00 36.03 ? 62  GLN A CA    1 
ATOM 776  C C     . GLN B 2 41 ? -14.095 -1.492  5.170   1.00 38.28 ? 62  GLN A C     1 
ATOM 777  O O     . GLN B 2 41 ? -13.477 -1.116  4.176   1.00 47.30 ? 62  GLN A O     1 
ATOM 778  C CB    . GLN B 2 41 ? -16.518 -0.765  4.963   1.00 30.70 ? 62  GLN A CB    1 
ATOM 779  C CG    . GLN B 2 41 ? -16.985 -0.414  3.522   1.00 24.40 ? 62  GLN A CG    1 
ATOM 780  C CD    . GLN B 2 41 ? -18.515 -0.526  3.296   1.00 23.79 ? 62  GLN A CD    1 
ATOM 781  O OE1   . GLN B 2 41 ? -18.944 -1.024  2.253   1.00 9.56  ? 62  GLN A OE1   1 
ATOM 782  N NE2   . GLN B 2 41 ? -19.330 -0.049  4.263   1.00 6.92  ? 62  GLN A NE2   1 
ATOM 783  N N     . ILE B 2 42 ? -13.563 -1.476  6.385   1.00 35.70 ? 63  ILE A N     1 
ATOM 784  C CA    . ILE B 2 42 ? -12.165 -1.123  6.603   1.00 8.39  ? 63  ILE A CA    1 
ATOM 785  C C     . ILE B 2 42 ? -11.462 -2.277  5.877   1.00 6.39  ? 63  ILE A C     1 
ATOM 786  O O     . ILE B 2 42 ? -10.311 -2.179  5.486   1.00 7.38  ? 63  ILE A O     1 
ATOM 787  C CB    . ILE B 2 42 ? -11.817 -1.220  8.108   1.00 15.95 ? 63  ILE A CB    1 
ATOM 788  C CG1   . ILE B 2 42 ? -12.853 -0.447  8.934   1.00 19.66 ? 63  ILE A CG1   1 
ATOM 789  C CG2   . ILE B 2 42 ? -10.372 -0.797  8.363   1.00 11.58 ? 63  ILE A CG2   1 
ATOM 790  C CD1   . ILE B 2 42 ? -12.504 -0.199  10.399  1.00 25.43 ? 63  ILE A CD1   1 
ATOM 791  N N     . LEU B 2 43 ? -12.138 -3.416  5.802   1.00 2.00  ? 64  LEU A N     1 
ATOM 792  C CA    . LEU B 2 43 ? -11.571 -4.524  5.115   1.00 3.93  ? 64  LEU A CA    1 
ATOM 793  C C     . LEU B 2 43 ? -11.831 -4.195  3.648   1.00 24.80 ? 64  LEU A C     1 
ATOM 794  O O     . LEU B 2 43 ? -10.880 -4.036  2.886   1.00 37.92 ? 64  LEU A O     1 
ATOM 795  C CB    . LEU B 2 43 ? -12.251 -5.837  5.489   1.00 11.01 ? 64  LEU A CB    1 
ATOM 796  C CG    . LEU B 2 43 ? -12.104 -6.525  6.845   1.00 10.92 ? 64  LEU A CG    1 
ATOM 797  C CD1   . LEU B 2 43 ? -12.253 -8.016  6.586   1.00 10.99 ? 64  LEU A CD1   1 
ATOM 798  C CD2   . LEU B 2 43 ? -10.749 -6.280  7.468   1.00 19.40 ? 64  LEU A CD2   1 
ATOM 799  N N     . ASP B 2 44 ? -13.105 -4.008  3.271   1.00 33.69 ? 65  ASP A N     1 
ATOM 800  C CA    . ASP B 2 44 ? -13.473 -3.705  1.873   1.00 30.75 ? 65  ASP A CA    1 
ATOM 801  C C     . ASP B 2 44 ? -12.481 -2.705  1.283   1.00 25.37 ? 65  ASP A C     1 
ATOM 802  O O     . ASP B 2 44 ? -11.471 -3.090  0.679   1.00 23.47 ? 65  ASP A O     1 
ATOM 803  C CB    . ASP B 2 44 ? -14.907 -3.114  1.733   1.00 29.61 ? 65  ASP A CB    1 
ATOM 804  C CG    . ASP B 2 44 ? -16.031 -4.122  2.062   1.00 31.25 ? 65  ASP A CG    1 
ATOM 805  O OD1   . ASP B 2 44 ? -15.895 -5.326  1.733   1.00 25.22 ? 65  ASP A OD1   1 
ATOM 806  O OD2   . ASP B 2 44 ? -17.069 -3.692  2.634   1.00 24.95 ? 65  ASP A OD2   1 
ATOM 807  N N     . LYS B 2 45 ? -12.702 -1.433  1.586   1.00 18.09 ? 66  LYS A N     1 
ATOM 808  C CA    . LYS B 2 45 ? -11.866 -0.376  1.052   1.00 19.56 ? 66  LYS A CA    1 
ATOM 809  C C     . LYS B 2 45 ? -10.409 -0.773  0.940   1.00 23.33 ? 66  LYS A C     1 
ATOM 810  O O     . LYS B 2 45 ? -9.912  -0.985  -0.175  1.00 36.36 ? 66  LYS A O     1 
ATOM 811  C CB    . LYS B 2 45 ? -12.048 0.955   1.817   1.00 21.53 ? 66  LYS A CB    1 
ATOM 812  C CG    . LYS B 2 45 ? -13.512 1.502   1.860   1.00 10.81 ? 66  LYS A CG    1 
ATOM 813  C CD    . LYS B 2 45 ? -14.365 1.078   0.614   1.00 21.17 ? 66  LYS A CD    1 
ATOM 814  C CE    . LYS B 2 45 ? -14.019 1.854   -0.675  1.00 25.32 ? 66  LYS A CE    1 
ATOM 815  N NZ    . LYS B 2 45 ? -14.571 1.214   -1.901  1.00 4.11  ? 66  LYS A NZ    1 
ATOM 816  N N     . ALA B 2 46 ? -9.753  -1.024  2.062   1.00 25.98 ? 67  ALA A N     1 
ATOM 817  C CA    . ALA B 2 46 ? -8.349  -1.372  1.970   1.00 22.19 ? 67  ALA A CA    1 
ATOM 818  C C     . ALA B 2 46 ? -8.116  -2.602  1.089   1.00 26.47 ? 67  ALA A C     1 
ATOM 819  O O     . ALA B 2 46 ? -7.129  -2.644  0.353   1.00 36.91 ? 67  ALA A O     1 
ATOM 820  C CB    . ALA B 2 46 ? -7.731  -1.540  3.345   1.00 2.19  ? 67  ALA A CB    1 
ATOM 821  N N     . THR B 2 47 ? -9.065  -3.533  1.022   1.00 18.98 ? 68  THR A N     1 
ATOM 822  C CA    . THR B 2 47 ? -8.805  -4.716  0.206   1.00 20.68 ? 68  THR A CA    1 
ATOM 823  C C     . THR B 2 47 ? -8.641  -4.353  -1.247  1.00 18.69 ? 68  THR A C     1 
ATOM 824  O O     . THR B 2 47 ? -7.962  -5.046  -2.012  1.00 10.85 ? 68  THR A O     1 
ATOM 825  C CB    . THR B 2 47 ? -9.819  -5.838  0.399   1.00 22.76 ? 68  THR A CB    1 
ATOM 826  O OG1   . THR B 2 47 ? -9.157  -7.089  0.162   1.00 24.24 ? 68  THR A OG1   1 
ATOM 827  C CG2   . THR B 2 47 ? -11.005 -5.688  -0.544  1.00 27.61 ? 68  THR A CG2   1 
ATOM 828  N N     . GLU B 2 48 ? -9.218  -3.216  -1.608  1.00 26.07 ? 69  GLU A N     1 
ATOM 829  C CA    . GLU B 2 48 ? -9.097  -2.700  -2.970  1.00 32.24 ? 69  GLU A CA    1 
ATOM 830  C C     . GLU B 2 48 ? -7.726  -2.048  -3.071  1.00 29.97 ? 69  GLU A C     1 
ATOM 831  O O     . GLU B 2 48 ? -7.033  -2.163  -4.086  1.00 24.55 ? 69  GLU A O     1 
ATOM 832  C CB    . GLU B 2 48 ? -10.169 -1.637  -3.243  1.00 27.30 ? 69  GLU A CB    1 
ATOM 833  C CG    . GLU B 2 48 ? -11.325 -2.109  -4.093  1.00 29.80 ? 69  GLU A CG    1 
ATOM 834  C CD    . GLU B 2 48 ? -12.634 -1.684  -3.505  1.00 33.71 ? 69  GLU A CD    1 
ATOM 835  O OE1   . GLU B 2 48 ? -12.831 -0.460  -3.336  1.00 42.86 ? 69  GLU A OE1   1 
ATOM 836  O OE2   . GLU B 2 48 ? -13.451 -2.575  -3.173  1.00 36.55 ? 69  GLU A OE2   1 
ATOM 837  N N     . TYR B 2 49 ? -7.346  -1.372  -1.992  1.00 26.16 ? 70  TYR A N     1 
ATOM 838  C CA    . TYR B 2 49 ? -6.081  -0.662  -1.929  1.00 29.10 ? 70  TYR A CA    1 
ATOM 839  C C     . TYR B 2 49 ? -4.921  -1.531  -2.362  1.00 26.21 ? 70  TYR A C     1 
ATOM 840  O O     . TYR B 2 49 ? -3.914  -1.015  -2.830  1.00 23.99 ? 70  TYR A O     1 
ATOM 841  C CB    . TYR B 2 49 ? -5.830  -0.147  -0.522  1.00 34.29 ? 70  TYR A CB    1 
ATOM 842  C CG    . TYR B 2 49 ? -5.303  1.253   -0.456  1.00 28.52 ? 70  TYR A CG    1 
ATOM 843  C CD1   . TYR B 2 49 ? -3.937  1.521   -0.606  1.00 9.80  ? 70  TYR A CD1   1 
ATOM 844  C CD2   . TYR B 2 49 ? -6.185  2.321   -0.182  1.00 35.35 ? 70  TYR A CD2   1 
ATOM 845  C CE1   . TYR B 2 49 ? -3.456  2.827   -0.479  1.00 21.87 ? 70  TYR A CE1   1 
ATOM 846  C CE2   . TYR B 2 49 ? -5.726  3.631   -0.046  1.00 23.62 ? 70  TYR A CE2   1 
ATOM 847  C CZ    . TYR B 2 49 ? -4.372  3.882   -0.198  1.00 29.12 ? 70  TYR A CZ    1 
ATOM 848  O OH    . TYR B 2 49 ? -3.959  5.189   -0.101  1.00 18.88 ? 70  TYR A OH    1 
ATOM 849  N N     . ILE B 2 50 ? -5.001  -2.834  -2.130  1.00 24.98 ? 71  ILE A N     1 
ATOM 850  C CA    . ILE B 2 50 ? -3.901  -3.655  -2.601  1.00 30.31 ? 71  ILE A CA    1 
ATOM 851  C C     . ILE B 2 50 ? -4.019  -3.698  -4.134  1.00 38.22 ? 71  ILE A C     1 
ATOM 852  O O     . ILE B 2 50 ? -3.034  -3.417  -4.829  1.00 51.94 ? 71  ILE A O     1 
ATOM 853  C CB    . ILE B 2 50 ? -3.843  -5.067  -1.958  1.00 20.37 ? 71  ILE A CB    1 
ATOM 854  C CG1   . ILE B 2 50 ? -2.805  -5.080  -0.835  1.00 23.64 ? 71  ILE A CG1   1 
ATOM 855  C CG2   . ILE B 2 50 ? -3.395  -6.090  -2.956  1.00 2.44  ? 71  ILE A CG2   1 
ATOM 856  C CD1   . ILE B 2 50 ? -3.356  -4.900  0.557   1.00 19.72 ? 71  ILE A CD1   1 
ATOM 857  N N     . GLN B 2 51 ? -5.224  -3.943  -4.659  1.00 33.30 ? 72  GLN A N     1 
ATOM 858  C CA    . GLN B 2 51 ? -5.397  -3.965  -6.105  1.00 23.27 ? 72  GLN A CA    1 
ATOM 859  C C     . GLN B 2 51 ? -4.719  -2.715  -6.619  1.00 30.21 ? 72  GLN A C     1 
ATOM 860  O O     . GLN B 2 51 ? -3.862  -2.803  -7.488  1.00 37.32 ? 72  GLN A O     1 
ATOM 861  C CB    . GLN B 2 51 ? -6.861  -3.902  -6.550  1.00 17.98 ? 72  GLN A CB    1 
ATOM 862  C CG    . GLN B 2 51 ? -6.975  -4.008  -8.078  1.00 16.79 ? 72  GLN A CG    1 
ATOM 863  C CD    . GLN B 2 51 ? -8.060  -3.135  -8.744  1.00 30.22 ? 72  GLN A CD    1 
ATOM 864  O OE1   . GLN B 2 51 ? -8.045  -2.944  -9.983  1.00 14.76 ? 72  GLN A OE1   1 
ATOM 865  N NE2   . GLN B 2 51 ? -9.016  -2.631  -7.945  1.00 32.46 ? 72  GLN A NE2   1 
ATOM 866  N N     . TYR B 2 52 ? -5.019  -1.574  -5.994  1.00 31.23 ? 73  TYR A N     1 
ATOM 867  C CA    . TYR B 2 52 ? -4.443  -0.292  -6.420  1.00 32.51 ? 73  TYR A CA    1 
ATOM 868  C C     . TYR B 2 52 ? -2.932  -0.221  -6.392  1.00 29.05 ? 73  TYR A C     1 
ATOM 869  O O     . TYR B 2 52 ? -2.327  0.118   -7.406  1.00 42.76 ? 73  TYR A O     1 
ATOM 870  C CB    . TYR B 2 52 ? -5.005  0.900   -5.631  1.00 23.97 ? 73  TYR A CB    1 
ATOM 871  C CG    . TYR B 2 52 ? -5.722  1.930   -6.469  1.00 20.09 ? 73  TYR A CG    1 
ATOM 872  C CD1   . TYR B 2 52 ? -6.819  1.575   -7.239  1.00 31.28 ? 73  TYR A CD1   1 
ATOM 873  C CD2   . TYR B 2 52 ? -5.339  3.256   -6.466  1.00 25.26 ? 73  TYR A CD2   1 
ATOM 874  C CE1   . TYR B 2 52 ? -7.526  2.512   -7.990  1.00 28.31 ? 73  TYR A CE1   1 
ATOM 875  C CE2   . TYR B 2 52 ? -6.045  4.212   -7.218  1.00 28.11 ? 73  TYR A CE2   1 
ATOM 876  C CZ    . TYR B 2 52 ? -7.140  3.824   -7.982  1.00 26.15 ? 73  TYR A CZ    1 
ATOM 877  O OH    . TYR B 2 52 ? -7.853  4.721   -8.768  1.00 29.58 ? 73  TYR A OH    1 
ATOM 878  N N     . MET B 2 53 ? -2.307  -0.543  -5.265  1.00 19.54 ? 74  MET A N     1 
ATOM 879  C CA    . MET B 2 53 ? -0.868  -0.422  -5.216  1.00 15.99 ? 74  MET A CA    1 
ATOM 880  C C     . MET B 2 53 ? -0.190  -1.340  -6.146  1.00 22.97 ? 74  MET A C     1 
ATOM 881  O O     . MET B 2 53 ? 0.784   -0.931  -6.736  1.00 44.27 ? 74  MET A O     1 
ATOM 882  C CB    . MET B 2 53 ? -0.318  -0.516  -3.821  1.00 28.08 ? 74  MET A CB    1 
ATOM 883  C CG    . MET B 2 53 ? -0.783  0.666   -2.981  1.00 36.14 ? 74  MET A CG    1 
ATOM 884  S SD    . MET B 2 53 ? -1.306  2.028   -4.032  1.00 21.30 ? 74  MET A SD    1 
ATOM 885  C CE    . MET B 2 53 ? -2.985  2.201   -3.546  1.00 20.06 ? 74  MET A CE    1 
ATOM 886  N N     . ARG B 2 54 ? -0.700  -2.557  -6.327  1.00 29.34 ? 75  ARG A N     1 
ATOM 887  C CA    . ARG B 2 54 ? -0.110  -3.483  -7.309  1.00 32.50 ? 75  ARG A CA    1 
ATOM 888  C C     . ARG B 2 54 ? -0.356  -2.829  -8.694  1.00 42.93 ? 75  ARG A C     1 
ATOM 889  O O     . ARG B 2 54 ? 0.584   -2.586  -9.456  1.00 50.76 ? 75  ARG A O     1 
ATOM 890  C CB    . ARG B 2 54 ? -0.788  -4.853  -7.231  1.00 29.80 ? 75  ARG A CB    1 
ATOM 891  C CG    . ARG B 2 54 ? -0.708  -5.678  -8.515  1.00 35.35 ? 75  ARG A CG    1 
ATOM 892  C CD    . ARG B 2 54 ? -1.588  -6.936  -8.428  1.00 39.95 ? 75  ARG A CD    1 
ATOM 893  N NE    . ARG B 2 54 ? -1.695  -7.673  -9.694  1.00 44.36 ? 75  ARG A NE    1 
ATOM 894  C CZ    . ARG B 2 54 ? -2.841  -8.120  -10.223 1.00 50.55 ? 75  ARG A CZ    1 
ATOM 895  N NH1   . ARG B 2 54 ? -4.011  -7.915  -9.619  1.00 47.08 ? 75  ARG A NH1   1 
ATOM 896  N NH2   . ARG B 2 54 ? -2.823  -8.798  -11.362 1.00 58.40 ? 75  ARG A NH2   1 
ATOM 897  N N     . ARG B 2 55 ? -1.624  -2.511  -8.965  1.00 45.81 ? 76  ARG A N     1 
ATOM 898  C CA    . ARG B 2 55 ? -2.102  -1.843  -10.185 1.00 42.64 ? 76  ARG A CA    1 
ATOM 899  C C     . ARG B 2 55 ? -1.179  -0.657  -10.451 1.00 43.54 ? 76  ARG A C     1 
ATOM 900  O O     . ARG B 2 55 ? -0.126  -0.817  -11.070 1.00 55.90 ? 76  ARG A O     1 
ATOM 901  C CB    . ARG B 2 55 ? -3.540  -1.346  -9.922  1.00 48.34 ? 76  ARG A CB    1 
ATOM 902  C CG    . ARG B 2 55 ? -4.341  -0.614  -11.019 1.00 41.03 ? 76  ARG A CG    1 
ATOM 903  C CD    . ARG B 2 55 ? -5.671  -0.156  -10.376 1.00 42.38 ? 76  ARG A CD    1 
ATOM 904  N NE    . ARG B 2 55 ? -6.898  -0.498  -11.109 1.00 43.62 ? 76  ARG A NE    1 
ATOM 905  C CZ    . ARG B 2 55 ? -8.141  -0.308  -10.645 1.00 40.43 ? 76  ARG A CZ    1 
ATOM 906  N NH1   . ARG B 2 55 ? -8.351  0.199   -9.442  1.00 34.50 ? 76  ARG A NH1   1 
ATOM 907  N NH2   . ARG B 2 55 ? -9.193  -0.573  -11.405 1.00 36.22 ? 76  ARG A NH2   1 
ATOM 908  N N     . LYS B 2 56 ? -1.535  0.501   -9.904  1.00 40.82 ? 77  LYS A N     1 
ATOM 909  C CA    . LYS B 2 56 ? -0.763  1.734   -10.060 1.00 37.25 ? 77  LYS A CA    1 
ATOM 910  C C     . LYS B 2 56 ? 0.753   1.550   -10.049 1.00 35.46 ? 77  LYS A C     1 
ATOM 911  O O     . LYS B 2 56 ? 1.435   2.067   -10.930 1.00 47.07 ? 77  LYS A O     1 
ATOM 912  C CB    . LYS B 2 56 ? -1.152  2.731   -8.972  1.00 39.25 ? 77  LYS A CB    1 
ATOM 913  C CG    . LYS B 2 56 ? -0.555  4.121   -9.118  1.00 21.87 ? 77  LYS A CG    1 
ATOM 914  C CD    . LYS B 2 56 ? -0.999  5.023   -7.962  1.00 24.55 ? 77  LYS A CD    1 
ATOM 915  C CE    . LYS B 2 56 ? -2.484  4.844   -7.623  1.00 14.47 ? 77  LYS A CE    1 
ATOM 916  N NZ    . LYS B 2 56 ? -3.391  5.133   -8.765  1.00 19.86 ? 77  LYS A NZ    1 
ATOM 917  N N     . ASN B 2 57 ? 1.288   0.807   -9.090  1.00 23.46 ? 78  ASN A N     1 
ATOM 918  C CA    . ASN B 2 57 ? 2.725   0.617   -9.062  1.00 34.72 ? 78  ASN A CA    1 
ATOM 919  C C     . ASN B 2 57 ? 3.315   -0.147  -10.258 1.00 45.04 ? 78  ASN A C     1 
ATOM 920  O O     . ASN B 2 57 ? 3.998   0.460   -11.111 1.00 41.79 ? 78  ASN A O     1 
ATOM 921  C CB    . ASN B 2 57 ? 3.181   -0.069  -7.779  1.00 36.09 ? 78  ASN A CB    1 
ATOM 922  C CG    . ASN B 2 57 ? 3.846   0.877   -6.806  1.00 23.55 ? 78  ASN A CG    1 
ATOM 923  O OD1   . ASN B 2 57 ? 4.733   1.623   -7.161  1.00 22.80 ? 78  ASN A OD1   1 
ATOM 924  N ND2   . ASN B 2 57 ? 3.444   0.807   -5.559  1.00 29.16 ? 78  ASN A ND2   1 
ATOM 925  N N     . HIS B 2 58 ? 3.072   -1.462  -10.318 1.00 45.45 ? 79  HIS A N     1 
ATOM 926  C CA    . HIS B 2 58 ? 3.641   -2.309  -11.386 1.00 42.62 ? 79  HIS A CA    1 
ATOM 927  C C     . HIS B 2 58 ? 3.852   -1.543  -12.672 1.00 36.80 ? 79  HIS A C     1 
ATOM 928  O O     . HIS B 2 58 ? 4.973   -1.459  -13.165 1.00 29.81 ? 79  HIS A O     1 
ATOM 929  C CB    . HIS B 2 58 ? 2.783   -3.541  -11.684 1.00 47.85 ? 79  HIS A CB    1 
ATOM 930  C CG    . HIS B 2 58 ? 3.330   -4.391  -12.792 1.00 54.92 ? 79  HIS A CG    1 
ATOM 931  N ND1   . HIS B 2 58 ? 2.525   -5.076  -13.680 1.00 60.48 ? 79  HIS A ND1   1 
ATOM 932  C CD2   . HIS B 2 58 ? 4.606   -4.642  -13.175 1.00 58.51 ? 79  HIS A CD2   1 
ATOM 933  C CE1   . HIS B 2 58 ? 3.278   -5.706  -14.563 1.00 55.56 ? 79  HIS A CE1   1 
ATOM 934  N NE2   . HIS B 2 58 ? 4.546   -5.460  -14.278 1.00 60.75 ? 79  HIS A NE2   1 
ATOM 935  N N     . THR B 2 59 ? 2.767   -0.944  -13.162 1.00 31.28 ? 80  THR A N     1 
ATOM 936  C CA    . THR B 2 59 ? 2.794   -0.161  -14.381 1.00 27.04 ? 80  THR A CA    1 
ATOM 937  C C     . THR B 2 59 ? 3.833   0.868   -14.120 1.00 30.79 ? 80  THR A C     1 
ATOM 938  O O     . THR B 2 59 ? 4.965   0.712   -14.542 1.00 37.19 ? 80  THR A O     1 
ATOM 939  C CB    . THR B 2 59 ? 1.434   0.600   -14.668 1.00 31.68 ? 80  THR A CB    1 
ATOM 940  O OG1   . THR B 2 59 ? 0.553   -0.210  -15.470 1.00 27.51 ? 80  THR A OG1   1 
ATOM 941  C CG2   . THR B 2 59 ? 1.688   1.940   -15.363 1.00 8.27  ? 80  THR A CG2   1 
ATOM 942  N N     . HIS B 2 60 ? 3.487   1.827   -13.274 1.00 35.71 ? 81  HIS A N     1 
ATOM 943  C CA    . HIS B 2 60 ? 4.383   2.927   -13.006 1.00 39.31 ? 81  HIS A CA    1 
ATOM 944  C C     . HIS B 2 60 ? 5.886   2.619   -12.930 1.00 36.71 ? 81  HIS A C     1 
ATOM 945  O O     . HIS B 2 60 ? 6.700   3.414   -13.417 1.00 40.69 ? 81  HIS A O     1 
ATOM 946  C CB    . HIS B 2 60 ? 3.918   3.740   -11.804 1.00 37.50 ? 81  HIS A CB    1 
ATOM 947  C CG    . HIS B 2 60 ? 4.899   4.788   -11.405 1.00 39.65 ? 81  HIS A CG    1 
ATOM 948  N ND1   . HIS B 2 60 ? 4.875   6.068   -11.911 1.00 39.36 ? 81  HIS A ND1   1 
ATOM 949  C CD2   . HIS B 2 60 ? 6.013   4.703   -10.645 1.00 26.89 ? 81  HIS A CD2   1 
ATOM 950  C CE1   . HIS B 2 60 ? 5.937   6.723   -11.487 1.00 43.47 ? 81  HIS A CE1   1 
ATOM 951  N NE2   . HIS B 2 60 ? 6.644   5.917   -10.713 1.00 37.04 ? 81  HIS A NE2   1 
ATOM 952  N N     . GLN B 2 61 ? 6.286   1.507   -12.326 1.00 26.75 ? 82  GLN A N     1 
ATOM 953  C CA    . GLN B 2 61 ? 7.720   1.259   -12.299 1.00 26.69 ? 82  GLN A CA    1 
ATOM 954  C C     . GLN B 2 61 ? 8.136   0.924   -13.736 1.00 22.48 ? 82  GLN A C     1 
ATOM 955  O O     . GLN B 2 61 ? 9.153   1.419   -14.194 1.00 35.44 ? 82  GLN A O     1 
ATOM 956  C CB    . GLN B 2 61 ? 8.109   0.142   -11.323 1.00 31.89 ? 82  GLN A CB    1 
ATOM 957  C CG    . GLN B 2 61 ? 7.460   0.214   -9.924  1.00 32.55 ? 82  GLN A CG    1 
ATOM 958  C CD    . GLN B 2 61 ? 8.141   1.180   -8.948  1.00 30.16 ? 82  GLN A CD    1 
ATOM 959  O OE1   . GLN B 2 61 ? 9.361   1.175   -8.777  1.00 21.24 ? 82  GLN A OE1   1 
ATOM 960  N NE2   . GLN B 2 61 ? 7.343   1.990   -8.281  1.00 20.81 ? 82  GLN A NE2   1 
ATOM 961  N N     . GLN B 2 62 ? 7.321   0.146   -14.460 1.00 24.01 ? 83  GLN A N     1 
ATOM 962  C CA    . GLN B 2 62 ? 7.591   -0.242  -15.870 1.00 24.92 ? 83  GLN A CA    1 
ATOM 963  C C     . GLN B 2 62 ? 7.732   1.001   -16.759 1.00 31.07 ? 83  GLN A C     1 
ATOM 964  O O     . GLN B 2 62 ? 8.505   1.012   -17.732 1.00 16.18 ? 83  GLN A O     1 
ATOM 965  C CB    . GLN B 2 62 ? 6.467   -1.123  -16.421 1.00 17.24 ? 83  GLN A CB    1 
ATOM 966  C CG    . GLN B 2 62 ? 6.789   -1.778  -17.738 1.00 27.86 ? 83  GLN A CG    1 
ATOM 967  C CD    . GLN B 2 62 ? 7.081   -3.291  -17.632 1.00 38.47 ? 83  GLN A CD    1 
ATOM 968  O OE1   . GLN B 2 62 ? 8.033   -3.739  -16.966 1.00 29.90 ? 83  GLN A OE1   1 
ATOM 969  N NE2   . GLN B 2 62 ? 6.275   -4.078  -18.337 1.00 37.25 ? 83  GLN A NE2   1 
ATOM 970  N N     . ASP B 2 63 ? 6.954   2.032   -16.421 1.00 34.19 ? 84  ASP A N     1 
ATOM 971  C CA    . ASP B 2 63 ? 6.994   3.316   -17.113 1.00 27.41 ? 84  ASP A CA    1 
ATOM 972  C C     . ASP B 2 63 ? 8.277   4.052   -16.724 1.00 27.36 ? 84  ASP A C     1 
ATOM 973  O O     . ASP B 2 63 ? 8.621   5.038   -17.338 1.00 31.47 ? 84  ASP A O     1 
ATOM 974  C CB    . ASP B 2 63 ? 5.736   4.173   -16.833 1.00 31.53 ? 84  ASP A CB    1 
ATOM 975  C CG    . ASP B 2 63 ? 4.602   3.942   -17.874 1.00 38.42 ? 84  ASP A CG    1 
ATOM 976  O OD1   . ASP B 2 63 ? 4.738   2.994   -18.694 1.00 36.71 ? 84  ASP A OD1   1 
ATOM 977  O OD2   . ASP B 2 63 ? 3.586   4.705   -17.869 1.00 20.53 ? 84  ASP A OD2   1 
ATOM 978  N N     . ILE B 2 64 ? 8.946   3.636   -15.651 1.00 33.45 ? 85  ILE A N     1 
ATOM 979  C CA    . ILE B 2 64 ? 10.246  4.250   -15.318 1.00 31.52 ? 85  ILE A CA    1 
ATOM 980  C C     . ILE B 2 64 ? 11.118  3.558   -16.376 1.00 40.29 ? 85  ILE A C     1 
ATOM 981  O O     . ILE B 2 64 ? 11.977  4.178   -17.026 1.00 49.12 ? 85  ILE A O     1 
ATOM 982  C CB    . ILE B 2 64 ? 10.797  3.866   -13.872 1.00 21.18 ? 85  ILE A CB    1 
ATOM 983  C CG1   . ILE B 2 64 ? 11.734  4.950   -13.344 1.00 21.20 ? 85  ILE A CG1   1 
ATOM 984  C CG2   . ILE B 2 64 ? 11.689  2.655   -13.917 1.00 2.00  ? 85  ILE A CG2   1 
ATOM 985  C CD1   . ILE B 2 64 ? 12.275  4.671   -11.921 1.00 13.23 ? 85  ILE A CD1   1 
ATOM 986  N N     . ASP B 2 65 ? 10.792  2.292   -16.621 1.00 26.52 ? 86  ASP A N     1 
ATOM 987  C CA    . ASP B 2 65 ? 11.516  1.487   -17.572 1.00 37.86 ? 86  ASP A CA    1 
ATOM 988  C C     . ASP B 2 65 ? 11.279  1.827   -19.043 1.00 41.30 ? 86  ASP A C     1 
ATOM 989  O O     . ASP B 2 65 ? 12.099  1.498   -19.901 1.00 47.51 ? 86  ASP A O     1 
ATOM 990  C CB    . ASP B 2 65 ? 11.266  0.036   -17.241 1.00 38.22 ? 86  ASP A CB    1 
ATOM 991  C CG    . ASP B 2 65 ? 11.472  -0.233  -15.772 1.00 38.29 ? 86  ASP A CG    1 
ATOM 992  O OD1   . ASP B 2 65 ? 12.533  0.183   -15.246 1.00 35.65 ? 86  ASP A OD1   1 
ATOM 993  O OD2   . ASP B 2 65 ? 10.567  -0.813  -15.136 1.00 39.98 ? 86  ASP A OD2   1 
ATOM 994  N N     . ASP B 2 66 ? 10.160  2.461   -19.356 1.00 43.93 ? 87  ASP A N     1 
ATOM 995  C CA    . ASP B 2 66 ? 9.955   2.878   -20.741 1.00 47.55 ? 87  ASP A CA    1 
ATOM 996  C C     . ASP B 2 66 ? 10.655  4.229   -20.814 1.00 48.32 ? 87  ASP A C     1 
ATOM 997  O O     . ASP B 2 66 ? 10.803  4.822   -21.889 1.00 59.12 ? 87  ASP A O     1 
ATOM 998  C CB    . ASP B 2 66 ? 8.476   3.042   -21.101 1.00 46.30 ? 87  ASP A CB    1 
ATOM 999  C CG    . ASP B 2 66 ? 8.120   2.389   -22.422 1.00 38.54 ? 87  ASP A CG    1 
ATOM 1000 O OD1   . ASP B 2 66 ? 9.015   1.806   -23.090 1.00 17.88 ? 87  ASP A OD1   1 
ATOM 1001 O OD2   . ASP B 2 66 ? 6.918   2.439   -22.760 1.00 43.02 ? 87  ASP A OD2   1 
ATOM 1002 N N     . LEU B 2 67 ? 10.980  4.771   -19.647 1.00 34.73 ? 88  LEU A N     1 
ATOM 1003 C CA    . LEU B 2 67 ? 11.702  6.004   -19.626 1.00 26.16 ? 88  LEU A CA    1 
ATOM 1004 C C     . LEU B 2 67 ? 13.106  5.505   -19.846 1.00 27.31 ? 88  LEU A C     1 
ATOM 1005 O O     . LEU B 2 67 ? 13.930  6.205   -20.414 1.00 42.18 ? 88  LEU A O     1 
ATOM 1006 C CB    . LEU B 2 67 ? 11.541  6.727   -18.297 1.00 25.83 ? 88  LEU A CB    1 
ATOM 1007 C CG    . LEU B 2 67 ? 10.446  7.818   -18.276 1.00 32.54 ? 88  LEU A CG    1 
ATOM 1008 C CD1   . LEU B 2 67 ? 9.067   7.258   -18.640 1.00 5.56  ? 88  LEU A CD1   1 
ATOM 1009 C CD2   . LEU B 2 67 ? 10.406  8.557   -16.924 1.00 25.06 ? 88  LEU A CD2   1 
ATOM 1010 N N     . LYS B 2 68 ? 13.355  4.252   -19.486 1.00 24.15 ? 89  LYS A N     1 
ATOM 1011 C CA    . LYS B 2 68 ? 14.687  3.664   -19.691 1.00 41.41 ? 89  LYS A CA    1 
ATOM 1012 C C     . LYS B 2 68 ? 14.958  3.574   -21.186 1.00 35.01 ? 89  LYS A C     1 
ATOM 1013 O O     . LYS B 2 68 ? 15.888  4.217   -21.683 1.00 42.79 ? 89  LYS A O     1 
ATOM 1014 C CB    . LYS B 2 68 ? 14.806  2.265   -19.036 1.00 46.65 ? 89  LYS A CB    1 
ATOM 1015 C CG    . LYS B 2 68 ? 16.205  1.616   -19.046 1.00 36.85 ? 89  LYS A CG    1 
ATOM 1016 C CD    . LYS B 2 68 ? 16.521  0.928   -20.364 1.00 27.29 ? 89  LYS A CD    1 
ATOM 1017 C CE    . LYS B 2 68 ? 17.924  1.315   -20.872 1.00 32.25 ? 89  LYS A CE    1 
ATOM 1018 N NZ    . LYS B 2 68 ? 18.722  2.195   -19.952 1.00 14.06 ? 89  LYS A NZ    1 
ATOM 1019 N N     . ARG B 2 69 ? 14.166  2.763   -21.890 1.00 25.31 ? 90  ARG A N     1 
ATOM 1020 C CA    . ARG B 2 69 ? 14.329  2.625   -23.329 1.00 30.52 ? 90  ARG A CA    1 
ATOM 1021 C C     . ARG B 2 69 ? 14.182  4.003   -24.002 1.00 34.40 ? 90  ARG A C     1 
ATOM 1022 O O     . ARG B 2 69 ? 14.811  4.265   -25.036 1.00 27.72 ? 90  ARG A O     1 
ATOM 1023 C CB    . ARG B 2 69 ? 13.337  1.603   -23.913 1.00 32.59 ? 90  ARG A CB    1 
ATOM 1024 C CG    . ARG B 2 69 ? 12.755  2.000   -25.292 1.00 40.75 ? 90  ARG A CG    1 
ATOM 1025 C CD    . ARG B 2 69 ? 12.497  0.830   -26.221 1.00 34.00 ? 90  ARG A CD    1 
ATOM 1026 N NE    . ARG B 2 69 ? 13.622  0.629   -27.122 1.00 35.53 ? 90  ARG A NE    1 
ATOM 1027 C CZ    . ARG B 2 69 ? 14.755  0.022   -26.777 1.00 39.26 ? 90  ARG A CZ    1 
ATOM 1028 N NH1   . ARG B 2 69 ? 14.923  -0.448  -25.549 1.00 37.75 ? 90  ARG A NH1   1 
ATOM 1029 N NH2   . ARG B 2 69 ? 15.719  -0.135  -27.672 1.00 48.08 ? 90  ARG A NH2   1 
ATOM 1030 N N     . GLN B 2 70 ? 13.376  4.885   -23.408 1.00 35.28 ? 91  GLN A N     1 
ATOM 1031 C CA    . GLN B 2 70 ? 13.200  6.223   -23.960 1.00 44.54 ? 91  GLN A CA    1 
ATOM 1032 C C     . GLN B 2 70 ? 14.604  6.797   -24.027 1.00 40.92 ? 91  GLN A C     1 
ATOM 1033 O O     . GLN B 2 70 ? 15.027  7.267   -25.079 1.00 47.20 ? 91  GLN A O     1 
ATOM 1034 C CB    . GLN B 2 70 ? 12.306  7.095   -23.066 1.00 46.95 ? 91  GLN A CB    1 
ATOM 1035 C CG    . GLN B 2 70 ? 11.912  8.448   -23.686 1.00 53.45 ? 91  GLN A CG    1 
ATOM 1036 C CD    . GLN B 2 70 ? 12.763  9.628   -23.199 1.00 58.68 ? 91  GLN A CD    1 
ATOM 1037 O OE1   . GLN B 2 70 ? 12.237  10.579  -22.599 1.00 62.78 ? 91  GLN A OE1   1 
ATOM 1038 N NE2   . GLN B 2 70 ? 14.065  9.602   -23.502 1.00 50.92 ? 91  GLN A NE2   1 
ATOM 1039 N N     . ASN B 2 71 ? 15.332  6.702   -22.913 1.00 43.43 ? 92  ASN A N     1 
ATOM 1040 C CA    . ASN B 2 71 ? 16.715  7.176   -22.827 1.00 41.65 ? 92  ASN A CA    1 
ATOM 1041 C C     . ASN B 2 71 ? 17.684  6.263   -23.595 1.00 35.94 ? 92  ASN A C     1 
ATOM 1042 O O     . ASN B 2 71 ? 18.873  6.567   -23.709 1.00 39.70 ? 92  ASN A O     1 
ATOM 1043 C CB    . ASN B 2 71 ? 17.161  7.379   -21.367 1.00 37.68 ? 92  ASN A CB    1 
ATOM 1044 C CG    . ASN B 2 71 ? 16.969  8.825   -20.888 1.00 35.65 ? 92  ASN A CG    1 
ATOM 1045 O OD1   . ASN B 2 71 ? 16.390  9.661   -21.595 1.00 37.47 ? 92  ASN A OD1   1 
ATOM 1046 N ND2   . ASN B 2 71 ? 17.476  9.128   -19.697 1.00 22.36 ? 92  ASN A ND2   1 
ATOM 1047 N N     . ALA B 2 72 ? 17.176  5.150   -24.128 1.00 34.31 ? 93  ALA A N     1 
ATOM 1048 C CA    . ALA B 2 72 ? 18.000  4.260   -24.957 1.00 39.82 ? 93  ALA A CA    1 
ATOM 1049 C C     . ALA B 2 72 ? 18.064  4.924   -26.334 1.00 38.56 ? 93  ALA A C     1 
ATOM 1050 O O     . ALA B 2 72 ? 19.147  5.118   -26.890 1.00 34.46 ? 93  ALA A O     1 
ATOM 1051 C CB    . ALA B 2 72 ? 17.382  2.860   -25.078 1.00 29.83 ? 93  ALA A CB    1 
ATOM 1052 N N     . LEU B 2 73 ? 16.902  5.303   -26.873 1.00 38.68 ? 94  LEU A N     1 
ATOM 1053 C CA    . LEU B 2 73 ? 16.867  5.956   -28.178 1.00 33.36 ? 94  LEU A CA    1 
ATOM 1054 C C     . LEU B 2 73 ? 17.769  7.146   -27.985 1.00 34.06 ? 94  LEU A C     1 
ATOM 1055 O O     . LEU B 2 73 ? 18.585  7.467   -28.841 1.00 42.49 ? 94  LEU A O     1 
ATOM 1056 C CB    . LEU B 2 73 ? 15.446  6.402   -28.576 1.00 19.58 ? 94  LEU A CB    1 
ATOM 1057 C CG    . LEU B 2 73 ? 14.925  7.843   -28.417 1.00 28.81 ? 94  LEU A CG    1 
ATOM 1058 C CD1   . LEU B 2 73 ? 15.730  8.926   -29.185 1.00 16.29 ? 94  LEU A CD1   1 
ATOM 1059 C CD2   . LEU B 2 73 ? 13.492  7.863   -28.908 1.00 34.57 ? 94  LEU A CD2   1 
ATOM 1060 N N     . LEU B 2 74 ? 17.656  7.775   -26.824 1.00 41.45 ? 95  LEU A N     1 
ATOM 1061 C CA    . LEU B 2 74 ? 18.492  8.922   -26.542 1.00 47.84 ? 95  LEU A CA    1 
ATOM 1062 C C     . LEU B 2 74 ? 19.934  8.492   -26.726 1.00 52.27 ? 95  LEU A C     1 
ATOM 1063 O O     . LEU B 2 74 ? 20.721  9.230   -27.321 1.00 59.49 ? 95  LEU A O     1 
ATOM 1064 C CB    . LEU B 2 74 ? 18.271  9.472   -25.137 1.00 31.91 ? 95  LEU A CB    1 
ATOM 1065 C CG    . LEU B 2 74 ? 19.007  10.805  -25.116 1.00 21.51 ? 95  LEU A CG    1 
ATOM 1066 C CD1   . LEU B 2 74 ? 18.137  11.866  -24.501 1.00 11.37 ? 95  LEU A CD1   1 
ATOM 1067 C CD2   . LEU B 2 74 ? 20.346  10.646  -24.450 1.00 9.21  ? 95  LEU A CD2   1 
ATOM 1068 N N     . GLU B 2 75 ? 20.269  7.299   -26.238 1.00 53.72 ? 96  GLU A N     1 
ATOM 1069 C CA    . GLU B 2 75 ? 21.623  6.779   -26.397 1.00 57.66 ? 96  GLU A CA    1 
ATOM 1070 C C     . GLU B 2 75 ? 22.003  6.901   -27.877 1.00 57.00 ? 96  GLU A C     1 
ATOM 1071 O O     . GLU B 2 75 ? 22.964  7.593   -28.227 1.00 49.65 ? 96  GLU A O     1 
ATOM 1072 C CB    . GLU B 2 75 ? 21.708  5.300   -26.031 1.00 55.34 ? 96  GLU A CB    1 
ATOM 1073 C CG    . GLU B 2 75 ? 21.725  4.920   -24.586 1.00 48.43 ? 96  GLU A CG    1 
ATOM 1074 C CD    . GLU B 2 75 ? 21.936  3.418   -24.456 1.00 56.33 ? 96  GLU A CD    1 
ATOM 1075 O OE1   . GLU B 2 75 ? 21.059  2.655   -24.943 1.00 52.23 ? 96  GLU A OE1   1 
ATOM 1076 O OE2   . GLU B 2 75 ? 22.996  3.006   -23.921 1.00 49.65 ? 96  GLU A OE2   1 
ATOM 1077 N N     . GLN B 2 76 ? 21.244  6.222   -28.737 1.00 50.58 ? 97  GLN A N     1 
ATOM 1078 C CA    . GLN B 2 76 ? 21.505  6.256   -30.172 1.00 54.98 ? 97  GLN A CA    1 
ATOM 1079 C C     . GLN B 2 76 ? 21.739  7.721   -30.568 1.00 52.02 ? 97  GLN A C     1 
ATOM 1080 O O     . GLN B 2 76 ? 22.774  8.062   -31.148 1.00 53.62 ? 97  GLN A O     1 
ATOM 1081 C CB    . GLN B 2 76 ? 20.303  5.699   -30.962 1.00 61.16 ? 97  GLN A CB    1 
ATOM 1082 C CG    . GLN B 2 76 ? 19.826  4.287   -30.584 1.00 68.34 ? 97  GLN A CG    1 
ATOM 1083 C CD    . GLN B 2 76 ? 20.562  3.176   -31.332 1.00 74.98 ? 97  GLN A CD    1 
ATOM 1084 O OE1   . GLN B 2 76 ? 21.110  3.388   -32.418 1.00 75.31 ? 97  GLN A OE1   1 
ATOM 1085 N NE2   . GLN B 2 76 ? 20.561  1.977   -30.754 1.00 72.11 ? 97  GLN A NE2   1 
ATOM 1086 N N     . GLN B 2 77 ? 20.821  8.591   -30.152 1.00 39.23 ? 98  GLN A N     1 
ATOM 1087 C CA    . GLN B 2 77 ? 20.895  10.005  -30.460 1.00 32.30 ? 98  GLN A CA    1 
ATOM 1088 C C     . GLN B 2 77 ? 22.298  10.508  -30.127 1.00 38.98 ? 98  GLN A C     1 
ATOM 1089 O O     . GLN B 2 77 ? 22.941  11.170  -30.948 1.00 45.34 ? 98  GLN A O     1 
ATOM 1090 C CB    . GLN B 2 77 ? 19.836  10.751  -29.655 1.00 26.94 ? 98  GLN A CB    1 
ATOM 1091 C CG    . GLN B 2 77 ? 19.116  11.850  -30.413 1.00 30.55 ? 98  GLN A CG    1 
ATOM 1092 C CD    . GLN B 2 77 ? 19.827  13.188  -30.316 1.00 34.07 ? 98  GLN A CD    1 
ATOM 1093 O OE1   . GLN B 2 77 ? 20.889  13.289  -29.689 1.00 31.66 ? 98  GLN A OE1   1 
ATOM 1094 N NE2   . GLN B 2 77 ? 19.249  14.227  -30.940 1.00 31.31 ? 98  GLN A NE2   1 
ATOM 1095 N N     . VAL B 2 78 ? 22.805  10.084  -28.973 1.00 44.95 ? 99  VAL A N     1 
ATOM 1096 C CA    . VAL B 2 78 ? 24.140  10.464  -28.497 1.00 45.47 ? 99  VAL A CA    1 
ATOM 1097 C C     . VAL B 2 78 ? 25.215  9.810   -29.348 1.00 43.77 ? 99  VAL A C     1 
ATOM 1098 O O     . VAL B 2 78 ? 26.230  10.432  -29.670 1.00 27.60 ? 99  VAL A O     1 
ATOM 1099 C CB    . VAL B 2 78 ? 24.329  10.073  -26.990 1.00 56.56 ? 99  VAL A CB    1 
ATOM 1100 C CG1   . VAL B 2 78 ? 25.418  8.967   -26.797 1.00 43.61 ? 99  VAL A CG1   1 
ATOM 1101 C CG2   . VAL B 2 78 ? 24.610  11.336  -26.154 1.00 57.72 ? 99  VAL A CG2   1 
ATOM 1102 N N     . ARG B 2 79 ? 24.962  8.555   -29.712 1.00 52.21 ? 100 ARG A N     1 
ATOM 1103 C CA    . ARG B 2 79 ? 25.870  7.764   -30.540 1.00 60.47 ? 100 ARG A CA    1 
ATOM 1104 C C     . ARG B 2 79 ? 26.051  8.478   -31.911 1.00 57.84 ? 100 ARG A C     1 
ATOM 1105 O O     . ARG B 2 79 ? 27.068  8.314   -32.597 1.00 62.21 ? 100 ARG A O     1 
ATOM 1106 C CB    . ARG B 2 79 ? 25.326  6.314   -30.695 1.00 60.27 ? 100 ARG A CB    1 
ATOM 1107 C CG    . ARG B 2 79 ? 25.728  5.291   -29.572 1.00 64.49 ? 100 ARG A CG    1 
ATOM 1108 C CD    . ARG B 2 79 ? 25.074  5.560   -28.180 1.00 74.67 ? 100 ARG A CD    1 
ATOM 1109 N NE    . ARG B 2 79 ? 25.484  4.652   -27.083 1.00 68.18 ? 100 ARG A NE    1 
ATOM 1110 C CZ    . ARG B 2 79 ? 24.752  3.635   -26.608 1.00 62.75 ? 100 ARG A CZ    1 
ATOM 1111 N NH1   . ARG B 2 79 ? 23.561  3.354   -27.113 1.00 62.29 ? 100 ARG A NH1   1 
ATOM 1112 N NH2   . ARG B 2 79 ? 25.202  2.891   -25.611 1.00 55.80 ? 100 ARG A NH2   1 
ATOM 1113 N N     . ALA B 2 80 ? 25.070  9.290   -32.291 1.00 49.22 ? 101 ALA A N     1 
ATOM 1114 C CA    . ALA B 2 80 ? 25.141  10.029  -33.538 1.00 40.64 ? 101 ALA A CA    1 
ATOM 1115 C C     . ALA B 2 80 ? 25.822  11.371  -33.265 1.00 48.38 ? 101 ALA A C     1 
ATOM 1116 O O     . ALA B 2 80 ? 26.933  11.579  -33.749 1.00 57.20 ? 101 ALA A O     1 
ATOM 1117 C CB    . ALA B 2 80 ? 23.744  10.237  -34.107 1.00 48.32 ? 101 ALA A CB    1 
ATOM 1118 N N     . LEU B 2 81 ? 25.145  12.253  -32.500 1.00 46.06 ? 102 LEU A N     1 
ATOM 1119 C CA    . LEU B 2 81 ? 25.600  13.599  -32.080 1.00 16.40 ? 102 LEU A CA    1 
ATOM 1120 C C     . LEU B 2 81 ? 26.863  14.203  -32.636 1.00 32.57 ? 102 LEU A C     1 
ATOM 1121 O O     . LEU B 2 81 ? 26.816  15.279  -33.220 1.00 42.42 ? 102 LEU A O     1 
ATOM 1122 C CB    . LEU B 2 81 ? 25.788  13.660  -30.567 1.00 27.76 ? 102 LEU A CB    1 
ATOM 1123 C CG    . LEU B 2 81 ? 26.829  14.665  -29.987 1.00 7.96  ? 102 LEU A CG    1 
ATOM 1124 C CD1   . LEU B 2 81 ? 26.446  16.081  -30.325 1.00 2.00  ? 102 LEU A CD1   1 
ATOM 1125 C CD2   . LEU B 2 81 ? 26.936  14.538  -28.469 1.00 12.16 ? 102 LEU A CD2   1 
ATOM 1126 N N     . GLU B 2 82 ? 28.001  13.608  -32.267 1.00 37.07 ? 103 GLU A N     1 
ATOM 1127 C CA    . GLU B 2 82 ? 29.331  14.095  -32.656 1.00 43.31 ? 103 GLU A CA    1 
ATOM 1128 C C     . GLU B 2 82 ? 30.326  12.937  -32.629 1.00 41.85 ? 103 GLU A C     1 
ATOM 1129 O O     . GLU B 2 82 ? 30.077  11.918  -31.984 1.00 53.95 ? 103 GLU A O     1 
ATOM 1130 C CB    . GLU B 2 82 ? 29.798  15.079  -31.577 1.00 47.18 ? 103 GLU A CB    1 
ATOM 1131 C CG    . GLU B 2 82 ? 30.104  14.358  -30.237 1.00 42.72 ? 103 GLU A CG    1 
ATOM 1132 C CD    . GLU B 2 82 ? 30.054  15.245  -28.994 1.00 47.18 ? 103 GLU A CD    1 
ATOM 1133 O OE1   . GLU B 2 82 ? 29.519  16.370  -29.048 1.00 41.92 ? 103 GLU A OE1   1 
ATOM 1134 O OE2   . GLU B 2 82 ? 30.537  14.795  -27.934 1.00 47.12 ? 103 GLU A OE2   1 
ATOM 1135 N N     . LYS B 2 83 ? 31.465  13.084  -33.297 1.00 37.42 ? 104 LYS A N     1 
ATOM 1136 C CA    . LYS B 2 83 ? 32.484  12.029  -33.206 1.00 41.38 ? 104 LYS A CA    1 
ATOM 1137 C C     . LYS B 2 83 ? 33.753  12.621  -32.573 1.00 39.02 ? 104 LYS A C     1 
ATOM 1138 O O     . LYS B 2 83 ? 34.673  11.881  -32.213 1.00 34.04 ? 104 LYS A O     1 
ATOM 1139 C CB    . LYS B 2 83 ? 32.777  11.316  -34.559 1.00 34.31 ? 104 LYS A CB    1 
ATOM 1140 C CG    . LYS B 2 83 ? 33.037  12.232  -35.779 1.00 44.68 ? 104 LYS A CG    1 
ATOM 1141 C CD    . LYS B 2 83 ? 34.056  11.643  -36.797 1.00 40.36 ? 104 LYS A CD    1 
ATOM 1142 C CE    . LYS B 2 83 ? 33.563  10.405  -37.585 1.00 41.26 ? 104 LYS A CE    1 
ATOM 1143 N NZ    . LYS B 2 83 ? 34.636  9.781   -38.466 1.00 12.66 ? 104 LYS A NZ    1 
ATOM 1144 N N     . ALA B 2 84 ? 33.745  13.943  -32.346 1.00 42.22 ? 105 ALA A N     1 
ATOM 1145 C CA    . ALA B 2 84 ? 34.898  14.667  -31.769 1.00 37.89 ? 105 ALA A CA    1 
ATOM 1146 C C     . ALA B 2 84 ? 34.592  15.804  -30.787 1.00 31.63 ? 105 ALA A C     1 
ATOM 1147 O O     . ALA B 2 84 ? 35.517  16.357  -30.189 1.00 33.71 ? 105 ALA A O     1 
ATOM 1148 C CB    . ALA B 2 84 ? 35.801  15.206  -32.893 1.00 27.68 ? 105 ALA A CB    1 
ATOM 1149 N N     . ARG B 2 85 ? 33.320  16.171  -30.639 1.00 37.90 ? 106 ARG A N     1 
ATOM 1150 C CA    . ARG B 2 85 ? 32.930  17.257  -29.725 1.00 42.66 ? 106 ARG A CA    1 
ATOM 1151 C C     . ARG B 2 85 ? 32.682  16.846  -28.253 1.00 46.66 ? 106 ARG A C     1 
ATOM 1152 O O     . ARG B 2 85 ? 33.396  15.998  -27.713 1.00 48.53 ? 106 ARG A O     1 
ATOM 1153 C CB    . ARG B 2 85 ? 31.724  18.006  -30.301 1.00 36.57 ? 106 ARG A CB    1 
ATOM 1154 C CG    . ARG B 2 85 ? 32.071  19.377  -30.872 1.00 37.81 ? 106 ARG A CG    1 
ATOM 1155 C CD    . ARG B 2 85 ? 32.525  20.328  -29.784 1.00 27.33 ? 106 ARG A CD    1 
ATOM 1156 N NE    . ARG B 2 85 ? 33.397  21.359  -30.324 1.00 25.47 ? 106 ARG A NE    1 
ATOM 1157 C CZ    . ARG B 2 85 ? 32.984  22.502  -30.864 1.00 29.72 ? 106 ARG A CZ    1 
ATOM 1158 N NH1   . ARG B 2 85 ? 31.696  22.801  -30.957 1.00 33.04 ? 106 ARG A NH1   1 
ATOM 1159 N NH2   . ARG B 2 85 ? 33.873  23.368  -31.306 1.00 36.30 ? 106 ARG A NH2   1 
ATOM 1160 N N     . SER B 2 86 ? 31.672  17.446  -27.612 1.00 54.18 ? 107 SER A N     1 
ATOM 1161 C CA    . SER B 2 86 ? 31.323  17.153  -26.209 1.00 50.53 ? 107 SER A CA    1 
ATOM 1162 C C     . SER B 2 86 ? 29.917  17.664  -25.871 1.00 49.06 ? 107 SER A C     1 
ATOM 1163 O O     . SER B 2 86 ? 28.986  17.312  -26.635 1.00 38.61 ? 107 SER A O     1 
ATOM 1164 C CB    . SER B 2 86 ? 32.360  17.752  -25.224 1.00 51.68 ? 107 SER A CB    1 
ATOM 1165 O OG    . SER B 2 86 ? 32.350  19.175  -25.200 1.00 33.84 ? 107 SER A OG    1 
# 
